data_6P3P
# 
_entry.id   6P3P 
# 
_audit_conform.dict_name       mmcif_pdbx.dic 
_audit_conform.dict_version    5.380 
_audit_conform.dict_location   http://mmcif.pdb.org/dictionaries/ascii/mmcif_pdbx.dic 
# 
loop_
_database_2.database_id 
_database_2.database_code 
_database_2.pdbx_database_accession 
_database_2.pdbx_DOI 
PDB   6P3P         pdb_00006p3p 10.2210/pdb6p3p/pdb 
WWPDB D_1000241825 ?            ?                   
# 
_pdbx_database_status.status_code                     REL 
_pdbx_database_status.status_code_sf                  REL 
_pdbx_database_status.status_code_mr                  ? 
_pdbx_database_status.entry_id                        6P3P 
_pdbx_database_status.recvd_initial_deposition_date   2019-05-24 
_pdbx_database_status.SG_entry                        N 
_pdbx_database_status.deposit_site                    RCSB 
_pdbx_database_status.process_site                    RCSB 
_pdbx_database_status.status_code_cs                  ? 
_pdbx_database_status.methods_development_category    ? 
_pdbx_database_status.pdb_format_compatible           Y 
_pdbx_database_status.status_code_nmr_data            ? 
# 
loop_
_audit_author.name 
_audit_author.pdbx_ordinal 
_audit_author.identifier_ORCID 
'Toms, A.V.'  1 0000-0001-8414-0681 
'Follows, B.' 2 0000-0002-0263-2496 
# 
_citation.abstract                  ? 
_citation.abstract_id_CAS           ? 
_citation.book_id_ISBN              ? 
_citation.book_publisher            ? 
_citation.book_publisher_city       ? 
_citation.book_title                ? 
_citation.coordinate_linkage        ? 
_citation.country                   UK 
_citation.database_id_Medline       ? 
_citation.details                   ? 
_citation.id                        primary 
_citation.journal_abbrev            Bioorg.Med.Chem.Lett. 
_citation.journal_id_ASTM           BMCLE8 
_citation.journal_id_CSD            1127 
_citation.journal_id_ISSN           1464-3405 
_citation.journal_full              ? 
_citation.journal_issue             ? 
_citation.journal_volume            29 
_citation.language                  ? 
_citation.page_first                2375 
_citation.page_last                 2382 
_citation.title                     'Discovery of novel biaryl sulfonamide based Mcl-1 inhibitors.' 
_citation.year                      2019 
_citation.database_id_CSD           ? 
_citation.pdbx_database_id_DOI      10.1016/j.bmcl.2019.06.008 
_citation.pdbx_database_id_PubMed   31235261 
_citation.unpublished_flag          ? 
# 
loop_
_citation_author.citation_id 
_citation_author.name 
_citation_author.ordinal 
_citation_author.identifier_ORCID 
primary 'Follows, B.'    1  ? 
primary 'Fessler, S.'    2  ? 
primary 'Baumeister, T.' 3  ? 
primary 'Campbell, A.M.' 4  ? 
primary 'Zablocki, M.M.' 5  ? 
primary 'Li, H.'         6  ? 
primary 'Gotur, D.'      7  ? 
primary 'Wang, Z.'       8  ? 
primary 'Zheng, X.'      9  ? 
primary 'Molz, L.'       10 ? 
primary 'Nguyen, C.'     11 ? 
primary 'Herbertz, T.'   12 ? 
primary 'Wang, L.'       13 ? 
primary 'Bair, K.'       14 ? 
# 
_cell.angle_alpha                  90.00 
_cell.angle_alpha_esd              ? 
_cell.angle_beta                   108.50 
_cell.angle_beta_esd               ? 
_cell.angle_gamma                  90.00 
_cell.angle_gamma_esd              ? 
_cell.entry_id                     6P3P 
_cell.details                      ? 
_cell.formula_units_Z              ? 
_cell.length_a                     38.229 
_cell.length_a_esd                 ? 
_cell.length_b                     48.245 
_cell.length_b_esd                 ? 
_cell.length_c                     40.707 
_cell.length_c_esd                 ? 
_cell.volume                       ? 
_cell.volume_esd                   ? 
_cell.Z_PDB                        2 
_cell.reciprocal_angle_alpha       ? 
_cell.reciprocal_angle_beta        ? 
_cell.reciprocal_angle_gamma       ? 
_cell.reciprocal_angle_alpha_esd   ? 
_cell.reciprocal_angle_beta_esd    ? 
_cell.reciprocal_angle_gamma_esd   ? 
_cell.reciprocal_length_a          ? 
_cell.reciprocal_length_b          ? 
_cell.reciprocal_length_c          ? 
_cell.reciprocal_length_a_esd      ? 
_cell.reciprocal_length_b_esd      ? 
_cell.reciprocal_length_c_esd      ? 
_cell.pdbx_unique_axis             ? 
# 
_symmetry.entry_id                         6P3P 
_symmetry.cell_setting                     ? 
_symmetry.Int_Tables_number                4 
_symmetry.space_group_name_Hall            ? 
_symmetry.space_group_name_H-M             'P 1 21 1' 
_symmetry.pdbx_full_space_group_name_H-M   ? 
# 
loop_
_entity.id 
_entity.type 
_entity.src_method 
_entity.pdbx_description 
_entity.formula_weight 
_entity.pdbx_number_of_molecules 
_entity.pdbx_ec 
_entity.pdbx_mutation 
_entity.pdbx_fragment 
_entity.details 
1 polymer     man 'Induced myeloid leukemia cell differentiation protein Mcl-1'                                                 
17880.307 1  ? E171S ? ? 
2 non-polymer syn 'methyl N-(5-{[2-chloro-5-(trifluoromethyl)phenyl]sulfamoyl}-4-methylthiophene-2-carbonyl)-D-phenylalaninate' 
560.994   1  ? ?     ? ? 
3 water       nat water                                                                                                         
18.015    99 ? ?     ? ? 
# 
_entity_name_com.entity_id   1 
_entity_name_com.name        'Bcl-2-like protein 3,Bcl2-L-3,Bcl-2-related protein EAT/mcl1,mcl1/EAT' 
# 
_entity_poly.entity_id                      1 
_entity_poly.type                           'polypeptide(L)' 
_entity_poly.nstd_linkage                   no 
_entity_poly.nstd_monomer                   no 
_entity_poly.pdbx_seq_one_letter_code       
;SDELYRQSLEIISRYLREQATGAKDTKPMGRSGATSRKALETLRRVGDGVQRNHETAFQGMLRKLDIKNEDDVKSLSRVM
IHVFSDGVTNWGRIVTLISFGAFVAKHLKTINQESCIEPLAESITDVLVRTKRDWLVKQRGWDGFVEFFHVEDLEGG
;
_entity_poly.pdbx_seq_one_letter_code_can   
;SDELYRQSLEIISRYLREQATGAKDTKPMGRSGATSRKALETLRRVGDGVQRNHETAFQGMLRKLDIKNEDDVKSLSRVM
IHVFSDGVTNWGRIVTLISFGAFVAKHLKTINQESCIEPLAESITDVLVRTKRDWLVKQRGWDGFVEFFHVEDLEGG
;
_entity_poly.pdbx_strand_id                 A 
_entity_poly.pdbx_target_identifier         ? 
# 
loop_
_entity_poly_seq.entity_id 
_entity_poly_seq.num 
_entity_poly_seq.mon_id 
_entity_poly_seq.hetero 
1 1   SER n 
1 2   ASP n 
1 3   GLU n 
1 4   LEU n 
1 5   TYR n 
1 6   ARG n 
1 7   GLN n 
1 8   SER n 
1 9   LEU n 
1 10  GLU n 
1 11  ILE n 
1 12  ILE n 
1 13  SER n 
1 14  ARG n 
1 15  TYR n 
1 16  LEU n 
1 17  ARG n 
1 18  GLU n 
1 19  GLN n 
1 20  ALA n 
1 21  THR n 
1 22  GLY n 
1 23  ALA n 
1 24  LYS n 
1 25  ASP n 
1 26  THR n 
1 27  LYS n 
1 28  PRO n 
1 29  MET n 
1 30  GLY n 
1 31  ARG n 
1 32  SER n 
1 33  GLY n 
1 34  ALA n 
1 35  THR n 
1 36  SER n 
1 37  ARG n 
1 38  LYS n 
1 39  ALA n 
1 40  LEU n 
1 41  GLU n 
1 42  THR n 
1 43  LEU n 
1 44  ARG n 
1 45  ARG n 
1 46  VAL n 
1 47  GLY n 
1 48  ASP n 
1 49  GLY n 
1 50  VAL n 
1 51  GLN n 
1 52  ARG n 
1 53  ASN n 
1 54  HIS n 
1 55  GLU n 
1 56  THR n 
1 57  ALA n 
1 58  PHE n 
1 59  GLN n 
1 60  GLY n 
1 61  MET n 
1 62  LEU n 
1 63  ARG n 
1 64  LYS n 
1 65  LEU n 
1 66  ASP n 
1 67  ILE n 
1 68  LYS n 
1 69  ASN n 
1 70  GLU n 
1 71  ASP n 
1 72  ASP n 
1 73  VAL n 
1 74  LYS n 
1 75  SER n 
1 76  LEU n 
1 77  SER n 
1 78  ARG n 
1 79  VAL n 
1 80  MET n 
1 81  ILE n 
1 82  HIS n 
1 83  VAL n 
1 84  PHE n 
1 85  SER n 
1 86  ASP n 
1 87  GLY n 
1 88  VAL n 
1 89  THR n 
1 90  ASN n 
1 91  TRP n 
1 92  GLY n 
1 93  ARG n 
1 94  ILE n 
1 95  VAL n 
1 96  THR n 
1 97  LEU n 
1 98  ILE n 
1 99  SER n 
1 100 PHE n 
1 101 GLY n 
1 102 ALA n 
1 103 PHE n 
1 104 VAL n 
1 105 ALA n 
1 106 LYS n 
1 107 HIS n 
1 108 LEU n 
1 109 LYS n 
1 110 THR n 
1 111 ILE n 
1 112 ASN n 
1 113 GLN n 
1 114 GLU n 
1 115 SER n 
1 116 CYS n 
1 117 ILE n 
1 118 GLU n 
1 119 PRO n 
1 120 LEU n 
1 121 ALA n 
1 122 GLU n 
1 123 SER n 
1 124 ILE n 
1 125 THR n 
1 126 ASP n 
1 127 VAL n 
1 128 LEU n 
1 129 VAL n 
1 130 ARG n 
1 131 THR n 
1 132 LYS n 
1 133 ARG n 
1 134 ASP n 
1 135 TRP n 
1 136 LEU n 
1 137 VAL n 
1 138 LYS n 
1 139 GLN n 
1 140 ARG n 
1 141 GLY n 
1 142 TRP n 
1 143 ASP n 
1 144 GLY n 
1 145 PHE n 
1 146 VAL n 
1 147 GLU n 
1 148 PHE n 
1 149 PHE n 
1 150 HIS n 
1 151 VAL n 
1 152 GLU n 
1 153 ASP n 
1 154 LEU n 
1 155 GLU n 
1 156 GLY n 
1 157 GLY n 
# 
_entity_src_gen.entity_id                          1 
_entity_src_gen.pdbx_src_id                        1 
_entity_src_gen.pdbx_alt_source_flag               sample 
_entity_src_gen.pdbx_seq_type                      'Biological sequence' 
_entity_src_gen.pdbx_beg_seq_num                   1 
_entity_src_gen.pdbx_end_seq_num                   157 
_entity_src_gen.gene_src_common_name               Human 
_entity_src_gen.gene_src_genus                     ? 
_entity_src_gen.pdbx_gene_src_gene                 'MCL1, BCL2L3' 
_entity_src_gen.gene_src_species                   ? 
_entity_src_gen.gene_src_strain                    ? 
_entity_src_gen.gene_src_tissue                    ? 
_entity_src_gen.gene_src_tissue_fraction           ? 
_entity_src_gen.gene_src_details                   ? 
_entity_src_gen.pdbx_gene_src_fragment             ? 
_entity_src_gen.pdbx_gene_src_scientific_name      'Homo sapiens' 
_entity_src_gen.pdbx_gene_src_ncbi_taxonomy_id     9606 
_entity_src_gen.pdbx_gene_src_variant              ? 
_entity_src_gen.pdbx_gene_src_cell_line            ? 
_entity_src_gen.pdbx_gene_src_atcc                 ? 
_entity_src_gen.pdbx_gene_src_organ                ? 
_entity_src_gen.pdbx_gene_src_organelle            ? 
_entity_src_gen.pdbx_gene_src_cell                 ? 
_entity_src_gen.pdbx_gene_src_cellular_location    ? 
_entity_src_gen.host_org_common_name               ? 
_entity_src_gen.pdbx_host_org_scientific_name      'Escherichia coli BL21(DE3)' 
_entity_src_gen.pdbx_host_org_ncbi_taxonomy_id     469008 
_entity_src_gen.host_org_genus                     ? 
_entity_src_gen.pdbx_host_org_gene                 ? 
_entity_src_gen.pdbx_host_org_organ                ? 
_entity_src_gen.host_org_species                   ? 
_entity_src_gen.pdbx_host_org_tissue               ? 
_entity_src_gen.pdbx_host_org_tissue_fraction      ? 
_entity_src_gen.pdbx_host_org_strain               ? 
_entity_src_gen.pdbx_host_org_variant              ? 
_entity_src_gen.pdbx_host_org_cell_line            ? 
_entity_src_gen.pdbx_host_org_atcc                 ? 
_entity_src_gen.pdbx_host_org_culture_collection   ? 
_entity_src_gen.pdbx_host_org_cell                 ? 
_entity_src_gen.pdbx_host_org_organelle            ? 
_entity_src_gen.pdbx_host_org_cellular_location    ? 
_entity_src_gen.pdbx_host_org_vector_type          ? 
_entity_src_gen.pdbx_host_org_vector               ? 
_entity_src_gen.host_org_details                   ? 
_entity_src_gen.expression_system_id               ? 
_entity_src_gen.plasmid_name                       ? 
_entity_src_gen.plasmid_details                    ? 
_entity_src_gen.pdbx_description                   ? 
# 
_struct_ref.id                         1 
_struct_ref.db_name                    UNP 
_struct_ref.db_code                    MCL1_HUMAN 
_struct_ref.pdbx_db_accession          Q07820 
_struct_ref.pdbx_db_isoform            ? 
_struct_ref.entity_id                  1 
_struct_ref.pdbx_seq_one_letter_code   
;EDELYRQSLEIISRYLREQATGAKDTKPMGRSGATSRKALETLRRVGDGVQRNHETAFQGMLRKLDIKNEDDVKSLSRVM
IHVFSDGVTNWGRIVTLISFGAFVAKHLKTINQESCIEPLAESITDVLVRTKRDWLVKQRGWDGFVEFFHVEDLEGG
;
_struct_ref.pdbx_align_begin           171 
# 
_struct_ref_seq.align_id                      1 
_struct_ref_seq.ref_id                        1 
_struct_ref_seq.pdbx_PDB_id_code              6P3P 
_struct_ref_seq.pdbx_strand_id                A 
_struct_ref_seq.seq_align_beg                 1 
_struct_ref_seq.pdbx_seq_align_beg_ins_code   ? 
_struct_ref_seq.seq_align_end                 157 
_struct_ref_seq.pdbx_seq_align_end_ins_code   ? 
_struct_ref_seq.pdbx_db_accession             Q07820 
_struct_ref_seq.db_align_beg                  171 
_struct_ref_seq.pdbx_db_align_beg_ins_code    ? 
_struct_ref_seq.db_align_end                  327 
_struct_ref_seq.pdbx_db_align_end_ins_code    ? 
_struct_ref_seq.pdbx_auth_seq_align_beg       171 
_struct_ref_seq.pdbx_auth_seq_align_end       327 
# 
_struct_ref_seq_dif.align_id                     1 
_struct_ref_seq_dif.pdbx_pdb_id_code             6P3P 
_struct_ref_seq_dif.mon_id                       SER 
_struct_ref_seq_dif.pdbx_pdb_strand_id           A 
_struct_ref_seq_dif.seq_num                      1 
_struct_ref_seq_dif.pdbx_pdb_ins_code            ? 
_struct_ref_seq_dif.pdbx_seq_db_name             UNP 
_struct_ref_seq_dif.pdbx_seq_db_accession_code   Q07820 
_struct_ref_seq_dif.db_mon_id                    GLU 
_struct_ref_seq_dif.pdbx_seq_db_seq_num          171 
_struct_ref_seq_dif.details                      'engineered mutation' 
_struct_ref_seq_dif.pdbx_auth_seq_num            171 
_struct_ref_seq_dif.pdbx_ordinal                 1 
# 
loop_
_chem_comp.id 
_chem_comp.type 
_chem_comp.mon_nstd_flag 
_chem_comp.name 
_chem_comp.pdbx_synonyms 
_chem_comp.formula 
_chem_comp.formula_weight 
ALA 'L-peptide linking' y ALANINE ? 'C3 H7 N O2'             89.093  
ARG 'L-peptide linking' y ARGININE ? 'C6 H15 N4 O2 1'         175.209 
ASN 'L-peptide linking' y ASPARAGINE ? 'C4 H8 N2 O3'            132.118 
ASP 'L-peptide linking' y 'ASPARTIC ACID' ? 'C4 H7 N O4'             133.103 
CYS 'L-peptide linking' y CYSTEINE ? 'C3 H7 N O2 S'           121.158 
GLN 'L-peptide linking' y GLUTAMINE ? 'C5 H10 N2 O3'           146.144 
GLU 'L-peptide linking' y 'GLUTAMIC ACID' ? 'C5 H9 N O4'             147.129 
GLY 'peptide linking'   y GLYCINE ? 'C2 H5 N O2'             75.067  
HIS 'L-peptide linking' y HISTIDINE ? 'C6 H10 N3 O2 1'         156.162 
HOH non-polymer         . WATER ? 'H2 O'                   18.015  
ILE 'L-peptide linking' y ISOLEUCINE ? 'C6 H13 N O2'            131.173 
LEU 'L-peptide linking' y LEUCINE ? 'C6 H13 N O2'            131.173 
LYS 'L-peptide linking' y LYSINE ? 'C6 H15 N2 O2 1'         147.195 
MET 'L-peptide linking' y METHIONINE ? 'C5 H11 N O2 S'          149.211 
NQJ non-polymer         . 
'methyl N-(5-{[2-chloro-5-(trifluoromethyl)phenyl]sulfamoyl}-4-methylthiophene-2-carbonyl)-D-phenylalaninate' ? 
'C23 H20 Cl F3 N2 O5 S2' 560.994 
PHE 'L-peptide linking' y PHENYLALANINE ? 'C9 H11 N O2'            165.189 
PRO 'L-peptide linking' y PROLINE ? 'C5 H9 N O2'             115.130 
SER 'L-peptide linking' y SERINE ? 'C3 H7 N O3'             105.093 
THR 'L-peptide linking' y THREONINE ? 'C4 H9 N O3'             119.119 
TRP 'L-peptide linking' y TRYPTOPHAN ? 'C11 H12 N2 O2'          204.225 
TYR 'L-peptide linking' y TYROSINE ? 'C9 H11 N O3'            181.189 
VAL 'L-peptide linking' y VALINE ? 'C5 H11 N O2'            117.146 
# 
_exptl.absorpt_coefficient_mu     ? 
_exptl.absorpt_correction_T_max   ? 
_exptl.absorpt_correction_T_min   ? 
_exptl.absorpt_correction_type    ? 
_exptl.absorpt_process_details    ? 
_exptl.entry_id                   6P3P 
_exptl.crystals_number            1 
_exptl.details                    ? 
_exptl.method                     'X-RAY DIFFRACTION' 
_exptl.method_details             ? 
# 
_exptl_crystal.colour                      ? 
_exptl_crystal.density_diffrn              ? 
_exptl_crystal.density_Matthews            1.99 
_exptl_crystal.density_method              ? 
_exptl_crystal.density_percent_sol         38.22 
_exptl_crystal.description                 ? 
_exptl_crystal.F_000                       ? 
_exptl_crystal.id                          1 
_exptl_crystal.preparation                 ? 
_exptl_crystal.size_max                    ? 
_exptl_crystal.size_mid                    ? 
_exptl_crystal.size_min                    ? 
_exptl_crystal.size_rad                    ? 
_exptl_crystal.colour_lustre               ? 
_exptl_crystal.colour_modifier             ? 
_exptl_crystal.colour_primary              ? 
_exptl_crystal.density_meas                ? 
_exptl_crystal.density_meas_esd            ? 
_exptl_crystal.density_meas_gt             ? 
_exptl_crystal.density_meas_lt             ? 
_exptl_crystal.density_meas_temp           ? 
_exptl_crystal.density_meas_temp_esd       ? 
_exptl_crystal.density_meas_temp_gt        ? 
_exptl_crystal.density_meas_temp_lt        ? 
_exptl_crystal.pdbx_crystal_image_url      ? 
_exptl_crystal.pdbx_crystal_image_format   ? 
_exptl_crystal.pdbx_mosaicity              ? 
_exptl_crystal.pdbx_mosaicity_esd          ? 
# 
_exptl_crystal_grow.apparatus       ? 
_exptl_crystal_grow.atmosphere      ? 
_exptl_crystal_grow.crystal_id      1 
_exptl_crystal_grow.details         ? 
_exptl_crystal_grow.method          'VAPOR DIFFUSION, SITTING DROP' 
_exptl_crystal_grow.method_ref      ? 
_exptl_crystal_grow.pH              8.5 
_exptl_crystal_grow.pressure        ? 
_exptl_crystal_grow.pressure_esd    ? 
_exptl_crystal_grow.seeding         ? 
_exptl_crystal_grow.seeding_ref     ? 
_exptl_crystal_grow.temp            277 
_exptl_crystal_grow.temp_details    ? 
_exptl_crystal_grow.temp_esd        ? 
_exptl_crystal_grow.time            ? 
_exptl_crystal_grow.pdbx_details    '100 mM Bicine pH 8.5, 35% PEG 1500 and 10% ethanol' 
_exptl_crystal_grow.pdbx_pH_range   ? 
# 
_diffrn.ambient_environment              ? 
_diffrn.ambient_temp                     100 
_diffrn.ambient_temp_details             ? 
_diffrn.ambient_temp_esd                 ? 
_diffrn.crystal_id                       1 
_diffrn.crystal_support                  ? 
_diffrn.crystal_treatment                ? 
_diffrn.details                          ? 
_diffrn.id                               1 
_diffrn.ambient_pressure                 ? 
_diffrn.ambient_pressure_esd             ? 
_diffrn.ambient_pressure_gt              ? 
_diffrn.ambient_pressure_lt              ? 
_diffrn.ambient_temp_gt                  ? 
_diffrn.ambient_temp_lt                  ? 
_diffrn.pdbx_serial_crystal_experiment   N 
# 
_diffrn_detector.details                      ? 
_diffrn_detector.detector                     CCD 
_diffrn_detector.diffrn_id                    1 
_diffrn_detector.type                         'ADSC QUANTUM 315r' 
_diffrn_detector.area_resol_mean              ? 
_diffrn_detector.dtime                        ? 
_diffrn_detector.pdbx_frames_total            ? 
_diffrn_detector.pdbx_collection_time_total   ? 
_diffrn_detector.pdbx_collection_date         2011-06-17 
_diffrn_detector.pdbx_frequency               ? 
# 
_diffrn_radiation.collimation                      ? 
_diffrn_radiation.diffrn_id                        1 
_diffrn_radiation.filter_edge                      ? 
_diffrn_radiation.inhomogeneity                    ? 
_diffrn_radiation.monochromator                    ? 
_diffrn_radiation.polarisn_norm                    ? 
_diffrn_radiation.polarisn_ratio                   ? 
_diffrn_radiation.probe                            ? 
_diffrn_radiation.type                             ? 
_diffrn_radiation.xray_symbol                      ? 
_diffrn_radiation.wavelength_id                    1 
_diffrn_radiation.pdbx_monochromatic_or_laue_m_l   M 
_diffrn_radiation.pdbx_wavelength_list             ? 
_diffrn_radiation.pdbx_wavelength                  ? 
_diffrn_radiation.pdbx_diffrn_protocol             'SINGLE WAVELENGTH' 
_diffrn_radiation.pdbx_analyzer                    ? 
_diffrn_radiation.pdbx_scattering_type             x-ray 
# 
_diffrn_radiation_wavelength.id           1 
_diffrn_radiation_wavelength.wavelength   1.075 
_diffrn_radiation_wavelength.wt           1.0 
# 
_diffrn_source.current                     ? 
_diffrn_source.details                     ? 
_diffrn_source.diffrn_id                   1 
_diffrn_source.power                       ? 
_diffrn_source.size                        ? 
_diffrn_source.source                      SYNCHROTRON 
_diffrn_source.target                      ? 
_diffrn_source.type                        'NSLS BEAMLINE X29A' 
_diffrn_source.voltage                     ? 
_diffrn_source.take-off_angle              ? 
_diffrn_source.pdbx_wavelength_list        1.075 
_diffrn_source.pdbx_wavelength             ? 
_diffrn_source.pdbx_synchrotron_beamline   X29A 
_diffrn_source.pdbx_synchrotron_site       NSLS 
# 
_reflns.B_iso_Wilson_estimate            ? 
_reflns.entry_id                         6P3P 
_reflns.data_reduction_details           ? 
_reflns.data_reduction_method            ? 
_reflns.d_resolution_high                1.61 
_reflns.d_resolution_low                 50 
_reflns.details                          ? 
_reflns.limit_h_max                      ? 
_reflns.limit_h_min                      ? 
_reflns.limit_k_max                      ? 
_reflns.limit_k_min                      ? 
_reflns.limit_l_max                      ? 
_reflns.limit_l_min                      ? 
_reflns.number_all                       ? 
_reflns.number_obs                       17834 
_reflns.observed_criterion               ? 
_reflns.observed_criterion_F_max         ? 
_reflns.observed_criterion_F_min         ? 
_reflns.observed_criterion_I_max         ? 
_reflns.observed_criterion_I_min         ? 
_reflns.observed_criterion_sigma_F       ? 
_reflns.observed_criterion_sigma_I       ? 
_reflns.percent_possible_obs             99 
_reflns.R_free_details                   ? 
_reflns.Rmerge_F_all                     ? 
_reflns.Rmerge_F_obs                     ? 
_reflns.Friedel_coverage                 ? 
_reflns.number_gt                        ? 
_reflns.threshold_expression             ? 
_reflns.pdbx_redundancy                  3.5 
_reflns.pdbx_Rmerge_I_obs                ? 
_reflns.pdbx_Rmerge_I_all                ? 
_reflns.pdbx_Rsym_value                  0.058 
_reflns.pdbx_netI_over_av_sigmaI         ? 
_reflns.pdbx_netI_over_sigmaI            18.9 
_reflns.pdbx_res_netI_over_av_sigmaI_2   ? 
_reflns.pdbx_res_netI_over_sigmaI_2      ? 
_reflns.pdbx_chi_squared                 ? 
_reflns.pdbx_scaling_rejects             ? 
_reflns.pdbx_d_res_high_opt              ? 
_reflns.pdbx_d_res_low_opt               ? 
_reflns.pdbx_d_res_opt_method            ? 
_reflns.phase_calculation_details        ? 
_reflns.pdbx_Rrim_I_all                  ? 
_reflns.pdbx_Rpim_I_all                  ? 
_reflns.pdbx_d_opt                       ? 
_reflns.pdbx_number_measured_all         ? 
_reflns.pdbx_diffrn_id                   1 
_reflns.pdbx_ordinal                     1 
_reflns.pdbx_CC_half                     0.991 
_reflns.pdbx_R_split                     ? 
# 
_reflns_shell.d_res_high                  1.61 
_reflns_shell.d_res_low                   1.67 
_reflns_shell.meanI_over_sigI_all         ? 
_reflns_shell.meanI_over_sigI_obs         2.2 
_reflns_shell.number_measured_all         ? 
_reflns_shell.number_measured_obs         ? 
_reflns_shell.number_possible             ? 
_reflns_shell.number_unique_all           ? 
_reflns_shell.number_unique_obs           1118 
_reflns_shell.percent_possible_all        99 
_reflns_shell.percent_possible_obs        ? 
_reflns_shell.Rmerge_F_all                ? 
_reflns_shell.Rmerge_F_obs                ? 
_reflns_shell.Rmerge_I_all                ? 
_reflns_shell.Rmerge_I_obs                ? 
_reflns_shell.meanI_over_sigI_gt          ? 
_reflns_shell.meanI_over_uI_all           ? 
_reflns_shell.meanI_over_uI_gt            ? 
_reflns_shell.number_measured_gt          ? 
_reflns_shell.number_unique_gt            ? 
_reflns_shell.percent_possible_gt         ? 
_reflns_shell.Rmerge_F_gt                 ? 
_reflns_shell.Rmerge_I_gt                 ? 
_reflns_shell.pdbx_redundancy             3.2 
_reflns_shell.pdbx_Rsym_value             0.53 
_reflns_shell.pdbx_chi_squared            ? 
_reflns_shell.pdbx_netI_over_sigmaI_all   ? 
_reflns_shell.pdbx_netI_over_sigmaI_obs   ? 
_reflns_shell.pdbx_Rrim_I_all             ? 
_reflns_shell.pdbx_Rpim_I_all             ? 
_reflns_shell.pdbx_rejects                ? 
_reflns_shell.pdbx_ordinal                1 
_reflns_shell.pdbx_diffrn_id              1 
_reflns_shell.pdbx_CC_half                0.734 
_reflns_shell.pdbx_R_split                ? 
# 
_refine.aniso_B[1][1]                            -0.03 
_refine.aniso_B[1][2]                            -0.00 
_refine.aniso_B[1][3]                            0.01 
_refine.aniso_B[2][2]                            0.03 
_refine.aniso_B[2][3]                            -0.00 
_refine.aniso_B[3][3]                            -0.00 
_refine.B_iso_max                                ? 
_refine.B_iso_mean                               23.525 
_refine.B_iso_min                                ? 
_refine.correlation_coeff_Fo_to_Fc               0.959 
_refine.correlation_coeff_Fo_to_Fc_free          0.946 
_refine.details                                  'HYDROGENS HAVE BEEN ADDED IN THE RIDING POSITIONS' 
_refine.diff_density_max                         ? 
_refine.diff_density_max_esd                     ? 
_refine.diff_density_min                         ? 
_refine.diff_density_min_esd                     ? 
_refine.diff_density_rms                         ? 
_refine.diff_density_rms_esd                     ? 
_refine.entry_id                                 6P3P 
_refine.pdbx_refine_id                           'X-RAY DIFFRACTION' 
_refine.ls_abs_structure_details                 ? 
_refine.ls_abs_structure_Flack                   ? 
_refine.ls_abs_structure_Flack_esd               ? 
_refine.ls_abs_structure_Rogers                  ? 
_refine.ls_abs_structure_Rogers_esd              ? 
_refine.ls_d_res_high                            1.61 
_refine.ls_d_res_low                             38.60 
_refine.ls_extinction_coef                       ? 
_refine.ls_extinction_coef_esd                   ? 
_refine.ls_extinction_expression                 ? 
_refine.ls_extinction_method                     ? 
_refine.ls_goodness_of_fit_all                   ? 
_refine.ls_goodness_of_fit_all_esd               ? 
_refine.ls_goodness_of_fit_obs                   ? 
_refine.ls_goodness_of_fit_obs_esd               ? 
_refine.ls_hydrogen_treatment                    ? 
_refine.ls_matrix_type                           ? 
_refine.ls_number_constraints                    ? 
_refine.ls_number_parameters                     ? 
_refine.ls_number_reflns_all                     ? 
_refine.ls_number_reflns_obs                     16917 
_refine.ls_number_reflns_R_free                  907 
_refine.ls_number_reflns_R_work                  ? 
_refine.ls_number_restraints                     ? 
_refine.ls_percent_reflns_obs                    97.16 
_refine.ls_percent_reflns_R_free                 5.1 
_refine.ls_R_factor_all                          ? 
_refine.ls_R_factor_obs                          0.19119 
_refine.ls_R_factor_R_free                       0.21347 
_refine.ls_R_factor_R_free_error                 ? 
_refine.ls_R_factor_R_free_error_details         ? 
_refine.ls_R_factor_R_work                       0.18997 
_refine.ls_R_Fsqd_factor_obs                     ? 
_refine.ls_R_I_factor_obs                        ? 
_refine.ls_redundancy_reflns_all                 ? 
_refine.ls_redundancy_reflns_obs                 ? 
_refine.ls_restrained_S_all                      ? 
_refine.ls_restrained_S_obs                      ? 
_refine.ls_shift_over_esd_max                    ? 
_refine.ls_shift_over_esd_mean                   ? 
_refine.ls_structure_factor_coef                 ? 
_refine.ls_weighting_details                     ? 
_refine.ls_weighting_scheme                      ? 
_refine.ls_wR_factor_all                         ? 
_refine.ls_wR_factor_obs                         ? 
_refine.ls_wR_factor_R_free                      ? 
_refine.ls_wR_factor_R_work                      ? 
_refine.occupancy_max                            ? 
_refine.occupancy_min                            ? 
_refine.solvent_model_details                    ? 
_refine.solvent_model_param_bsol                 ? 
_refine.solvent_model_param_ksol                 ? 
_refine.ls_R_factor_gt                           ? 
_refine.ls_goodness_of_fit_gt                    ? 
_refine.ls_goodness_of_fit_ref                   ? 
_refine.ls_shift_over_su_max                     ? 
_refine.ls_shift_over_su_max_lt                  ? 
_refine.ls_shift_over_su_mean                    ? 
_refine.ls_shift_over_su_mean_lt                 ? 
_refine.pdbx_ls_sigma_I                          ? 
_refine.pdbx_ls_sigma_F                          ? 
_refine.pdbx_ls_sigma_Fsqd                       ? 
_refine.pdbx_data_cutoff_high_absF               ? 
_refine.pdbx_data_cutoff_high_rms_absF           ? 
_refine.pdbx_data_cutoff_low_absF                ? 
_refine.pdbx_isotropic_thermal_model             ? 
_refine.pdbx_ls_cross_valid_method               THROUGHOUT 
_refine.pdbx_method_to_determine_struct          'MOLECULAR REPLACEMENT' 
_refine.pdbx_starting_model                      3mk8 
_refine.pdbx_stereochemistry_target_values       ? 
_refine.pdbx_R_Free_selection_details            RANDOM 
_refine.pdbx_stereochem_target_val_spec_case     ? 
_refine.pdbx_overall_ESU_R                       0.109 
_refine.pdbx_overall_ESU_R_Free                  0.101 
_refine.pdbx_solvent_vdw_probe_radii             1.20 
_refine.pdbx_solvent_ion_probe_radii             0.80 
_refine.pdbx_solvent_shrinkage_radii             0.80 
_refine.pdbx_real_space_R                        ? 
_refine.pdbx_density_correlation                 ? 
_refine.pdbx_pd_number_of_powder_patterns        ? 
_refine.pdbx_pd_number_of_points                 ? 
_refine.pdbx_pd_meas_number_of_points            ? 
_refine.pdbx_pd_proc_ls_prof_R_factor            ? 
_refine.pdbx_pd_proc_ls_prof_wR_factor           ? 
_refine.pdbx_pd_Marquardt_correlation_coeff      ? 
_refine.pdbx_pd_Fsqrd_R_factor                   ? 
_refine.pdbx_pd_ls_matrix_band_width             ? 
_refine.pdbx_overall_phase_error                 ? 
_refine.pdbx_overall_SU_R_free_Cruickshank_DPI   ? 
_refine.pdbx_overall_SU_R_free_Blow_DPI          ? 
_refine.pdbx_overall_SU_R_Blow_DPI               ? 
_refine.pdbx_TLS_residual_ADP_flag               ? 
_refine.pdbx_diffrn_id                           1 
_refine.overall_SU_B                             2.057 
_refine.overall_SU_ML                            0.071 
_refine.overall_SU_R_Cruickshank_DPI             ? 
_refine.overall_SU_R_free                        ? 
_refine.overall_FOM_free_R_set                   ? 
_refine.overall_FOM_work_R_set                   ? 
_refine.pdbx_average_fsc_overall                 ? 
_refine.pdbx_average_fsc_work                    ? 
_refine.pdbx_average_fsc_free                    ? 
# 
_refine_hist.pdbx_refine_id                   'X-RAY DIFFRACTION' 
_refine_hist.cycle_id                         1 
_refine_hist.details                          ? 
_refine_hist.d_res_high                       1.61 
_refine_hist.d_res_low                        38.60 
_refine_hist.number_atoms_solvent             99 
_refine_hist.number_atoms_total               1324 
_refine_hist.number_reflns_all                ? 
_refine_hist.number_reflns_obs                ? 
_refine_hist.number_reflns_R_free             ? 
_refine_hist.number_reflns_R_work             ? 
_refine_hist.R_factor_all                     ? 
_refine_hist.R_factor_obs                     ? 
_refine_hist.R_factor_R_free                  ? 
_refine_hist.R_factor_R_work                  ? 
_refine_hist.pdbx_number_residues_total       ? 
_refine_hist.pdbx_B_iso_mean_ligand           ? 
_refine_hist.pdbx_B_iso_mean_solvent          ? 
_refine_hist.pdbx_number_atoms_protein        1189 
_refine_hist.pdbx_number_atoms_nucleic_acid   0 
_refine_hist.pdbx_number_atoms_ligand         36 
_refine_hist.pdbx_number_atoms_lipid          ? 
_refine_hist.pdbx_number_atoms_carb           ? 
_refine_hist.pdbx_pseudo_atom_details         ? 
# 
loop_
_refine_ls_restr.pdbx_refine_id 
_refine_ls_restr.criterion 
_refine_ls_restr.dev_ideal 
_refine_ls_restr.dev_ideal_target 
_refine_ls_restr.number 
_refine_ls_restr.rejects 
_refine_ls_restr.type 
_refine_ls_restr.weight 
_refine_ls_restr.pdbx_restraint_function 
'X-RAY DIFFRACTION' ? 0.007  0.019  1312 ? r_bond_refined_d             ? ? 
'X-RAY DIFFRACTION' ? 0.001  0.020  1215 ? r_bond_other_d               ? ? 
'X-RAY DIFFRACTION' ? 1.385  1.967  1780 ? r_angle_refined_deg          ? ? 
'X-RAY DIFFRACTION' ? 0.907  3.000  2793 ? r_angle_other_deg            ? ? 
'X-RAY DIFFRACTION' ? 4.098  5.000  161  ? r_dihedral_angle_1_deg       ? ? 
'X-RAY DIFFRACTION' ? 29.632 22.344 64   ? r_dihedral_angle_2_deg       ? ? 
'X-RAY DIFFRACTION' ? 13.816 15.000 232  ? r_dihedral_angle_3_deg       ? ? 
'X-RAY DIFFRACTION' ? 16.780 15.000 16   ? r_dihedral_angle_4_deg       ? ? 
'X-RAY DIFFRACTION' ? 0.065  0.200  192  ? r_chiral_restr               ? ? 
'X-RAY DIFFRACTION' ? 0.005  0.020  1489 ? r_gen_planes_refined         ? ? 
'X-RAY DIFFRACTION' ? 0.002  0.020  306  ? r_gen_planes_other           ? ? 
'X-RAY DIFFRACTION' ? ?      ?      ?    ? r_nbd_refined                ? ? 
'X-RAY DIFFRACTION' ? ?      ?      ?    ? r_nbd_other                  ? ? 
'X-RAY DIFFRACTION' ? ?      ?      ?    ? r_nbtor_refined              ? ? 
'X-RAY DIFFRACTION' ? ?      ?      ?    ? r_nbtor_other                ? ? 
'X-RAY DIFFRACTION' ? ?      ?      ?    ? r_xyhbond_nbd_refined        ? ? 
'X-RAY DIFFRACTION' ? ?      ?      ?    ? r_xyhbond_nbd_other          ? ? 
'X-RAY DIFFRACTION' ? ?      ?      ?    ? r_metal_ion_refined          ? ? 
'X-RAY DIFFRACTION' ? ?      ?      ?    ? r_metal_ion_other            ? ? 
'X-RAY DIFFRACTION' ? ?      ?      ?    ? r_symmetry_vdw_refined       ? ? 
'X-RAY DIFFRACTION' ? ?      ?      ?    ? r_symmetry_vdw_other         ? ? 
'X-RAY DIFFRACTION' ? ?      ?      ?    ? r_symmetry_hbond_refined     ? ? 
'X-RAY DIFFRACTION' ? ?      ?      ?    ? r_symmetry_hbond_other       ? ? 
'X-RAY DIFFRACTION' ? ?      ?      ?    ? r_symmetry_metal_ion_refined ? ? 
'X-RAY DIFFRACTION' ? ?      ?      ?    ? r_symmetry_metal_ion_other   ? ? 
'X-RAY DIFFRACTION' ? 1.144  2.227  626  ? r_mcbond_it                  ? ? 
'X-RAY DIFFRACTION' ? 1.135  2.225  625  ? r_mcbond_other               ? ? 
'X-RAY DIFFRACTION' ? 1.866  3.338  790  ? r_mcangle_it                 ? ? 
'X-RAY DIFFRACTION' ? 1.865  3.340  791  ? r_mcangle_other              ? ? 
'X-RAY DIFFRACTION' ? 1.512  2.453  686  ? r_scbond_it                  ? ? 
'X-RAY DIFFRACTION' ? 1.511  2.453  687  ? r_scbond_other               ? ? 
'X-RAY DIFFRACTION' ? ?      ?      ?    ? r_scangle_it                 ? ? 
'X-RAY DIFFRACTION' ? 2.506  3.603  990  ? r_scangle_other              ? ? 
'X-RAY DIFFRACTION' ? 4.239  27.410 1603 ? r_long_range_B_refined       ? ? 
'X-RAY DIFFRACTION' ? 4.145  27.009 1581 ? r_long_range_B_other         ? ? 
'X-RAY DIFFRACTION' ? ?      ?      ?    ? r_rigid_bond_restr           ? ? 
'X-RAY DIFFRACTION' ? ?      ?      ?    ? r_sphericity_free            ? ? 
'X-RAY DIFFRACTION' ? ?      ?      ?    ? r_sphericity_bonded          ? ? 
# 
_refine_ls_shell.pdbx_refine_id                   'X-RAY DIFFRACTION' 
_refine_ls_shell.d_res_high                       1.609 
_refine_ls_shell.d_res_low                        1.651 
_refine_ls_shell.number_reflns_all                ? 
_refine_ls_shell.number_reflns_obs                ? 
_refine_ls_shell.number_reflns_R_free             64 
_refine_ls_shell.number_reflns_R_work             1118 
_refine_ls_shell.percent_reflns_obs               87.30 
_refine_ls_shell.percent_reflns_R_free            ? 
_refine_ls_shell.R_factor_all                     ? 
_refine_ls_shell.R_factor_obs                     ? 
_refine_ls_shell.R_factor_R_free                  0.308 
_refine_ls_shell.R_factor_R_free_error            ? 
_refine_ls_shell.R_factor_R_work                  0.287 
_refine_ls_shell.redundancy_reflns_all            ? 
_refine_ls_shell.redundancy_reflns_obs            ? 
_refine_ls_shell.wR_factor_all                    ? 
_refine_ls_shell.wR_factor_obs                    ? 
_refine_ls_shell.wR_factor_R_free                 ? 
_refine_ls_shell.wR_factor_R_work                 ? 
_refine_ls_shell.pdbx_total_number_of_bins_used   20 
_refine_ls_shell.pdbx_phase_error                 ? 
_refine_ls_shell.pdbx_fsc_work                    ? 
_refine_ls_shell.pdbx_fsc_free                    ? 
# 
_struct.entry_id                     6P3P 
_struct.title                        'Crystal structure of Mcl-1 in complex with compound 65' 
_struct.pdbx_model_details           ? 
_struct.pdbx_formula_weight          ? 
_struct.pdbx_formula_weight_method   ? 
_struct.pdbx_model_type_details      ? 
_struct.pdbx_CASP_flag               N 
# 
_struct_keywords.entry_id        6P3P 
_struct_keywords.text            'Mcl-1, biaryl sulfonamide inhibitor, APOPTOSIS-APOPTOSIS INHIBITOR complex' 
_struct_keywords.pdbx_keywords   'APOPTOSIS/APOPTOSIS INHIBITOR' 
# 
loop_
_struct_asym.id 
_struct_asym.pdbx_blank_PDB_chainid_flag 
_struct_asym.pdbx_modified 
_struct_asym.entity_id 
_struct_asym.details 
A N N 1 ? 
B N N 2 ? 
C N N 3 ? 
# 
loop_
_struct_conf.conf_type_id 
_struct_conf.id 
_struct_conf.pdbx_PDB_helix_id 
_struct_conf.beg_label_comp_id 
_struct_conf.beg_label_asym_id 
_struct_conf.beg_label_seq_id 
_struct_conf.pdbx_beg_PDB_ins_code 
_struct_conf.end_label_comp_id 
_struct_conf.end_label_asym_id 
_struct_conf.end_label_seq_id 
_struct_conf.pdbx_end_PDB_ins_code 
_struct_conf.beg_auth_comp_id 
_struct_conf.beg_auth_asym_id 
_struct_conf.beg_auth_seq_id 
_struct_conf.end_auth_comp_id 
_struct_conf.end_auth_asym_id 
_struct_conf.end_auth_seq_id 
_struct_conf.pdbx_PDB_helix_class 
_struct_conf.details 
_struct_conf.pdbx_PDB_helix_length 
HELX_P HELX_P1 AA1 ASP A 2   ? GLY A 22  ? ASP A 172 GLY A 192 1 ? 21 
HELX_P HELX_P2 AA2 SER A 32  ? HIS A 54  ? SER A 202 HIS A 224 1 ? 23 
HELX_P HELX_P3 AA3 HIS A 54  ? ASP A 66  ? HIS A 224 ASP A 236 1 ? 13 
HELX_P HELX_P4 AA4 ASN A 69  ? ASP A 86  ? ASN A 239 ASP A 256 1 ? 18 
HELX_P HELX_P5 AA5 ASN A 90  ? ILE A 111 ? ASN A 260 ILE A 281 1 ? 22 
HELX_P HELX_P6 AA6 GLN A 113 ? SER A 115 ? GLN A 283 SER A 285 5 ? 3  
HELX_P HELX_P7 AA7 CYS A 116 ? GLN A 139 ? CYS A 286 GLN A 309 1 ? 24 
HELX_P HELX_P8 AA8 ARG A 140 ? HIS A 150 ? ARG A 310 HIS A 320 1 ? 11 
# 
_struct_conf_type.id          HELX_P 
_struct_conf_type.criteria    ? 
_struct_conf_type.reference   ? 
# 
_struct_site.id                   AC1 
_struct_site.pdbx_evidence_code   Software 
_struct_site.pdbx_auth_asym_id    A 
_struct_site.pdbx_auth_comp_id    NQJ 
_struct_site.pdbx_auth_seq_id     501 
_struct_site.pdbx_auth_ins_code   ? 
_struct_site.pdbx_num_residues    13 
_struct_site.details              'binding site for residue NQJ A 501' 
# 
loop_
_struct_site_gen.id 
_struct_site_gen.site_id 
_struct_site_gen.pdbx_num_res 
_struct_site_gen.label_comp_id 
_struct_site_gen.label_asym_id 
_struct_site_gen.label_seq_id 
_struct_site_gen.pdbx_auth_ins_code 
_struct_site_gen.auth_comp_id 
_struct_site_gen.auth_asym_id 
_struct_site_gen.auth_seq_id 
_struct_site_gen.label_atom_id 
_struct_site_gen.label_alt_id 
_struct_site_gen.symmetry 
_struct_site_gen.details 
1  AC1 13 VAL A 50 ? VAL A 220 . ? 1_555 ? 
2  AC1 13 HIS A 54 ? HIS A 224 . ? 1_555 ? 
3  AC1 13 ALA A 57 ? ALA A 227 . ? 1_555 ? 
4  AC1 13 MET A 80 ? MET A 250 . ? 1_555 ? 
5  AC1 13 PHE A 84 ? PHE A 254 . ? 1_555 ? 
6  AC1 13 ASN A 90 ? ASN A 260 . ? 1_555 ? 
7  AC1 13 GLY A 92 ? GLY A 262 . ? 1_555 ? 
8  AC1 13 ARG A 93 ? ARG A 263 . ? 1_555 ? 
9  AC1 13 THR A 96 ? THR A 266 . ? 1_555 ? 
10 AC1 13 LEU A 97 ? LEU A 267 . ? 1_555 ? 
11 AC1 13 HOH C .  ? HOH A 604 . ? 1_555 ? 
12 AC1 13 HOH C .  ? HOH A 631 . ? 1_555 ? 
13 AC1 13 HOH C .  ? HOH A 634 . ? 1_555 ? 
# 
_atom_sites.entry_id                    6P3P 
_atom_sites.fract_transf_matrix[1][1]   -0.00940774 
_atom_sites.fract_transf_matrix[1][2]   -0.01418675 
_atom_sites.fract_transf_matrix[1][3]   -0.02170534 
_atom_sites.fract_transf_matrix[2][1]   -0.00262578 
_atom_sites.fract_transf_matrix[2][2]   -0.01667114 
_atom_sites.fract_transf_matrix[2][3]   0.01203446 
_atom_sites.fract_transf_matrix[3][1]   -0.02568623 
_atom_sites.fract_transf_matrix[3][2]   0.00308435 
_atom_sites.fract_transf_matrix[3][3]   -0.00133174 
_atom_sites.fract_transf_vector[1]      -0.273448 
_atom_sites.fract_transf_vector[2]      0.323593 
_atom_sites.fract_transf_vector[3]      -0.235157 
# 
loop_
_atom_type.symbol 
C  
CL 
F  
N  
O  
S  
# 
loop_
_atom_site.group_PDB 
_atom_site.id 
_atom_site.type_symbol 
_atom_site.label_atom_id 
_atom_site.label_alt_id 
_atom_site.label_comp_id 
_atom_site.label_asym_id 
_atom_site.label_entity_id 
_atom_site.label_seq_id 
_atom_site.pdbx_PDB_ins_code 
_atom_site.Cartn_x 
_atom_site.Cartn_y 
_atom_site.Cartn_z 
_atom_site.occupancy 
_atom_site.B_iso_or_equiv 
_atom_site.pdbx_formal_charge 
_atom_site.auth_seq_id 
_atom_site.auth_comp_id 
_atom_site.auth_asym_id 
_atom_site.auth_atom_id 
_atom_site.pdbx_PDB_model_num 
ATOM   1    N  N   . SER A 1 1   ? -2.109  -3.994  -20.480 1.00 32.67 ? 171 SER A N   1 
ATOM   2    C  CA  . SER A 1 1   ? -1.444  -5.320  -20.622 1.00 31.24 ? 171 SER A CA  1 
ATOM   3    C  C   . SER A 1 1   ? -0.445  -5.618  -19.498 1.00 27.92 ? 171 SER A C   1 
ATOM   4    O  O   . SER A 1 1   ? 0.488   -6.392  -19.709 1.00 29.55 ? 171 SER A O   1 
ATOM   5    C  CB  . SER A 1 1   ? -0.709  -5.394  -21.972 1.00 32.97 ? 171 SER A CB  1 
ATOM   6    O  OG  . SER A 1 1   ? -1.477  -4.827  -23.026 1.00 37.69 ? 171 SER A OG  1 
ATOM   7    N  N   . ASP A 1 2   ? -0.655  -5.052  -18.307 1.00 23.97 ? 172 ASP A N   1 
ATOM   8    C  CA  . ASP A 1 2   ? 0.303   -5.189  -17.200 1.00 22.40 ? 172 ASP A CA  1 
ATOM   9    C  C   . ASP A 1 2   ? -0.410  -5.810  -15.996 1.00 21.18 ? 172 ASP A C   1 
ATOM   10   O  O   . ASP A 1 2   ? -0.981  -5.100  -15.144 1.00 20.59 ? 172 ASP A O   1 
ATOM   11   C  CB  . ASP A 1 2   ? 0.902   -3.814  -16.879 1.00 22.04 ? 172 ASP A CB  1 
ATOM   12   C  CG  . ASP A 1 2   ? 1.991   -3.859  -15.812 1.00 22.47 ? 172 ASP A CG  1 
ATOM   13   O  OD1 . ASP A 1 2   ? 2.207   -4.910  -15.166 1.00 20.55 ? 172 ASP A OD1 1 
ATOM   14   O  OD2 . ASP A 1 2   ? 2.642   -2.814  -15.632 1.00 23.11 ? 172 ASP A OD2 1 
ATOM   15   N  N   . GLU A 1 3   ? -0.398  -7.141  -15.949 1.00 20.29 ? 173 GLU A N   1 
ATOM   16   C  CA  . GLU A 1 3   ? -1.122  -7.879  -14.917 1.00 20.54 ? 173 GLU A CA  1 
ATOM   17   C  C   . GLU A 1 3   ? -0.578  -7.623  -13.515 1.00 19.84 ? 173 GLU A C   1 
ATOM   18   O  O   . GLU A 1 3   ? -1.363  -7.535  -12.558 1.00 19.30 ? 173 GLU A O   1 
ATOM   19   C  CB  . GLU A 1 3   ? -1.139  -9.383  -15.204 1.00 21.78 ? 173 GLU A CB  1 
ATOM   20   C  CG  . GLU A 1 3   ? -1.818  -10.252 -14.146 1.00 22.77 ? 173 GLU A CG  1 
ATOM   21   C  CD  . GLU A 1 3   ? -3.304  -9.966  -13.911 1.00 24.42 ? 173 GLU A CD  1 
ATOM   22   O  OE1 . GLU A 1 3   ? -3.834  -10.515 -12.922 1.00 27.74 ? 173 GLU A OE1 1 
ATOM   23   O  OE2 . GLU A 1 3   ? -3.956  -9.209  -14.666 1.00 24.76 ? 173 GLU A OE2 1 
ATOM   24   N  N   . LEU A 1 4   ? 0.742   -7.500  -13.383 1.00 19.19 ? 174 LEU A N   1 
ATOM   25   C  CA  . LEU A 1 4   ? 1.320   -7.210  -12.062 1.00 18.59 ? 174 LEU A CA  1 
ATOM   26   C  C   . LEU A 1 4   ? 0.789   -5.896  -11.534 1.00 17.73 ? 174 LEU A C   1 
ATOM   27   O  O   . LEU A 1 4   ? 0.356   -5.826  -10.375 1.00 17.05 ? 174 LEU A O   1 
ATOM   28   C  CB  . LEU A 1 4   ? 2.854   -7.170  -12.088 1.00 18.80 ? 174 LEU A CB  1 
ATOM   29   C  CG  . LEU A 1 4   ? 3.536   -6.850  -10.747 1.00 19.06 ? 174 LEU A CG  1 
ATOM   30   C  CD1 . LEU A 1 4   ? 3.210   -7.875  -9.670  1.00 19.73 ? 174 LEU A CD1 1 
ATOM   31   C  CD2 . LEU A 1 4   ? 5.039   -6.742  -10.958 1.00 19.39 ? 174 LEU A CD2 1 
ATOM   32   N  N   . TYR A 1 5   ? 0.805   -4.862  -12.370 1.00 17.59 ? 175 TYR A N   1 
ATOM   33   C  CA  . TYR A 1 5   ? 0.277   -3.564  -11.960 1.00 18.89 ? 175 TYR A CA  1 
ATOM   34   C  C   . TYR A 1 5   ? -1.200  -3.675  -11.599 1.00 18.07 ? 175 TYR A C   1 
ATOM   35   O  O   . TYR A 1 5   ? -1.614  -3.226  -10.531 1.00 17.45 ? 175 TYR A O   1 
ATOM   36   C  CB  . TYR A 1 5   ? 0.467   -2.487  -13.026 1.00 20.13 ? 175 TYR A CB  1 
ATOM   37   C  CG  . TYR A 1 5   ? 0.081   -1.131  -12.504 1.00 22.79 ? 175 TYR A CG  1 
ATOM   38   C  CD1 . TYR A 1 5   ? 1.001   -0.362  -11.796 1.00 25.00 ? 175 TYR A CD1 1 
ATOM   39   C  CD2 . TYR A 1 5   ? -1.213  -0.636  -12.659 1.00 24.50 ? 175 TYR A CD2 1 
ATOM   40   C  CE1 . TYR A 1 5   ? 0.656   0.877   -11.289 1.00 26.18 ? 175 TYR A CE1 1 
ATOM   41   C  CE2 . TYR A 1 5   ? -1.571  0.604   -12.153 1.00 25.73 ? 175 TYR A CE2 1 
ATOM   42   C  CZ  . TYR A 1 5   ? -0.634  1.357   -11.470 1.00 26.94 ? 175 TYR A CZ  1 
ATOM   43   O  OH  . TYR A 1 5   ? -0.969  2.590   -10.953 1.00 29.76 ? 175 TYR A OH  1 
ATOM   44   N  N   . ARG A 1 6   ? -1.991  -4.301  -12.475 1.00 18.32 ? 176 ARG A N   1 
ATOM   45   C  CA  . ARG A 1 6   ? -3.446  -4.408  -12.249 1.00 18.43 ? 176 ARG A CA  1 
ATOM   46   C  C   . ARG A 1 6   ? -3.779  -5.128  -10.936 1.00 16.85 ? 176 ARG A C   1 
ATOM   47   O  O   . ARG A 1 6   ? -4.569  -4.620  -10.117 1.00 16.49 ? 176 ARG A O   1 
ATOM   48   C  CB  . ARG A 1 6   ? -4.127  -5.139  -13.421 1.00 20.06 ? 176 ARG A CB  1 
ATOM   49   C  CG  . ARG A 1 6   ? -5.657  -5.127  -13.363 1.00 20.95 ? 176 ARG A CG  1 
ATOM   50   C  CD  . ARG A 1 6   ? -6.293  -6.385  -13.949 1.00 22.29 ? 176 ARG A CD  1 
ATOM   51   N  NE  . ARG A 1 6   ? -5.897  -7.609  -13.245 1.00 22.03 ? 176 ARG A NE  1 
ATOM   52   C  CZ  . ARG A 1 6   ? -6.344  -8.010  -12.053 1.00 22.70 ? 176 ARG A CZ  1 
ATOM   53   N  NH1 . ARG A 1 6   ? -5.883  -9.143  -11.529 1.00 24.53 ? 176 ARG A NH1 1 
ATOM   54   N  NH2 . ARG A 1 6   ? -7.251  -7.315  -11.373 1.00 23.84 ? 176 ARG A NH2 1 
ATOM   55   N  N   . GLN A 1 7   ? -3.167  -6.289  -10.716 1.00 15.79 ? 177 GLN A N   1 
ATOM   56   C  CA  . GLN A 1 7   ? -3.414  -7.051  -9.494  1.00 15.96 ? 177 GLN A CA  1 
ATOM   57   C  C   . GLN A 1 7   ? -2.916  -6.308  -8.253  1.00 15.33 ? 177 GLN A C   1 
ATOM   58   O  O   . GLN A 1 7   ? -3.569  -6.330  -7.204  1.00 14.19 ? 177 GLN A O   1 
ATOM   59   C  CB  . GLN A 1 7   ? -2.752  -8.417  -9.535  1.00 16.85 ? 177 GLN A CB  1 
ATOM   60   C  CG  . GLN A 1 7   ? -3.124  -9.316  -8.361  1.00 17.49 ? 177 GLN A CG  1 
ATOM   61   C  CD  . GLN A 1 7   ? -2.496  -10.682 -8.462  1.00 18.62 ? 177 GLN A CD  1 
ATOM   62   O  OE1 . GLN A 1 7   ? -1.531  -10.873 -9.195  1.00 21.18 ? 177 GLN A OE1 1 
ATOM   63   N  NE2 . GLN A 1 7   ? -3.043  -11.649 -7.726  1.00 19.00 ? 177 GLN A NE2 1 
ATOM   64   N  N   . SER A 1 8   ? -1.748  -5.674  -8.365  1.00 14.62 ? 178 SER A N   1 
ATOM   65   C  CA  . SER A 1 8   ? -1.190  -4.965  -7.211  1.00 14.26 ? 178 SER A CA  1 
ATOM   66   C  C   . SER A 1 8   ? -2.064  -3.790  -6.828  1.00 15.10 ? 178 SER A C   1 
ATOM   67   O  O   . SER A 1 8   ? -2.299  -3.559  -5.634  1.00 15.19 ? 178 SER A O   1 
ATOM   68   C  CB  . SER A 1 8   ? 0.217   -4.453  -7.498  1.00 14.29 ? 178 SER A CB  1 
ATOM   69   O  OG  . SER A 1 8   ? 1.105   -5.511  -7.797  1.00 13.90 ? 178 SER A OG  1 
ATOM   70   N  N   . LEU A 1 9   ? -2.538  -3.045  -7.828  1.00 15.22 ? 179 LEU A N   1 
ATOM   71   C  CA  . LEU A 1 9   ? -3.450  -1.923  -7.566  1.00 16.39 ? 179 LEU A CA  1 
ATOM   72   C  C   . LEU A 1 9   ? -4.757  -2.408  -6.948  1.00 16.53 ? 179 LEU A C   1 
ATOM   73   O  O   . LEU A 1 9   ? -5.282  -1.777  -6.022  1.00 15.39 ? 179 LEU A O   1 
ATOM   74   C  CB  . LEU A 1 9   ? -3.727  -1.107  -8.830  1.00 17.86 ? 179 LEU A CB  1 
ATOM   75   C  CG  . LEU A 1 9   ? -4.665  0.096   -8.648  1.00 18.43 ? 179 LEU A CG  1 
ATOM   76   C  CD1 . LEU A 1 9   ? -4.134  1.086   -7.616  1.00 19.37 ? 179 LEU A CD1 1 
ATOM   77   C  CD2 . LEU A 1 9   ? -4.893  0.786   -9.977  1.00 18.89 ? 179 LEU A CD2 1 
ATOM   78   N  N   . GLU A 1 10  ? -5.288  -3.520  -7.450  1.00 17.32 ? 180 GLU A N   1 
ATOM   79   C  CA  . GLU A 1 10  ? -6.528  -4.068  -6.890  1.00 18.38 ? 180 GLU A CA  1 
ATOM   80   C  C   . GLU A 1 10  ? -6.374  -4.369  -5.387  1.00 17.56 ? 180 GLU A C   1 
ATOM   81   O  O   . GLU A 1 10  ? -7.215  -3.958  -4.570  1.00 18.20 ? 180 GLU A O   1 
ATOM   82   C  CB  . GLU A 1 10  ? -6.973  -5.320  -7.657  1.00 21.29 ? 180 GLU A CB  1 
ATOM   83   C  CG  . GLU A 1 10  ? -8.192  -5.987  -7.040  1.00 23.31 ? 180 GLU A CG  1 
ATOM   84   C  CD  . GLU A 1 10  ? -8.840  -7.005  -7.946  1.00 26.62 ? 180 GLU A CD  1 
ATOM   85   O  OE1 . GLU A 1 10  ? -8.152  -7.589  -8.809  1.00 27.27 ? 180 GLU A OE1 1 
ATOM   86   O  OE2 . GLU A 1 10  ? -10.059 -7.221  -7.789  1.00 32.16 ? 180 GLU A OE2 1 
ATOM   87   N  N   . ILE A 1 11  ? -5.293  -5.061  -5.038  1.00 15.85 ? 181 ILE A N   1 
ATOM   88   C  CA  . ILE A 1 11  ? -5.017  -5.452  -3.643  1.00 15.71 ? 181 ILE A CA  1 
ATOM   89   C  C   . ILE A 1 11  ? -4.790  -4.200  -2.783  1.00 14.64 ? 181 ILE A C   1 
ATOM   90   O  O   . ILE A 1 11  ? -5.396  -4.029  -1.725  1.00 14.99 ? 181 ILE A O   1 
ATOM   91   C  CB  . ILE A 1 11  ? -3.824  -6.425  -3.566  1.00 16.02 ? 181 ILE A CB  1 
ATOM   92   C  CG1 . ILE A 1 11  ? -4.200  -7.751  -4.235  1.00 15.67 ? 181 ILE A CG1 1 
ATOM   93   C  CG2 . ILE A 1 11  ? -3.413  -6.691  -2.121  1.00 15.86 ? 181 ILE A CG2 1 
ATOM   94   C  CD1 . ILE A 1 11  ? -3.017  -8.598  -4.632  1.00 16.11 ? 181 ILE A CD1 1 
ATOM   95   N  N   . ILE A 1 12  ? -3.937  -3.307  -3.260  1.00 14.47 ? 182 ILE A N   1 
ATOM   96   C  CA  . ILE A 1 12  ? -3.563  -2.127  -2.480  1.00 14.07 ? 182 ILE A CA  1 
ATOM   97   C  C   . ILE A 1 12  ? -4.732  -1.157  -2.309  1.00 14.60 ? 182 ILE A C   1 
ATOM   98   O  O   . ILE A 1 12  ? -4.967  -0.650  -1.191  1.00 14.45 ? 182 ILE A O   1 
ATOM   99   C  CB  . ILE A 1 12  ? -2.289  -1.463  -3.056  1.00 14.33 ? 182 ILE A CB  1 
ATOM   100  C  CG1 . ILE A 1 12  ? -1.097  -2.421  -2.840  1.00 14.59 ? 182 ILE A CG1 1 
ATOM   101  C  CG2 . ILE A 1 12  ? -2.046  -0.092  -2.427  1.00 14.37 ? 182 ILE A CG2 1 
ATOM   102  C  CD1 . ILE A 1 12  ? 0.147   -2.094  -3.637  1.00 14.13 ? 182 ILE A CD1 1 
ATOM   103  N  N   . SER A 1 13  ? -5.481  -0.924  -3.387  1.00 14.77 ? 183 SER A N   1 
ATOM   104  C  CA  . SER A 1 13  ? -6.682  -0.088  -3.317  1.00 16.48 ? 183 SER A CA  1 
ATOM   105  C  C   . SER A 1 13  ? -7.702  -0.657  -2.332  1.00 16.42 ? 183 SER A C   1 
ATOM   106  O  O   . SER A 1 13  ? -8.255  0.071   -1.504  1.00 17.45 ? 183 SER A O   1 
ATOM   107  C  CB  . SER A 1 13  ? -7.316  0.067   -4.699  1.00 18.19 ? 183 SER A CB  1 
ATOM   108  O  OG  . SER A 1 13  ? -8.528  0.812   -4.630  1.00 20.32 ? 183 SER A OG  1 
ATOM   109  N  N   . ARG A 1 14  ? -7.949  -1.956  -2.417  1.00 17.68 ? 184 ARG A N   1 
ATOM   110  C  CA  . ARG A 1 14  ? -8.873  -2.604  -1.478  1.00 18.97 ? 184 ARG A CA  1 
ATOM   111  C  C   . ARG A 1 14  ? -8.451  -2.422  -0.034  1.00 18.02 ? 184 ARG A C   1 
ATOM   112  O  O   . ARG A 1 14  ? -9.272  -2.040  0.798   1.00 18.58 ? 184 ARG A O   1 
ATOM   113  C  CB  . ARG A 1 14  ? -9.087  -4.085  -1.819  1.00 21.08 ? 184 ARG A CB  1 
ATOM   114  C  CG  . ARG A 1 14  ? -10.028 -4.241  -2.995  1.00 23.59 ? 184 ARG A CG  1 
ATOM   115  C  CD  . ARG A 1 14  ? -10.209 -5.676  -3.425  1.00 26.37 ? 184 ARG A CD  1 
ATOM   116  N  NE  . ARG A 1 14  ? -11.108 -5.742  -4.581  1.00 27.79 ? 184 ARG A NE  1 
ATOM   117  C  CZ  . ARG A 1 14  ? -12.397 -6.108  -4.578  1.00 29.33 ? 184 ARG A CZ  1 
ATOM   118  N  NH1 . ARG A 1 14  ? -13.036 -6.474  -3.470  1.00 29.52 ? 184 ARG A NH1 1 
ATOM   119  N  NH2 . ARG A 1 14  ? -13.061 -6.113  -5.731  1.00 29.66 ? 184 ARG A NH2 1 
ATOM   120  N  N   . TYR A 1 15  ? -7.167  -2.632  0.250   1.00 16.50 ? 185 TYR A N   1 
ATOM   121  C  CA  . TYR A 1 15  ? -6.664  -2.532  1.600   1.00 16.18 ? 185 TYR A CA  1 
ATOM   122  C  C   . TYR A 1 15  ? -6.766  -1.097  2.114   1.00 16.12 ? 185 TYR A C   1 
ATOM   123  O  O   . TYR A 1 15  ? -7.252  -0.862  3.220   1.00 16.26 ? 185 TYR A O   1 
ATOM   124  C  CB  . TYR A 1 15  ? -5.218  -3.017  1.678   1.00 16.45 ? 185 TYR A CB  1 
ATOM   125  C  CG  . TYR A 1 15  ? -4.654  -2.982  3.068   1.00 16.53 ? 185 TYR A CG  1 
ATOM   126  C  CD1 . TYR A 1 15  ? -5.272  -3.666  4.110   1.00 17.65 ? 185 TYR A CD1 1 
ATOM   127  C  CD2 . TYR A 1 15  ? -3.486  -2.268  3.352   1.00 16.60 ? 185 TYR A CD2 1 
ATOM   128  C  CE1 . TYR A 1 15  ? -4.754  -3.645  5.386   1.00 18.01 ? 185 TYR A CE1 1 
ATOM   129  C  CE2 . TYR A 1 15  ? -2.960  -2.247  4.634   1.00 17.43 ? 185 TYR A CE2 1 
ATOM   130  C  CZ  . TYR A 1 15  ? -3.597  -2.937  5.649   1.00 17.90 ? 185 TYR A CZ  1 
ATOM   131  O  OH  . TYR A 1 15  ? -3.087  -2.911  6.920   1.00 19.72 ? 185 TYR A OH  1 
ATOM   132  N  N   . LEU A 1 16  ? -6.326  -0.137  1.309   1.00 15.71 ? 186 LEU A N   1 
ATOM   133  C  CA  . LEU A 1 16  ? -6.362  1.270   1.729   1.00 16.04 ? 186 LEU A CA  1 
ATOM   134  C  C   . LEU A 1 16  ? -7.788  1.760   1.954   1.00 17.65 ? 186 LEU A C   1 
ATOM   135  O  O   . LEU A 1 16  ? -8.058  2.448   2.940   1.00 17.66 ? 186 LEU A O   1 
ATOM   136  C  CB  . LEU A 1 16  ? -5.636  2.182   0.727   1.00 15.63 ? 186 LEU A CB  1 
ATOM   137  C  CG  . LEU A 1 16  ? -4.151  2.441   0.987   1.00 15.42 ? 186 LEU A CG  1 
ATOM   138  C  CD1 . LEU A 1 16  ? -3.353  1.183   1.266   1.00 15.70 ? 186 LEU A CD1 1 
ATOM   139  C  CD2 . LEU A 1 16  ? -3.528  3.229   -0.170  1.00 15.52 ? 186 LEU A CD2 1 
ATOM   140  N  N   . ARG A 1 17  ? -8.688  1.404   1.044   1.00 19.22 ? 187 ARG A N   1 
ATOM   141  C  CA  . ARG A 1 17  ? -10.076 1.867   1.123   1.00 21.94 ? 187 ARG A CA  1 
ATOM   142  C  C   . ARG A 1 17  ? -10.782 1.276   2.348   1.00 22.79 ? 187 ARG A C   1 
ATOM   143  O  O   . ARG A 1 17  ? -11.453 1.999   3.089   1.00 23.67 ? 187 ARG A O   1 
ATOM   144  C  CB  . ARG A 1 17  ? -10.835 1.548   -0.170  1.00 24.03 ? 187 ARG A CB  1 
ATOM   145  C  CG  . ARG A 1 17  ? -10.388 2.364   -1.388  1.00 26.39 ? 187 ARG A CG  1 
ATOM   146  C  CD  . ARG A 1 17  ? -11.120 2.001   -2.687  1.00 29.60 ? 187 ARG A CD  1 
ATOM   147  N  NE  . ARG A 1 17  ? -11.878 0.756   -2.553  1.00 33.27 ? 187 ARG A NE  1 
ATOM   148  C  CZ  . ARG A 1 17  ? -11.703 -0.385  -3.228  1.00 34.07 ? 187 ARG A CZ  1 
ATOM   149  N  NH1 . ARG A 1 17  ? -10.812 -0.527  -4.213  1.00 35.31 ? 187 ARG A NH1 1 
ATOM   150  N  NH2 . ARG A 1 17  ? -12.485 -1.408  -2.917  1.00 33.77 ? 187 ARG A NH2 1 
ATOM   151  N  N   . GLU A 1 18  ? -10.592 -0.016  2.601   1.00 22.64 ? 188 GLU A N   1 
ATOM   152  C  CA  . GLU A 1 18  ? -11.234 -0.636  3.766   1.00 24.91 ? 188 GLU A CA  1 
ATOM   153  C  C   . GLU A 1 18  ? -10.617 -0.166  5.087   1.00 24.21 ? 188 GLU A C   1 
ATOM   154  O  O   . GLU A 1 18  ? -11.327 -0.021  6.079   1.00 24.35 ? 188 GLU A O   1 
ATOM   155  C  CB  . GLU A 1 18  ? -11.261 -2.158  3.645   1.00 27.86 ? 188 GLU A CB  1 
ATOM   156  C  CG  . GLU A 1 18  ? -9.969  -2.880  3.935   1.00 30.47 ? 188 GLU A CG  1 
ATOM   157  C  CD  . GLU A 1 18  ? -10.169 -4.372  4.059   1.00 33.54 ? 188 GLU A CD  1 
ATOM   158  O  OE1 . GLU A 1 18  ? -11.110 -4.927  3.437   1.00 34.45 ? 188 GLU A OE1 1 
ATOM   159  O  OE2 . GLU A 1 18  ? -9.378  -4.986  4.807   1.00 37.72 ? 188 GLU A OE2 1 
ATOM   160  N  N   . GLN A 1 19  ? -9.306  0.087   5.096   1.00 21.50 ? 189 GLN A N   1 
ATOM   161  C  CA  . GLN A 1 19  ? -8.625  0.640   6.269   1.00 22.02 ? 189 GLN A CA  1 
ATOM   162  C  C   . GLN A 1 19  ? -9.166  2.018   6.632   1.00 22.64 ? 189 GLN A C   1 
ATOM   163  O  O   . GLN A 1 19  ? -9.412  2.308   7.805   1.00 23.59 ? 189 GLN A O   1 
ATOM   164  C  CB  . GLN A 1 19  ? -7.109  0.702   6.029   1.00 20.92 ? 189 GLN A CB  1 
ATOM   165  C  CG  . GLN A 1 19  ? -6.429  -0.651  6.173   1.00 21.03 ? 189 GLN A CG  1 
ATOM   166  C  CD  . GLN A 1 19  ? -6.205  -1.035  7.625   1.00 21.61 ? 189 GLN A CD  1 
ATOM   167  O  OE1 . GLN A 1 19  ? -5.559  -0.312  8.369   1.00 24.01 ? 189 GLN A OE1 1 
ATOM   168  N  NE2 . GLN A 1 19  ? -6.732  -2.180  8.024   1.00 23.81 ? 189 GLN A NE2 1 
ATOM   169  N  N   . ALA A 1 20  ? -9.371  2.851   5.621   1.00 23.33 ? 190 ALA A N   1 
ATOM   170  C  CA  . ALA A 1 20  ? -9.835  4.218   5.829   1.00 24.69 ? 190 ALA A CA  1 
ATOM   171  C  C   . ALA A 1 20  ? -11.313 4.278   6.216   1.00 26.37 ? 190 ALA A C   1 
ATOM   172  O  O   . ALA A 1 20  ? -11.672 5.069   7.094   1.00 27.30 ? 190 ALA A O   1 
ATOM   173  C  CB  . ALA A 1 20  ? -9.578  5.060   4.593   1.00 24.70 ? 190 ALA A CB  1 
ATOM   174  N  N   . THR A 1 21  ? -12.146 3.445   5.585   1.00 26.66 ? 191 THR A N   1 
ATOM   175  C  CA  . THR A 1 21  ? -13.613 3.487   5.771   1.00 28.75 ? 191 THR A CA  1 
ATOM   176  C  C   . THR A 1 21  ? -14.164 2.457   6.759   1.00 30.30 ? 191 THR A C   1 
ATOM   177  O  O   . THR A 1 21  ? -15.291 2.614   7.255   1.00 32.34 ? 191 THR A O   1 
ATOM   178  C  CB  . THR A 1 21  ? -14.378 3.320   4.434   1.00 28.40 ? 191 THR A CB  1 
ATOM   179  O  OG1 . THR A 1 21  ? -14.270 1.975   3.945   1.00 27.58 ? 191 THR A OG1 1 
ATOM   180  C  CG2 . THR A 1 21  ? -13.867 4.302   3.390   1.00 29.28 ? 191 THR A CG2 1 
ATOM   181  N  N   . GLY A 1 22  ? -13.394 1.404   7.032   1.00 30.59 ? 192 GLY A N   1 
ATOM   182  C  CA  . GLY A 1 22  ? -13.858 0.285   7.850   1.00 32.67 ? 192 GLY A CA  1 
ATOM   183  C  C   . GLY A 1 22  ? -14.824 -0.662  7.155   1.00 33.48 ? 192 GLY A C   1 
ATOM   184  O  O   . GLY A 1 22  ? -15.308 -1.602  7.786   1.00 35.93 ? 192 GLY A O   1 
ATOM   185  N  N   . ALA A 1 23  ? -15.086 -0.446  5.863   1.00 33.57 ? 193 ALA A N   1 
ATOM   186  C  CA  . ALA A 1 23  ? -16.074 -1.212  5.111   1.00 33.97 ? 193 ALA A CA  1 
ATOM   187  C  C   . ALA A 1 23  ? -15.377 -2.143  4.124   1.00 34.76 ? 193 ALA A C   1 
ATOM   188  O  O   . ALA A 1 23  ? -14.487 -1.713  3.396   1.00 34.31 ? 193 ALA A O   1 
ATOM   189  C  CB  . ALA A 1 23  ? -16.995 -0.269  4.357   1.00 33.67 ? 193 ALA A CB  1 
ATOM   190  N  N   . LYS A 1 24  ? -15.788 -3.408  4.091   1.00 36.72 ? 194 LYS A N   1 
ATOM   191  C  CA  . LYS A 1 24  ? -15.290 -4.347  3.083   1.00 37.91 ? 194 LYS A CA  1 
ATOM   192  C  C   . LYS A 1 24  ? -15.962 -4.069  1.740   1.00 39.61 ? 194 LYS A C   1 
ATOM   193  O  O   . LYS A 1 24  ? -17.164 -3.781  1.690   1.00 37.13 ? 194 LYS A O   1 
ATOM   194  C  CB  . LYS A 1 24  ? -15.557 -5.793  3.508   1.00 39.25 ? 194 LYS A CB  1 
ATOM   195  N  N   . ASP A 1 25  ? -15.182 -4.135  0.661   1.00 40.30 ? 195 ASP A N   1 
ATOM   196  C  CA  . ASP A 1 25  ? -15.719 -4.063  -0.698  1.00 40.52 ? 195 ASP A CA  1 
ATOM   197  C  C   . ASP A 1 25  ? -16.287 -5.437  -1.031  1.00 40.30 ? 195 ASP A C   1 
ATOM   198  O  O   . ASP A 1 25  ? -15.557 -6.427  -1.020  1.00 39.29 ? 195 ASP A O   1 
ATOM   199  C  CB  . ASP A 1 25  ? -14.619 -3.682  -1.695  1.00 41.15 ? 195 ASP A CB  1 
ATOM   200  C  CG  . ASP A 1 25  ? -15.162 -3.285  -3.073  1.00 43.64 ? 195 ASP A CG  1 
ATOM   201  O  OD1 . ASP A 1 25  ? -16.377 -3.425  -3.341  1.00 45.62 ? 195 ASP A OD1 1 
ATOM   202  O  OD2 . ASP A 1 25  ? -14.356 -2.817  -3.903  1.00 44.12 ? 195 ASP A OD2 1 
ATOM   203  N  N   . THR A 1 26  ? -17.590 -5.491  -1.302  1.00 39.71 ? 196 THR A N   1 
ATOM   204  C  CA  . THR A 1 26  ? -18.276 -6.743  -1.628  1.00 40.35 ? 196 THR A CA  1 
ATOM   205  C  C   . THR A 1 26  ? -18.114 -7.157  -3.091  1.00 40.03 ? 196 THR A C   1 
ATOM   206  O  O   . THR A 1 26  ? -18.412 -8.300  -3.435  1.00 41.95 ? 196 THR A O   1 
ATOM   207  C  CB  . THR A 1 26  ? -19.788 -6.639  -1.334  1.00 39.68 ? 196 THR A CB  1 
ATOM   208  O  OG1 . THR A 1 26  ? -20.340 -5.537  -2.066  1.00 40.73 ? 196 THR A OG1 1 
ATOM   209  C  CG2 . THR A 1 26  ? -20.029 -6.430  0.155   1.00 39.32 ? 196 THR A CG2 1 
ATOM   210  N  N   . LYS A 1 27  ? -17.664 -6.233  -3.945  1.00 39.41 ? 197 LYS A N   1 
ATOM   211  C  CA  . LYS A 1 27  ? -17.496 -6.502  -5.371  1.00 39.35 ? 197 LYS A CA  1 
ATOM   212  C  C   . LYS A 1 27  ? -16.500 -7.642  -5.603  1.00 39.82 ? 197 LYS A C   1 
ATOM   213  O  O   . LYS A 1 27  ? -15.455 -7.694  -4.937  1.00 38.37 ? 197 LYS A O   1 
ATOM   214  C  CB  . LYS A 1 27  ? -17.024 -5.244  -6.108  1.00 38.77 ? 197 LYS A CB  1 
ATOM   215  N  N   . PRO A 1 28  ? -16.813 -8.563  -6.537  1.00 38.74 ? 198 PRO A N   1 
ATOM   216  C  CA  . PRO A 1 28  ? -15.906 -9.690  -6.744  1.00 38.66 ? 198 PRO A CA  1 
ATOM   217  C  C   . PRO A 1 28  ? -14.530 -9.252  -7.251  1.00 36.86 ? 198 PRO A C   1 
ATOM   218  O  O   . PRO A 1 28  ? -14.401 -8.204  -7.900  1.00 35.27 ? 198 PRO A O   1 
ATOM   219  C  CB  . PRO A 1 28  ? -16.636 -10.557 -7.781  1.00 39.57 ? 198 PRO A CB  1 
ATOM   220  C  CG  . PRO A 1 28  ? -17.575 -9.630  -8.474  1.00 40.09 ? 198 PRO A CG  1 
ATOM   221  C  CD  . PRO A 1 28  ? -17.982 -8.624  -7.438  1.00 40.42 ? 198 PRO A CD  1 
ATOM   222  N  N   . MET A 1 29  ? -13.518 -10.053 -6.931  1.00 37.07 ? 199 MET A N   1 
ATOM   223  C  CA  . MET A 1 29  ? -12.150 -9.779  -7.350  1.00 36.39 ? 199 MET A CA  1 
ATOM   224  C  C   . MET A 1 29  ? -11.981 -10.023 -8.849  1.00 34.51 ? 199 MET A C   1 
ATOM   225  O  O   . MET A 1 29  ? -12.691 -10.838 -9.435  1.00 33.59 ? 199 MET A O   1 
ATOM   226  C  CB  . MET A 1 29  ? -11.169 -10.652 -6.564  1.00 40.00 ? 199 MET A CB  1 
ATOM   227  C  CG  . MET A 1 29  ? -11.037 -10.274 -5.098  1.00 42.66 ? 199 MET A CG  1 
ATOM   228  S  SD  . MET A 1 29  ? -9.854  -8.939  -4.851  1.00 45.61 ? 199 MET A SD  1 
ATOM   229  C  CE  . MET A 1 29  ? -9.481  -9.150  -3.111  1.00 45.43 ? 199 MET A CE  1 
ATOM   230  N  N   . GLY A 1 30  ? -11.047 -9.299  -9.459  1.00 30.81 ? 200 GLY A N   1 
ATOM   231  C  CA  . GLY A 1 30  ? -10.624 -9.545  -10.832 1.00 29.46 ? 200 GLY A CA  1 
ATOM   232  C  C   . GLY A 1 30  ? -9.850  -10.846 -10.953 1.00 26.56 ? 200 GLY A C   1 
ATOM   233  O  O   . GLY A 1 30  ? -10.006 -11.747 -10.138 1.00 26.32 ? 200 GLY A O   1 
ATOM   234  N  N   . ARG A 1 31  ? -8.992  -10.922 -11.965 1.00 26.02 ? 201 ARG A N   1 
ATOM   235  C  CA  . ARG A 1 31  ? -8.201  -12.127 -12.253 1.00 25.62 ? 201 ARG A CA  1 
ATOM   236  C  C   . ARG A 1 31  ? -7.279  -12.548 -11.094 1.00 25.14 ? 201 ARG A C   1 
ATOM   237  O  O   . ARG A 1 31  ? -6.746  -11.695 -10.365 1.00 24.98 ? 201 ARG A O   1 
ATOM   238  C  CB  . ARG A 1 31  ? -7.389  -11.888 -13.531 1.00 26.16 ? 201 ARG A CB  1 
ATOM   239  C  CG  . ARG A 1 31  ? -6.570  -13.065 -14.041 1.00 27.09 ? 201 ARG A CG  1 
ATOM   240  C  CD  . ARG A 1 31  ? -5.970  -12.715 -15.393 1.00 28.30 ? 201 ARG A CD  1 
ATOM   241  N  NE  . ARG A 1 31  ? -5.406  -13.870 -16.088 1.00 29.26 ? 201 ARG A NE  1 
ATOM   242  C  CZ  . ARG A 1 31  ? -4.212  -14.410 -15.851 1.00 30.08 ? 201 ARG A CZ  1 
ATOM   243  N  NH1 . ARG A 1 31  ? -3.417  -13.932 -14.895 1.00 31.81 ? 201 ARG A NH1 1 
ATOM   244  N  NH2 . ARG A 1 31  ? -3.816  -15.453 -16.580 1.00 30.53 ? 201 ARG A NH2 1 
ATOM   245  N  N   . SER A 1 32  ? -7.093  -13.863 -10.943 1.00 24.01 ? 202 SER A N   1 
ATOM   246  C  CA  . SER A 1 32  ? -6.372  -14.462 -9.808  1.00 24.09 ? 202 SER A CA  1 
ATOM   247  C  C   . SER A 1 32  ? -6.957  -14.001 -8.463  1.00 23.36 ? 202 SER A C   1 
ATOM   248  O  O   . SER A 1 32  ? -6.230  -13.666 -7.529  1.00 22.18 ? 202 SER A O   1 
ATOM   249  C  CB  . SER A 1 32  ? -4.864  -14.166 -9.890  1.00 25.07 ? 202 SER A CB  1 
ATOM   250  O  OG  . SER A 1 32  ? -4.386  -14.374 -11.210 1.00 26.56 ? 202 SER A OG  1 
ATOM   251  N  N   . GLY A 1 33  ? -8.287  -13.991 -8.384  1.00 23.34 ? 203 GLY A N   1 
ATOM   252  C  CA  . GLY A 1 33  ? -8.994  -13.484 -7.206  1.00 22.22 ? 203 GLY A CA  1 
ATOM   253  C  C   . GLY A 1 33  ? -8.725  -14.226 -5.912  1.00 22.60 ? 203 GLY A C   1 
ATOM   254  O  O   . GLY A 1 33  ? -8.716  -13.609 -4.848  1.00 23.41 ? 203 GLY A O   1 
ATOM   255  N  N   . ALA A 1 34  ? -8.517  -15.544 -5.987  1.00 22.03 ? 204 ALA A N   1 
ATOM   256  C  CA  . ALA A 1 34  ? -8.215  -16.350 -4.809  1.00 22.26 ? 204 ALA A CA  1 
ATOM   257  C  C   . ALA A 1 34  ? -6.922  -15.888 -4.168  1.00 21.88 ? 204 ALA A C   1 
ATOM   258  O  O   . ALA A 1 34  ? -6.860  -15.717 -2.956  1.00 23.11 ? 204 ALA A O   1 
ATOM   259  C  CB  . ALA A 1 34  ? -8.117  -17.824 -5.160  1.00 22.66 ? 204 ALA A CB  1 
ATOM   260  N  N   . THR A 1 35  ? -5.900  -15.680 -4.995  1.00 22.22 ? 205 THR A N   1 
ATOM   261  C  CA  . THR A 1 35  ? -4.623  -15.155 -4.502  1.00 21.09 ? 205 THR A CA  1 
ATOM   262  C  C   . THR A 1 35  ? -4.782  -13.742 -3.949  1.00 19.47 ? 205 THR A C   1 
ATOM   263  O  O   . THR A 1 35  ? -4.289  -13.447 -2.864  1.00 19.36 ? 205 THR A O   1 
ATOM   264  C  CB  . THR A 1 35  ? -3.550  -15.176 -5.596  1.00 22.29 ? 205 THR A CB  1 
ATOM   265  O  OG1 . THR A 1 35  ? -3.260  -16.542 -5.915  1.00 24.24 ? 205 THR A OG1 1 
ATOM   266  C  CG2 . THR A 1 35  ? -2.251  -14.492 -5.125  1.00 22.52 ? 205 THR A CG2 1 
ATOM   267  N  N   . SER A 1 36  ? -5.467  -12.888 -4.698  1.00 19.04 ? 206 SER A N   1 
ATOM   268  C  CA  . SER A 1 36  ? -5.689  -11.505 -4.264  1.00 18.97 ? 206 SER A CA  1 
ATOM   269  C  C   . SER A 1 36  ? -6.434  -11.451 -2.934  1.00 19.42 ? 206 SER A C   1 
ATOM   270  O  O   . SER A 1 36  ? -6.107  -10.640 -2.074  1.00 19.06 ? 206 SER A O   1 
ATOM   271  C  CB  . SER A 1 36  ? -6.443  -10.722 -5.339  1.00 19.65 ? 206 SER A CB  1 
ATOM   272  O  OG  . SER A 1 36  ? -5.673  -10.620 -6.524  1.00 20.62 ? 206 SER A OG  1 
ATOM   273  N  N   . ARG A 1 37  ? -7.429  -12.332 -2.766  1.00 19.71 ? 207 ARG A N   1 
ATOM   274  C  CA  . ARG A 1 37  ? -8.161  -12.450 -1.497  1.00 20.44 ? 207 ARG A CA  1 
ATOM   275  C  C   . ARG A 1 37  ? -7.235  -12.830 -0.336  1.00 20.25 ? 207 ARG A C   1 
ATOM   276  O  O   . ARG A 1 37  ? -7.275  -12.212 0.733   1.00 20.84 ? 207 ARG A O   1 
ATOM   277  C  CB  . ARG A 1 37  ? -9.295  -13.483 -1.642  1.00 21.36 ? 207 ARG A CB  1 
ATOM   278  N  N   . LYS A 1 38  ? -6.373  -13.824 -0.544  1.00 20.44 ? 208 LYS A N   1 
ATOM   279  C  CA  . LYS A 1 38  ? -5.405  -14.212 0.480   1.00 21.29 ? 208 LYS A CA  1 
ATOM   280  C  C   . LYS A 1 38  ? -4.364  -13.118 0.741   1.00 19.85 ? 208 LYS A C   1 
ATOM   281  O  O   . LYS A 1 38  ? -3.936  -12.946 1.863   1.00 20.35 ? 208 LYS A O   1 
ATOM   282  C  CB  . LYS A 1 38  ? -4.689  -15.517 0.106   1.00 23.37 ? 208 LYS A CB  1 
ATOM   283  C  CG  . LYS A 1 38  ? -5.578  -16.745 0.205   1.00 25.97 ? 208 LYS A CG  1 
ATOM   284  C  CD  . LYS A 1 38  ? -4.768  -18.014 -0.016  1.00 28.90 ? 208 LYS A CD  1 
ATOM   285  C  CE  . LYS A 1 38  ? -5.618  -19.258 0.176   1.00 31.26 ? 208 LYS A CE  1 
ATOM   286  N  NZ  . LYS A 1 38  ? -5.146  -20.384 -0.671  1.00 32.67 ? 208 LYS A NZ  1 
ATOM   287  N  N   . ALA A 1 39  ? -3.971  -12.398 -0.299  1.00 19.31 ? 209 ALA A N   1 
ATOM   288  C  CA  . ALA A 1 39  ? -3.030  -11.281 -0.136  1.00 18.70 ? 209 ALA A CA  1 
ATOM   289  C  C   . ALA A 1 39  ? -3.654  -10.178 0.730   1.00 18.81 ? 209 ALA A C   1 
ATOM   290  O  O   . ALA A 1 39  ? -2.991  -9.604  1.597   1.00 17.62 ? 209 ALA A O   1 
ATOM   291  C  CB  . ALA A 1 39  ? -2.610  -10.724 -1.483  1.00 18.98 ? 209 ALA A CB  1 
ATOM   292  N  N   . LEU A 1 40  ? -4.931  -9.894  0.496   1.00 18.78 ? 210 LEU A N   1 
ATOM   293  C  CA  . LEU A 1 40  ? -5.640  -8.898  1.295   1.00 19.61 ? 210 LEU A CA  1 
ATOM   294  C  C   . LEU A 1 40  ? -5.771  -9.335  2.751   1.00 20.20 ? 210 LEU A C   1 
ATOM   295  O  O   . LEU A 1 40  ? -5.573  -8.541  3.667   1.00 18.78 ? 210 LEU A O   1 
ATOM   296  C  CB  . LEU A 1 40  ? -7.015  -8.623  0.697   1.00 19.72 ? 210 LEU A CB  1 
ATOM   297  C  CG  . LEU A 1 40  ? -7.885  -7.573  1.386   1.00 20.96 ? 210 LEU A CG  1 
ATOM   298  C  CD1 . LEU A 1 40  ? -7.162  -6.242  1.476   1.00 22.29 ? 210 LEU A CD1 1 
ATOM   299  C  CD2 . LEU A 1 40  ? -9.184  -7.437  0.608   1.00 21.81 ? 210 LEU A CD2 1 
ATOM   300  N  N   . GLU A 1 41  ? -6.096  -10.607 2.964   1.00 21.35 ? 211 GLU A N   1 
ATOM   301  C  CA  . GLU A 1 41  ? -6.179  -11.152 4.318   1.00 22.63 ? 211 GLU A CA  1 
ATOM   302  C  C   . GLU A 1 41  ? -4.822  -11.088 5.034   1.00 21.72 ? 211 GLU A C   1 
ATOM   303  O  O   . GLU A 1 41  ? -4.754  -10.784 6.226   1.00 21.84 ? 211 GLU A O   1 
ATOM   304  C  CB  . GLU A 1 41  ? -6.739  -12.582 4.272   1.00 26.14 ? 211 GLU A CB  1 
ATOM   305  C  CG  . GLU A 1 41  ? -8.207  -12.583 3.856   1.00 28.75 ? 211 GLU A CG  1 
ATOM   306  C  CD  . GLU A 1 41  ? -8.816  -13.945 3.596   1.00 30.36 ? 211 GLU A CD  1 
ATOM   307  O  OE1 . GLU A 1 41  ? -8.090  -14.944 3.377   1.00 32.79 ? 211 GLU A OE1 1 
ATOM   308  O  OE2 . GLU A 1 41  ? -10.064 -13.989 3.589   1.00 32.17 ? 211 GLU A OE2 1 
ATOM   309  N  N   . THR A 1 42  ? -3.750  -11.337 4.279   1.00 20.04 ? 212 THR A N   1 
ATOM   310  C  CA  . THR A 1 42  ? -2.385  -11.234 4.781   1.00 19.50 ? 212 THR A CA  1 
ATOM   311  C  C   . THR A 1 42  ? -2.044  -9.799  5.177   1.00 18.67 ? 212 THR A C   1 
ATOM   312  O  O   . THR A 1 42  ? -1.478  -9.580  6.243   1.00 18.75 ? 212 THR A O   1 
ATOM   313  C  CB  . THR A 1 42  ? -1.367  -11.765 3.748   1.00 20.44 ? 212 THR A CB  1 
ATOM   314  O  OG1 . THR A 1 42  ? -1.685  -13.122 3.423   1.00 21.86 ? 212 THR A OG1 1 
ATOM   315  C  CG2 . THR A 1 42  ? 0.064   -11.701 4.268   1.00 20.54 ? 212 THR A CG2 1 
ATOM   316  N  N   . LEU A 1 43  ? -2.392  -8.831  4.331   1.00 17.88 ? 213 LEU A N   1 
ATOM   317  C  CA  . LEU A 1 43  ? -2.168  -7.415  4.668   1.00 18.58 ? 213 LEU A CA  1 
ATOM   318  C  C   . LEU A 1 43  ? -2.920  -6.994  5.918   1.00 20.39 ? 213 LEU A C   1 
ATOM   319  O  O   . LEU A 1 43  ? -2.380  -6.260  6.741   1.00 20.25 ? 213 LEU A O   1 
ATOM   320  C  CB  . LEU A 1 43  ? -2.579  -6.493  3.514   1.00 18.88 ? 213 LEU A CB  1 
ATOM   321  C  CG  . LEU A 1 43  ? -1.591  -6.381  2.363   1.00 18.86 ? 213 LEU A CG  1 
ATOM   322  C  CD1 . LEU A 1 43  ? -2.266  -5.709  1.177   1.00 18.61 ? 213 LEU A CD1 1 
ATOM   323  C  CD2 . LEU A 1 43  ? -0.340  -5.623  2.788   1.00 19.40 ? 213 LEU A CD2 1 
ATOM   324  N  N   . ARG A 1 44  ? -4.173  -7.427  6.058   1.00 21.49 ? 214 ARG A N   1 
ATOM   325  C  CA  . ARG A 1 44  ? -4.945  -7.106  7.271   1.00 24.22 ? 214 ARG A CA  1 
ATOM   326  C  C   . ARG A 1 44  ? -4.198  -7.549  8.528   1.00 24.91 ? 214 ARG A C   1 
ATOM   327  O  O   . ARG A 1 44  ? -4.134  -6.813  9.492   1.00 25.92 ? 214 ARG A O   1 
ATOM   328  C  CB  . ARG A 1 44  ? -6.323  -7.763  7.252   1.00 25.75 ? 214 ARG A CB  1 
ATOM   329  C  CG  . ARG A 1 44  ? -7.295  -7.186  6.253   1.00 27.54 ? 214 ARG A CG  1 
ATOM   330  C  CD  . ARG A 1 44  ? -8.670  -7.794  6.477   1.00 29.85 ? 214 ARG A CD  1 
ATOM   331  N  NE  . ARG A 1 44  ? -9.566  -7.499  5.363   1.00 30.70 ? 214 ARG A NE  1 
ATOM   332  C  CZ  . ARG A 1 44  ? -10.105 -8.380  4.522   1.00 31.55 ? 214 ARG A CZ  1 
ATOM   333  N  NH1 . ARG A 1 44  ? -9.906  -9.696  4.641   1.00 33.56 ? 214 ARG A NH1 1 
ATOM   334  N  NH2 . ARG A 1 44  ? -10.886 -7.928  3.548   1.00 33.35 ? 214 ARG A NH2 1 
ATOM   335  N  N   . ARG A 1 45  ? -3.616  -8.742  8.492   1.00 24.26 ? 215 ARG A N   1 
ATOM   336  C  CA  . ARG A 1 45  ? -2.926  -9.316  9.639   1.00 25.66 ? 215 ARG A CA  1 
ATOM   337  C  C   . ARG A 1 45  ? -1.563  -8.672  9.882   1.00 24.11 ? 215 ARG A C   1 
ATOM   338  O  O   . ARG A 1 45  ? -1.263  -8.200  10.981  1.00 25.29 ? 215 ARG A O   1 
ATOM   339  C  CB  . ARG A 1 45  ? -2.762  -10.821 9.416   1.00 27.68 ? 215 ARG A CB  1 
ATOM   340  C  CG  . ARG A 1 45  ? -2.129  -11.588 10.561  1.00 30.16 ? 215 ARG A CG  1 
ATOM   341  C  CD  . ARG A 1 45  ? -2.331  -13.092 10.387  1.00 31.99 ? 215 ARG A CD  1 
ATOM   342  N  NE  . ARG A 1 45  ? -1.892  -13.591 9.079   1.00 33.77 ? 215 ARG A NE  1 
ATOM   343  C  CZ  . ARG A 1 45  ? -0.628  -13.832 8.716   1.00 33.51 ? 215 ARG A CZ  1 
ATOM   344  N  NH1 . ARG A 1 45  ? 0.390   -13.620 9.549   1.00 35.84 ? 215 ARG A NH1 1 
ATOM   345  N  NH2 . ARG A 1 45  ? -0.377  -14.294 7.493   1.00 33.90 ? 215 ARG A NH2 1 
ATOM   346  N  N   . VAL A 1 46  ? -0.743  -8.653  8.842   1.00 21.62 ? 216 VAL A N   1 
ATOM   347  C  CA  . VAL A 1 46  ? 0.632   -8.188  8.968   1.00 21.15 ? 216 VAL A CA  1 
ATOM   348  C  C   . VAL A 1 46  ? 0.666   -6.653  8.996   1.00 21.66 ? 216 VAL A C   1 
ATOM   349  O  O   . VAL A 1 46  ? 1.406   -6.060  9.779   1.00 21.96 ? 216 VAL A O   1 
ATOM   350  C  CB  . VAL A 1 46  ? 1.520   -8.740  7.829   1.00 21.54 ? 216 VAL A CB  1 
ATOM   351  C  CG1 . VAL A 1 46  ? 2.960   -8.304  8.007   1.00 21.88 ? 216 VAL A CG1 1 
ATOM   352  C  CG2 . VAL A 1 46  ? 1.447   -10.264 7.796   1.00 21.80 ? 216 VAL A CG2 1 
ATOM   353  N  N   . GLY A 1 47  ? -0.118  -6.029  8.124   1.00 21.87 ? 217 GLY A N   1 
ATOM   354  C  CA  . GLY A 1 47  ? -0.143  -4.565  8.005   1.00 22.67 ? 217 GLY A CA  1 
ATOM   355  C  C   . GLY A 1 47  ? -0.723  -3.872  9.214   1.00 23.90 ? 217 GLY A C   1 
ATOM   356  O  O   . GLY A 1 47  ? -0.280  -2.784  9.587   1.00 24.40 ? 217 GLY A O   1 
ATOM   357  N  N   . ASP A 1 48  ? -1.709  -4.489  9.851   1.00 24.14 ? 218 ASP A N   1 
ATOM   358  C  CA  . ASP A 1 48  ? -2.232  -3.917  11.079  1.00 25.71 ? 218 ASP A CA  1 
ATOM   359  C  C   . ASP A 1 48  ? -1.160  -3.966  12.180  1.00 23.65 ? 218 ASP A C   1 
ATOM   360  O  O   . ASP A 1 48  ? -1.006  -3.007  12.932  1.00 23.52 ? 218 ASP A O   1 
ATOM   361  C  CB  . ASP A 1 48  ? -3.543  -4.584  11.497  1.00 28.35 ? 218 ASP A CB  1 
ATOM   362  C  CG  . ASP A 1 48  ? -4.687  -4.368  10.475  1.00 31.37 ? 218 ASP A CG  1 
ATOM   363  O  OD1 . ASP A 1 48  ? -4.466  -3.896  9.321   1.00 31.27 ? 218 ASP A OD1 1 
ATOM   364  O  OD2 . ASP A 1 48  ? -5.833  -4.717  10.828  1.00 33.21 ? 218 ASP A OD2 1 
ATOM   365  N  N   . GLY A 1 49  ? -0.375  -5.048  12.241  1.00 21.71 ? 219 GLY A N   1 
ATOM   366  C  CA  . GLY A 1 49  ? 0.767   -5.111  13.149  1.00 20.13 ? 219 GLY A CA  1 
ATOM   367  C  C   . GLY A 1 49  ? 1.830   -4.056  12.878  1.00 19.90 ? 219 GLY A C   1 
ATOM   368  O  O   . GLY A 1 49  ? 2.329   -3.414  13.798  1.00 18.98 ? 219 GLY A O   1 
ATOM   369  N  N   . VAL A 1 50  ? 2.161   -3.875  11.601  1.00 19.36 ? 220 VAL A N   1 
ATOM   370  C  CA  . VAL A 1 50  ? 3.140   -2.870  11.204  1.00 19.14 ? 220 VAL A CA  1 
ATOM   371  C  C   . VAL A 1 50  ? 2.672   -1.480  11.635  1.00 18.99 ? 220 VAL A C   1 
ATOM   372  O  O   . VAL A 1 50  ? 3.452   -0.715  12.192  1.00 19.00 ? 220 VAL A O   1 
ATOM   373  C  CB  . VAL A 1 50  ? 3.446   -2.937  9.687   1.00 18.42 ? 220 VAL A CB  1 
ATOM   374  C  CG1 . VAL A 1 50  ? 4.232   -1.719  9.211   1.00 18.33 ? 220 VAL A CG1 1 
ATOM   375  C  CG2 . VAL A 1 50  ? 4.230   -4.204  9.371   1.00 18.45 ? 220 VAL A CG2 1 
ATOM   376  N  N   . GLN A 1 51  ? 1.404   -1.160  11.382  1.00 19.40 ? 221 GLN A N   1 
ATOM   377  C  CA  . GLN A 1 51  ? 0.869   0.144   11.784  1.00 20.23 ? 221 GLN A CA  1 
ATOM   378  C  C   . GLN A 1 51  ? 0.925   0.404   13.284  1.00 22.10 ? 221 GLN A C   1 
ATOM   379  O  O   . GLN A 1 51  ? 1.199   1.534   13.701  1.00 22.38 ? 221 GLN A O   1 
ATOM   380  C  CB  . GLN A 1 51  ? -0.560  0.314   11.305  1.00 20.21 ? 221 GLN A CB  1 
ATOM   381  C  CG  . GLN A 1 51  ? -0.662  0.487   9.806   1.00 20.34 ? 221 GLN A CG  1 
ATOM   382  C  CD  . GLN A 1 51  ? -2.096  0.610   9.387   1.00 20.81 ? 221 GLN A CD  1 
ATOM   383  O  OE1 . GLN A 1 51  ? -2.768  1.584   9.741   1.00 22.15 ? 221 GLN A OE1 1 
ATOM   384  N  NE2 . GLN A 1 51  ? -2.598  -0.380  8.675   1.00 19.85 ? 221 GLN A NE2 1 
ATOM   385  N  N   A ARG A 1 52  ? 0.654   -0.624  14.090  0.50 23.53 ? 222 ARG A N   1 
ATOM   386  N  N   B ARG A 1 52  ? 0.656   -0.630  14.082  0.50 22.95 ? 222 ARG A N   1 
ATOM   387  C  CA  A ARG A 1 52  ? 0.782   -0.508  15.546  0.50 25.08 ? 222 ARG A CA  1 
ATOM   388  C  CA  B ARG A 1 52  ? 0.764   -0.526  15.539  0.50 24.13 ? 222 ARG A CA  1 
ATOM   389  C  C   A ARG A 1 52  ? 2.224   -0.236  15.945  0.50 24.93 ? 222 ARG A C   1 
ATOM   390  C  C   B ARG A 1 52  ? 2.209   -0.271  15.972  0.50 24.40 ? 222 ARG A C   1 
ATOM   391  O  O   A ARG A 1 52  ? 2.503   0.706   16.688  0.50 26.04 ? 222 ARG A O   1 
ATOM   392  O  O   B ARG A 1 52  ? 2.469   0.631   16.769  0.50 25.62 ? 222 ARG A O   1 
ATOM   393  C  CB  A ARG A 1 52  ? 0.307   -1.785  16.242  0.50 26.79 ? 222 ARG A CB  1 
ATOM   394  C  CB  B ARG A 1 52  ? 0.224   -1.797  16.210  0.50 24.98 ? 222 ARG A CB  1 
ATOM   395  C  CG  A ARG A 1 52  ? -1.175  -2.067  16.094  0.50 28.50 ? 222 ARG A CG  1 
ATOM   396  C  CG  B ARG A 1 52  ? -1.284  -1.964  16.086  0.50 25.81 ? 222 ARG A CG  1 
ATOM   397  C  CD  A ARG A 1 52  ? -1.574  -3.308  16.882  0.50 30.25 ? 222 ARG A CD  1 
ATOM   398  C  CD  B ARG A 1 52  ? -1.828  -3.090  16.965  0.50 26.74 ? 222 ARG A CD  1 
ATOM   399  N  NE  A ARG A 1 52  ? -2.181  -4.325  16.031  0.50 31.20 ? 222 ARG A NE  1 
ATOM   400  N  NE  B ARG A 1 52  ? -1.255  -4.406  16.670  0.50 26.73 ? 222 ARG A NE  1 
ATOM   401  C  CZ  A ARG A 1 52  ? -3.367  -4.210  15.445  0.50 32.40 ? 222 ARG A CZ  1 
ATOM   402  C  CZ  B ARG A 1 52  ? -1.767  -5.266  15.792  0.50 26.93 ? 222 ARG A CZ  1 
ATOM   403  N  NH1 A ARG A 1 52  ? -4.099  -3.116  15.613  0.50 32.85 ? 222 ARG A NH1 1 
ATOM   404  N  NH1 B ARG A 1 52  ? -1.185  -6.440  15.592  0.50 26.83 ? 222 ARG A NH1 1 
ATOM   405  N  NH2 A ARG A 1 52  ? -3.825  -5.198  14.689  0.50 32.60 ? 222 ARG A NH2 1 
ATOM   406  N  NH2 B ARG A 1 52  ? -2.852  -4.944  15.099  0.50 27.35 ? 222 ARG A NH2 1 
ATOM   407  N  N   . ASN A 1 53  ? 3.134   -1.055  15.426  1.00 24.49 ? 223 ASN A N   1 
ATOM   408  C  CA  . ASN A 1 53  ? 4.551   -0.972  15.777  1.00 24.85 ? 223 ASN A CA  1 
ATOM   409  C  C   . ASN A 1 53  ? 5.288   0.259   15.211  1.00 24.25 ? 223 ASN A C   1 
ATOM   410  O  O   . ASN A 1 53  ? 6.290   0.693   15.800  1.00 26.48 ? 223 ASN A O   1 
ATOM   411  C  CB  . ASN A 1 53  ? 5.286   -2.256  15.349  1.00 25.55 ? 223 ASN A CB  1 
ATOM   412  C  CG  . ASN A 1 53  ? 4.667   -3.532  15.940  1.00 26.69 ? 223 ASN A CG  1 
ATOM   413  O  OD1 . ASN A 1 53  ? 4.053   -3.509  17.006  1.00 30.12 ? 223 ASN A OD1 1 
ATOM   414  N  ND2 . ASN A 1 53  ? 4.804   -4.641  15.223  1.00 27.30 ? 223 ASN A ND2 1 
ATOM   415  N  N   A HIS A 1 54  ? 4.787   0.804   14.093  0.60 22.44 ? 224 HIS A N   1 
ATOM   416  N  N   B HIS A 1 54  ? 4.831   0.803   14.085  0.40 22.92 ? 224 HIS A N   1 
ATOM   417  C  CA  A HIS A 1 54  ? 5.437   1.913   13.354  0.60 21.84 ? 224 HIS A CA  1 
ATOM   418  C  CA  B HIS A 1 54  ? 5.527   1.936   13.461  0.40 22.25 ? 224 HIS A CA  1 
ATOM   419  C  C   A HIS A 1 54  ? 4.767   3.277   13.499  0.60 21.03 ? 224 HIS A C   1 
ATOM   420  C  C   B HIS A 1 54  ? 4.708   3.233   13.436  0.40 21.61 ? 224 HIS A C   1 
ATOM   421  O  O   A HIS A 1 54  ? 5.131   4.224   12.791  0.60 19.49 ? 224 HIS A O   1 
ATOM   422  O  O   B HIS A 1 54  ? 4.919   4.083   12.569  0.40 20.80 ? 224 HIS A O   1 
ATOM   423  C  CB  A HIS A 1 54  ? 5.475   1.586   11.862  0.60 21.44 ? 224 HIS A CB  1 
ATOM   424  C  CB  B HIS A 1 54  ? 6.030   1.529   12.075  0.40 21.88 ? 224 HIS A CB  1 
ATOM   425  C  CG  A HIS A 1 54  ? 6.415   0.487   11.523  0.60 21.26 ? 224 HIS A CG  1 
ATOM   426  C  CG  B HIS A 1 54  ? 7.048   0.435   12.125  0.40 21.96 ? 224 HIS A CG  1 
ATOM   427  N  ND1 A HIS A 1 54  ? 6.417   -0.725  12.178  0.60 21.56 ? 224 HIS A ND1 1 
ATOM   428  N  ND1 B HIS A 1 54  ? 6.771   -0.859  11.742  0.40 21.52 ? 224 HIS A ND1 1 
ATOM   429  C  CD2 A HIS A 1 54  ? 7.397   0.421   10.601  0.60 21.20 ? 224 HIS A CD2 1 
ATOM   430  C  CD2 B HIS A 1 54  ? 8.326   0.428   12.575  0.40 21.47 ? 224 HIS A CD2 1 
ATOM   431  C  CE1 A HIS A 1 54  ? 7.364   -1.491  11.673  0.60 21.59 ? 224 HIS A CE1 1 
ATOM   432  C  CE1 B HIS A 1 54  ? 7.844   -1.609  11.923  0.40 21.91 ? 224 HIS A CE1 1 
ATOM   433  N  NE2 A HIS A 1 54  ? 7.975   -0.819  10.717  0.60 21.56 ? 224 HIS A NE2 1 
ATOM   434  N  NE2 B HIS A 1 54  ? 8.801   -0.853  12.428  0.40 21.80 ? 224 HIS A NE2 1 
ATOM   435  N  N   . GLU A 1 55  ? 3.799   3.380   14.405  1.00 21.62 ? 225 GLU A N   1 
ATOM   436  C  CA  . GLU A 1 55  ? 3.046   4.629   14.634  1.00 22.77 ? 225 GLU A CA  1 
ATOM   437  C  C   . GLU A 1 55  ? 3.945   5.867   14.692  1.00 22.79 ? 225 GLU A C   1 
ATOM   438  O  O   . GLU A 1 55  ? 3.698   6.843   13.984  1.00 21.06 ? 225 GLU A O   1 
ATOM   439  C  CB  . GLU A 1 55  ? 2.232   4.494   15.945  1.00 25.18 ? 225 GLU A CB  1 
ATOM   440  C  CG  . GLU A 1 55  ? 1.614   5.769   16.528  1.00 26.38 ? 225 GLU A CG  1 
ATOM   441  C  CD  . GLU A 1 55  ? 0.484   6.372   15.699  1.00 27.44 ? 225 GLU A CD  1 
ATOM   442  O  OE1 . GLU A 1 55  ? 0.139   7.554   15.951  1.00 28.39 ? 225 GLU A OE1 1 
ATOM   443  O  OE2 . GLU A 1 55  ? -0.083  5.687   14.817  1.00 29.09 ? 225 GLU A OE2 1 
ATOM   444  N  N   . THR A 1 56  ? 4.983   5.811   15.530  1.00 23.65 ? 226 THR A N   1 
ATOM   445  C  CA  . THR A 1 56  ? 5.903   6.941   15.721  1.00 24.54 ? 226 THR A CA  1 
ATOM   446  C  C   . THR A 1 56  ? 6.555   7.377   14.413  1.00 24.04 ? 226 THR A C   1 
ATOM   447  O  O   . THR A 1 56  ? 6.526   8.559   14.060  1.00 23.54 ? 226 THR A O   1 
ATOM   448  C  CB  . THR A 1 56  ? 7.015   6.600   16.752  1.00 26.66 ? 226 THR A CB  1 
ATOM   449  O  OG1 . THR A 1 56  ? 6.414   6.297   18.014  1.00 28.54 ? 226 THR A OG1 1 
ATOM   450  C  CG2 . THR A 1 56  ? 7.993   7.758   16.931  1.00 27.27 ? 226 THR A CG2 1 
ATOM   451  N  N   . ALA A 1 57  ? 7.125   6.409   13.694  1.00 22.17 ? 227 ALA A N   1 
ATOM   452  C  CA  . ALA A 1 57  ? 7.807   6.666   12.437  1.00 21.32 ? 227 ALA A CA  1 
ATOM   453  C  C   . ALA A 1 57  ? 6.831   7.186   11.377  1.00 19.41 ? 227 ALA A C   1 
ATOM   454  O  O   . ALA A 1 57  ? 7.159   8.114   10.644  1.00 18.51 ? 227 ALA A O   1 
ATOM   455  C  CB  . ALA A 1 57  ? 8.513   5.410   11.942  1.00 21.65 ? 227 ALA A CB  1 
ATOM   456  N  N   . PHE A 1 58  ? 5.644   6.585   11.324  1.00 19.14 ? 228 PHE A N   1 
ATOM   457  C  CA  . PHE A 1 58  ? 4.618   6.989   10.367  1.00 18.34 ? 228 PHE A CA  1 
ATOM   458  C  C   . PHE A 1 58  ? 4.100   8.409   10.639  1.00 18.62 ? 228 PHE A C   1 
ATOM   459  O  O   . PHE A 1 58  ? 3.953   9.205   9.701   1.00 17.76 ? 228 PHE A O   1 
ATOM   460  C  CB  . PHE A 1 58  ? 3.455   5.979   10.324  1.00 18.00 ? 228 PHE A CB  1 
ATOM   461  C  CG  . PHE A 1 58  ? 3.778   4.654   9.660   1.00 16.72 ? 228 PHE A CG  1 
ATOM   462  C  CD1 . PHE A 1 58  ? 5.032   4.355   9.092   1.00 16.30 ? 228 PHE A CD1 1 
ATOM   463  C  CD2 . PHE A 1 58  ? 2.773   3.708   9.549   1.00 16.63 ? 228 PHE A CD2 1 
ATOM   464  C  CE1 . PHE A 1 58  ? 5.263   3.126   8.466   1.00 16.25 ? 228 PHE A CE1 1 
ATOM   465  C  CE2 . PHE A 1 58  ? 2.998   2.496   8.915   1.00 15.98 ? 228 PHE A CE2 1 
ATOM   466  C  CZ  . PHE A 1 58  ? 4.242   2.204   8.378   1.00 16.22 ? 228 PHE A CZ  1 
ATOM   467  N  N   . GLN A 1 59  ? 3.852   8.747   11.908  1.00 18.99 ? 229 GLN A N   1 
ATOM   468  C  CA  . GLN A 1 59  ? 3.475   10.127  12.258  1.00 19.95 ? 229 GLN A CA  1 
ATOM   469  C  C   . GLN A 1 59  ? 4.560   11.141  11.907  1.00 19.34 ? 229 GLN A C   1 
ATOM   470  O  O   . GLN A 1 59  ? 4.250   12.241  11.440  1.00 20.48 ? 229 GLN A O   1 
ATOM   471  C  CB  . GLN A 1 59  ? 3.139   10.265  13.744  1.00 20.34 ? 229 GLN A CB  1 
ATOM   472  C  CG  . GLN A 1 59  ? 1.861   9.588   14.185  1.00 21.37 ? 229 GLN A CG  1 
ATOM   473  C  CD  . GLN A 1 59  ? 0.594   10.241  13.655  1.00 21.83 ? 229 GLN A CD  1 
ATOM   474  O  OE1 . GLN A 1 59  ? 0.626   11.247  12.937  1.00 23.82 ? 229 GLN A OE1 1 
ATOM   475  N  NE2 . GLN A 1 59  ? -0.529  9.654   13.997  1.00 22.24 ? 229 GLN A NE2 1 
ATOM   476  N  N   . GLY A 1 60  ? 5.822   10.769  12.135  1.00 19.92 ? 230 GLY A N   1 
ATOM   477  C  CA  . GLY A 1 60  ? 6.969   11.597  11.781  1.00 19.93 ? 230 GLY A CA  1 
ATOM   478  C  C   . GLY A 1 60  ? 7.013   11.875  10.293  1.00 20.59 ? 230 GLY A C   1 
ATOM   479  O  O   . GLY A 1 60  ? 7.181   13.005  9.876   1.00 19.94 ? 230 GLY A O   1 
ATOM   480  N  N   . MET A 1 61  ? 6.820   10.834  9.491   1.00 19.90 ? 231 MET A N   1 
ATOM   481  C  CA  . MET A 1 61  ? 6.838   10.983  8.046   1.00 20.44 ? 231 MET A CA  1 
ATOM   482  C  C   . MET A 1 61  ? 5.639   11.811  7.575   1.00 19.72 ? 231 MET A C   1 
ATOM   483  O  O   . MET A 1 61  ? 5.802   12.698  6.749   1.00 19.78 ? 231 MET A O   1 
ATOM   484  C  CB  . MET A 1 61  ? 6.855   9.605   7.375   1.00 21.94 ? 231 MET A CB  1 
ATOM   485  C  CG  . MET A 1 61  ? 7.035   9.635   5.868   1.00 23.43 ? 231 MET A CG  1 
ATOM   486  S  SD  . MET A 1 61  ? 8.617   10.295  5.322   1.00 27.54 ? 231 MET A SD  1 
ATOM   487  C  CE  . MET A 1 61  ? 9.717   8.953   5.770   1.00 27.98 ? 231 MET A CE  1 
ATOM   488  N  N   . LEU A 1 62  ? 4.445   11.541  8.107   1.00 19.40 ? 232 LEU A N   1 
ATOM   489  C  CA  . LEU A 1 62  ? 3.254   12.319  7.725   1.00 20.90 ? 232 LEU A CA  1 
ATOM   490  C  C   . LEU A 1 62  ? 3.389   13.808  8.037   1.00 20.58 ? 232 LEU A C   1 
ATOM   491  O  O   . LEU A 1 62  ? 2.988   14.641  7.221   1.00 20.56 ? 232 LEU A O   1 
ATOM   492  C  CB  . LEU A 1 62  ? 1.993   11.763  8.393   1.00 23.20 ? 232 LEU A CB  1 
ATOM   493  C  CG  . LEU A 1 62  ? 0.648   12.450  8.130   1.00 24.24 ? 232 LEU A CG  1 
ATOM   494  C  CD1 . LEU A 1 62  ? 0.310   12.469  6.644   1.00 25.34 ? 232 LEU A CD1 1 
ATOM   495  C  CD2 . LEU A 1 62  ? -0.439  11.737  8.924   1.00 25.39 ? 232 LEU A CD2 1 
ATOM   496  N  N   A ARG A 1 63  ? 3.944   14.144  9.204   0.50 20.12 ? 233 ARG A N   1 
ATOM   497  N  N   B ARG A 1 63  ? 3.952   14.139  9.199   0.50 20.14 ? 233 ARG A N   1 
ATOM   498  C  CA  A ARG A 1 63  ? 4.185   15.538  9.562   0.50 20.70 ? 233 ARG A CA  1 
ATOM   499  C  CA  B ARG A 1 63  ? 4.180   15.527  9.572   0.50 20.72 ? 233 ARG A CA  1 
ATOM   500  C  C   A ARG A 1 63  ? 5.130   16.204  8.571   0.50 20.88 ? 233 ARG A C   1 
ATOM   501  C  C   B ARG A 1 63  ? 5.162   16.226  8.630   0.50 21.00 ? 233 ARG A C   1 
ATOM   502  O  O   A ARG A 1 63  ? 4.868   17.307  8.104   0.50 20.83 ? 233 ARG A O   1 
ATOM   503  O  O   B ARG A 1 63  ? 4.971   17.389  8.282   0.50 21.08 ? 233 ARG A O   1 
ATOM   504  C  CB  A ARG A 1 63  ? 4.766   15.663  10.974  0.50 20.95 ? 233 ARG A CB  1 
ATOM   505  C  CB  B ARG A 1 63  ? 4.702   15.618  11.005  0.50 20.94 ? 233 ARG A CB  1 
ATOM   506  C  CG  A ARG A 1 63  ? 4.936   17.108  11.416  0.50 21.27 ? 233 ARG A CG  1 
ATOM   507  C  CG  B ARG A 1 63  ? 4.871   17.045  11.481  0.50 21.13 ? 233 ARG A CG  1 
ATOM   508  C  CD  A ARG A 1 63  ? 5.551   17.235  12.799  0.50 21.40 ? 233 ARG A CD  1 
ATOM   509  C  CD  B ARG A 1 63  ? 5.527   17.114  12.845  0.50 21.20 ? 233 ARG A CD  1 
ATOM   510  N  NE  A ARG A 1 63  ? 7.002   17.070  12.781  0.50 21.80 ? 233 ARG A NE  1 
ATOM   511  N  NE  B ARG A 1 63  ? 6.242   18.372  13.014  0.50 21.63 ? 233 ARG A NE  1 
ATOM   512  C  CZ  A ARG A 1 63  ? 7.630   15.968  13.176  0.50 21.79 ? 233 ARG A CZ  1 
ATOM   513  C  CZ  B ARG A 1 63  ? 7.561   18.498  12.914  0.50 21.31 ? 233 ARG A CZ  1 
ATOM   514  N  NH1 A ARG A 1 63  ? 6.931   14.939  13.625  0.50 22.56 ? 233 ARG A NH1 1 
ATOM   515  N  NH1 B ARG A 1 63  ? 8.124   19.685  13.080  0.50 21.71 ? 233 ARG A NH1 1 
ATOM   516  N  NH2 A ARG A 1 63  ? 8.954   15.901  13.136  0.50 22.01 ? 233 ARG A NH2 1 
ATOM   517  N  NH2 B ARG A 1 63  ? 8.314   17.438  12.655  0.50 20.84 ? 233 ARG A NH2 1 
ATOM   518  N  N   . LYS A 1 64  ? 6.220   15.517  8.241   1.00 21.27 ? 234 LYS A N   1 
ATOM   519  C  CA  . LYS A 1 64  ? 7.226   16.072  7.336   1.00 22.50 ? 234 LYS A CA  1 
ATOM   520  C  C   . LYS A 1 64  ? 6.710   16.279  5.922   1.00 24.07 ? 234 LYS A C   1 
ATOM   521  O  O   . LYS A 1 64  ? 7.036   17.280  5.278   1.00 25.32 ? 234 LYS A O   1 
ATOM   522  C  CB  . LYS A 1 64  ? 8.466   15.194  7.333   1.00 22.75 ? 234 LYS A CB  1 
ATOM   523  C  CG  . LYS A 1 64  ? 9.198   15.298  8.650   1.00 23.67 ? 234 LYS A CG  1 
ATOM   524  C  CD  . LYS A 1 64  ? 10.425  14.439  8.684   1.00 24.51 ? 234 LYS A CD  1 
ATOM   525  C  CE  . LYS A 1 64  ? 11.129  14.625  10.009  1.00 24.38 ? 234 LYS A CE  1 
ATOM   526  N  NZ  . LYS A 1 64  ? 12.248  13.670  10.112  1.00 25.25 ? 234 LYS A NZ  1 
ATOM   527  N  N   . LEU A 1 65  ? 5.896   15.344  5.451   1.00 25.67 ? 235 LEU A N   1 
ATOM   528  C  CA  . LEU A 1 65  ? 5.326   15.435  4.107   1.00 27.92 ? 235 LEU A CA  1 
ATOM   529  C  C   . LEU A 1 65  ? 4.124   16.373  4.031   1.00 29.66 ? 235 LEU A C   1 
ATOM   530  O  O   . LEU A 1 65  ? 3.883   16.966  2.976   1.00 31.61 ? 235 LEU A O   1 
ATOM   531  C  CB  . LEU A 1 65  ? 4.972   14.039  3.596   1.00 28.41 ? 235 LEU A CB  1 
ATOM   532  C  CG  . LEU A 1 65  ? 6.155   13.060  3.550   1.00 29.45 ? 235 LEU A CG  1 
ATOM   533  C  CD1 . LEU A 1 65  ? 5.722   11.760  2.908   1.00 29.29 ? 235 LEU A CD1 1 
ATOM   534  C  CD2 . LEU A 1 65  ? 7.387   13.624  2.847   1.00 29.66 ? 235 LEU A CD2 1 
ATOM   535  N  N   . ASP A 1 66  ? 3.388   16.516  5.137   1.00 30.37 ? 236 ASP A N   1 
ATOM   536  C  CA  . ASP A 1 66  ? 2.259   17.443  5.234   1.00 32.51 ? 236 ASP A CA  1 
ATOM   537  C  C   . ASP A 1 66  ? 1.270   17.232  4.082   1.00 31.45 ? 236 ASP A C   1 
ATOM   538  O  O   . ASP A 1 66  ? 1.070   18.111  3.248   1.00 31.69 ? 236 ASP A O   1 
ATOM   539  C  CB  . ASP A 1 66  ? 2.765   18.894  5.278   1.00 34.82 ? 236 ASP A CB  1 
ATOM   540  C  CG  . ASP A 1 66  ? 1.672   19.891  5.642   1.00 36.39 ? 236 ASP A CG  1 
ATOM   541  O  OD1 . ASP A 1 66  ? 0.827   19.583  6.510   1.00 38.51 ? 236 ASP A OD1 1 
ATOM   542  O  OD2 . ASP A 1 66  ? 1.660   20.994  5.053   1.00 39.72 ? 236 ASP A OD2 1 
ATOM   543  N  N   . ILE A 1 67  ? 0.679   16.043  4.051   1.00 29.31 ? 237 ILE A N   1 
ATOM   544  C  CA  . ILE A 1 67  ? -0.229  15.637  2.980   1.00 29.84 ? 237 ILE A CA  1 
ATOM   545  C  C   . ILE A 1 67  ? -1.632  16.076  3.390   1.00 30.61 ? 237 ILE A C   1 
ATOM   546  O  O   . ILE A 1 67  ? -2.170  15.565  4.374   1.00 32.17 ? 237 ILE A O   1 
ATOM   547  C  CB  . ILE A 1 67  ? -0.187  14.103  2.779   1.00 29.15 ? 237 ILE A CB  1 
ATOM   548  C  CG1 . ILE A 1 67  ? 1.236   13.630  2.452   1.00 30.09 ? 237 ILE A CG1 1 
ATOM   549  C  CG2 . ILE A 1 67  ? -1.164  13.664  1.689   1.00 29.21 ? 237 ILE A CG2 1 
ATOM   550  C  CD1 . ILE A 1 67  ? 1.487   12.178  2.791   1.00 30.20 ? 237 ILE A CD1 1 
ATOM   551  N  N   . LYS A 1 68  ? -2.212  17.024  2.654   1.00 31.24 ? 238 LYS A N   1 
ATOM   552  C  CA  . LYS A 1 68  ? -3.557  17.555  2.967   1.00 32.19 ? 238 LYS A CA  1 
ATOM   553  C  C   . LYS A 1 68  ? -4.575  17.601  1.809   1.00 30.77 ? 238 LYS A C   1 
ATOM   554  O  O   . LYS A 1 68  ? -5.738  17.929  2.038   1.00 30.69 ? 238 LYS A O   1 
ATOM   555  C  CB  . LYS A 1 68  ? -3.438  18.938  3.622   1.00 34.64 ? 238 LYS A CB  1 
ATOM   556  C  CG  . LYS A 1 68  ? -2.762  20.017  2.780   1.00 35.47 ? 238 LYS A CG  1 
ATOM   557  C  CD  . LYS A 1 68  ? -1.733  20.809  3.587   1.00 37.56 ? 238 LYS A CD  1 
ATOM   558  C  CE  . LYS A 1 68  ? -0.774  21.596  2.704   1.00 37.90 ? 238 LYS A CE  1 
ATOM   559  N  NZ  . LYS A 1 68  ? 0.422   20.807  2.283   1.00 37.97 ? 238 LYS A NZ  1 
ATOM   560  N  N   . ASN A 1 69  ? -4.164  17.264  0.586   1.00 28.70 ? 239 ASN A N   1 
ATOM   561  C  CA  . ASN A 1 69  ? -5.059  17.391  -0.573  1.00 27.17 ? 239 ASN A CA  1 
ATOM   562  C  C   . ASN A 1 69  ? -4.522  16.617  -1.777  1.00 27.10 ? 239 ASN A C   1 
ATOM   563  O  O   . ASN A 1 69  ? -3.472  15.985  -1.690  1.00 24.89 ? 239 ASN A O   1 
ATOM   564  C  CB  . ASN A 1 69  ? -5.260  18.874  -0.923  1.00 26.90 ? 239 ASN A CB  1 
ATOM   565  C  CG  . ASN A 1 69  ? -3.956  19.588  -1.194  1.00 27.14 ? 239 ASN A CG  1 
ATOM   566  O  OD1 . ASN A 1 69  ? -3.076  19.065  -1.873  1.00 26.36 ? 239 ASN A OD1 1 
ATOM   567  N  ND2 . ASN A 1 69  ? -3.820  20.795  -0.655  1.00 29.30 ? 239 ASN A ND2 1 
ATOM   568  N  N   . GLU A 1 70  ? -5.237  16.670  -2.902  1.00 26.12 ? 240 GLU A N   1 
ATOM   569  C  CA  . GLU A 1 70  ? -4.848  15.888  -4.087  1.00 26.03 ? 240 GLU A CA  1 
ATOM   570  C  C   . GLU A 1 70  ? -3.502  16.284  -4.712  1.00 24.47 ? 240 GLU A C   1 
ATOM   571  O  O   . GLU A 1 70  ? -2.817  15.435  -5.278  1.00 23.92 ? 240 GLU A O   1 
ATOM   572  C  CB  . GLU A 1 70  ? -5.958  15.881  -5.147  1.00 27.45 ? 240 GLU A CB  1 
ATOM   573  C  CG  . GLU A 1 70  ? -6.226  17.209  -5.838  1.00 28.89 ? 240 GLU A CG  1 
ATOM   574  C  CD  . GLU A 1 70  ? -7.270  17.097  -6.941  1.00 29.83 ? 240 GLU A CD  1 
ATOM   575  O  OE1 . GLU A 1 70  ? -8.126  18.007  -7.030  1.00 31.21 ? 240 GLU A OE1 1 
ATOM   576  O  OE2 . GLU A 1 70  ? -7.236  16.108  -7.718  1.00 29.36 ? 240 GLU A OE2 1 
ATOM   577  N  N   . ASP A 1 71  ? -3.120  17.557  -4.613  1.00 24.61 ? 241 ASP A N   1 
ATOM   578  C  CA  . ASP A 1 71  ? -1.822  18.007  -5.132  1.00 26.77 ? 241 ASP A CA  1 
ATOM   579  C  C   . ASP A 1 71  ? -0.662  17.357  -4.375  1.00 24.95 ? 241 ASP A C   1 
ATOM   580  O  O   . ASP A 1 71  ? 0.320   16.945  -4.989  1.00 25.11 ? 241 ASP A O   1 
ATOM   581  C  CB  . ASP A 1 71  ? -1.692  19.536  -5.073  1.00 29.06 ? 241 ASP A CB  1 
ATOM   582  C  CG  . ASP A 1 71  ? -2.671  20.250  -6.003  1.00 32.73 ? 241 ASP A CG  1 
ATOM   583  O  OD1 . ASP A 1 71  ? -3.025  19.684  -7.063  1.00 34.87 ? 241 ASP A OD1 1 
ATOM   584  O  OD2 . ASP A 1 71  ? -3.077  21.383  -5.667  1.00 36.31 ? 241 ASP A OD2 1 
ATOM   585  N  N   . ASP A 1 72  ? -0.793  17.264  -3.053  1.00 24.76 ? 242 ASP A N   1 
ATOM   586  C  CA  . ASP A 1 72  ? 0.217   16.594  -2.223  1.00 24.39 ? 242 ASP A CA  1 
ATOM   587  C  C   . ASP A 1 72  ? 0.244   15.098  -2.539  1.00 23.44 ? 242 ASP A C   1 
ATOM   588  O  O   . ASP A 1 72  ? 1.316   14.501  -2.604  1.00 23.12 ? 242 ASP A O   1 
ATOM   589  C  CB  . ASP A 1 72  ? -0.052  16.775  -0.724  1.00 25.34 ? 242 ASP A CB  1 
ATOM   590  C  CG  . ASP A 1 72  ? -0.093  18.237  -0.276  1.00 27.36 ? 242 ASP A CG  1 
ATOM   591  O  OD1 . ASP A 1 72  ? 0.558   19.111  -0.890  1.00 28.55 ? 242 ASP A OD1 1 
ATOM   592  O  OD2 . ASP A 1 72  ? -0.789  18.503  0.729   1.00 27.88 ? 242 ASP A OD2 1 
ATOM   593  N  N   . VAL A 1 73  ? -0.931  14.496  -2.750  1.00 23.52 ? 243 VAL A N   1 
ATOM   594  C  CA  . VAL A 1 73  ? -0.994  13.060  -3.096  1.00 25.11 ? 243 VAL A CA  1 
ATOM   595  C  C   . VAL A 1 73  ? -0.344  12.777  -4.462  1.00 25.94 ? 243 VAL A C   1 
ATOM   596  O  O   . VAL A 1 73  ? 0.352   11.781  -4.607  1.00 26.85 ? 243 VAL A O   1 
ATOM   597  C  CB  . VAL A 1 73  ? -2.439  12.502  -2.994  1.00 25.50 ? 243 VAL A CB  1 
ATOM   598  C  CG1 . VAL A 1 73  ? -2.541  11.095  -3.574  1.00 25.73 ? 243 VAL A CG1 1 
ATOM   599  C  CG2 . VAL A 1 73  ? -2.882  12.512  -1.539  1.00 25.52 ? 243 VAL A CG2 1 
ATOM   600  N  N   . LYS A 1 74  ? -0.534  13.668  -5.436  1.00 27.82 ? 244 LYS A N   1 
ATOM   601  C  CA  . LYS A 1 74  ? 0.089   13.521  -6.763  1.00 29.59 ? 244 LYS A CA  1 
ATOM   602  C  C   . LYS A 1 74  ? 1.607   13.692  -6.785  1.00 29.83 ? 244 LYS A C   1 
ATOM   603  O  O   . LYS A 1 74  ? 2.261   13.181  -7.685  1.00 31.18 ? 244 LYS A O   1 
ATOM   604  C  CB  . LYS A 1 74  ? -0.550  14.482  -7.769  1.00 32.49 ? 244 LYS A CB  1 
ATOM   605  C  CG  . LYS A 1 74  ? -1.970  14.091  -8.117  1.00 34.05 ? 244 LYS A CG  1 
ATOM   606  C  CD  . LYS A 1 74  ? -2.746  15.249  -8.716  1.00 36.06 ? 244 LYS A CD  1 
ATOM   607  C  CE  . LYS A 1 74  ? -4.209  14.887  -8.858  1.00 36.63 ? 244 LYS A CE  1 
ATOM   608  N  NZ  . LYS A 1 74  ? -4.986  16.041  -9.378  1.00 35.82 ? 244 LYS A NZ  1 
ATOM   609  N  N   . SER A 1 75  ? 2.163   14.410  -5.811  1.00 30.02 ? 245 SER A N   1 
ATOM   610  C  CA  . SER A 1 75  ? 3.619   14.564  -5.699  1.00 30.04 ? 245 SER A CA  1 
ATOM   611  C  C   . SER A 1 75  ? 4.264   13.481  -4.816  1.00 28.65 ? 245 SER A C   1 
ATOM   612  O  O   . SER A 1 75  ? 5.488   13.411  -4.721  1.00 28.42 ? 245 SER A O   1 
ATOM   613  C  CB  . SER A 1 75  ? 3.955   15.955  -5.165  1.00 33.19 ? 245 SER A CB  1 
ATOM   614  O  OG  . SER A 1 75  ? 3.524   16.113  -3.829  1.00 35.68 ? 245 SER A OG  1 
ATOM   615  N  N   . LEU A 1 76  ? 3.444   12.629  -4.196  1.00 25.95 ? 246 LEU A N   1 
ATOM   616  C  CA  . LEU A 1 76  ? 3.920   11.662  -3.212  1.00 24.77 ? 246 LEU A CA  1 
ATOM   617  C  C   . LEU A 1 76  ? 4.843   10.591  -3.792  1.00 23.66 ? 246 LEU A C   1 
ATOM   618  O  O   . LEU A 1 76  ? 5.846   10.253  -3.156  1.00 22.70 ? 246 LEU A O   1 
ATOM   619  C  CB  . LEU A 1 76  ? 2.733   11.003  -2.492  1.00 24.43 ? 246 LEU A CB  1 
ATOM   620  C  CG  . LEU A 1 76  ? 3.062   10.076  -1.319  1.00 25.17 ? 246 LEU A CG  1 
ATOM   621  C  CD1 . LEU A 1 76  ? 3.756   10.826  -0.185  1.00 24.50 ? 246 LEU A CD1 1 
ATOM   622  C  CD2 . LEU A 1 76  ? 1.800   9.393   -0.822  1.00 25.83 ? 246 LEU A CD2 1 
ATOM   623  N  N   . SER A 1 77  ? 4.539   10.071  -4.983  1.00 23.45 ? 247 SER A N   1 
ATOM   624  C  CA  . SER A 1 77  ? 5.359   8.992   -5.557  1.00 24.28 ? 247 SER A CA  1 
ATOM   625  C  C   . SER A 1 77  ? 6.836   9.394   -5.720  1.00 22.94 ? 247 SER A C   1 
ATOM   626  O  O   . SER A 1 77  ? 7.727   8.587   -5.499  1.00 22.27 ? 247 SER A O   1 
ATOM   627  C  CB  . SER A 1 77  ? 4.768   8.468   -6.876  1.00 25.75 ? 247 SER A CB  1 
ATOM   628  O  OG  . SER A 1 77  ? 4.838   9.428   -7.899  1.00 27.08 ? 247 SER A OG  1 
ATOM   629  N  N   . ARG A 1 78  ? 7.093   10.661  -6.041  1.00 23.65 ? 248 ARG A N   1 
ATOM   630  C  CA  . ARG A 1 78  ? 8.472   11.143  -6.151  1.00 23.51 ? 248 ARG A CA  1 
ATOM   631  C  C   . ARG A 1 78  ? 9.229   11.037  -4.815  1.00 22.04 ? 248 ARG A C   1 
ATOM   632  O  O   . ARG A 1 78  ? 10.393  10.626  -4.773  1.00 22.25 ? 248 ARG A O   1 
ATOM   633  C  CB  . ARG A 1 78  ? 8.493   12.596  -6.655  1.00 26.45 ? 248 ARG A CB  1 
ATOM   634  C  CG  . ARG A 1 78  ? 9.605   12.892  -7.634  1.00 28.51 ? 248 ARG A CG  1 
ATOM   635  C  CD  . ARG A 1 78  ? 9.460   14.290  -8.212  1.00 29.08 ? 248 ARG A CD  1 
ATOM   636  N  NE  . ARG A 1 78  ? 9.534   14.298  -9.673  1.00 31.71 ? 248 ARG A NE  1 
ATOM   637  C  CZ  . ARG A 1 78  ? 9.247   15.348  -10.441 1.00 32.56 ? 248 ARG A CZ  1 
ATOM   638  N  NH1 . ARG A 1 78  ? 9.354   15.241  -11.762 1.00 34.93 ? 248 ARG A NH1 1 
ATOM   639  N  NH2 . ARG A 1 78  ? 8.860   16.509  -9.909  1.00 32.98 ? 248 ARG A NH2 1 
ATOM   640  N  N   . VAL A 1 79  ? 8.547   11.379  -3.732  1.00 20.40 ? 249 VAL A N   1 
ATOM   641  C  CA  . VAL A 1 79  ? 9.122   11.260  -2.397  1.00 21.18 ? 249 VAL A CA  1 
ATOM   642  C  C   . VAL A 1 79  ? 9.249   9.791   -2.007  1.00 20.08 ? 249 VAL A C   1 
ATOM   643  O  O   . VAL A 1 79  ? 10.286  9.357   -1.515  1.00 18.78 ? 249 VAL A O   1 
ATOM   644  C  CB  . VAL A 1 79  ? 8.271   12.006  -1.345  1.00 22.70 ? 249 VAL A CB  1 
ATOM   645  C  CG1 . VAL A 1 79  ? 8.812   11.770  0.057   1.00 24.00 ? 249 VAL A CG1 1 
ATOM   646  C  CG2 . VAL A 1 79  ? 8.245   13.501  -1.668  1.00 24.35 ? 249 VAL A CG2 1 
ATOM   647  N  N   . MET A 1 80  ? 8.187   9.026   -2.226  1.00 19.64 ? 250 MET A N   1 
ATOM   648  C  CA  . MET A 1 80  ? 8.183   7.650   -1.755  1.00 20.46 ? 250 MET A CA  1 
ATOM   649  C  C   . MET A 1 80  ? 9.091   6.734   -2.559  1.00 19.56 ? 250 MET A C   1 
ATOM   650  O  O   . MET A 1 80  ? 9.575   5.761   -2.007  1.00 19.72 ? 250 MET A O   1 
ATOM   651  C  CB  . MET A 1 80  ? 6.760   7.091   -1.647  1.00 21.11 ? 250 MET A CB  1 
ATOM   652  C  CG  . MET A 1 80  ? 5.899   7.811   -0.609  1.00 21.98 ? 250 MET A CG  1 
ATOM   653  S  SD  . MET A 1 80  ? 6.600   7.997   1.040   1.00 23.57 ? 250 MET A SD  1 
ATOM   654  C  CE  . MET A 1 80  ? 6.759   6.274   1.520   1.00 21.90 ? 250 MET A CE  1 
ATOM   655  N  N   . ILE A 1 81  ? 9.361   7.054   -3.827  1.00 19.51 ? 251 ILE A N   1 
ATOM   656  C  CA  . ILE A 1 81  ? 10.381  6.327   -4.587  1.00 21.79 ? 251 ILE A CA  1 
ATOM   657  C  C   . ILE A 1 81  ? 11.719  6.466   -3.862  1.00 21.26 ? 251 ILE A C   1 
ATOM   658  O  O   . ILE A 1 81  ? 12.450  5.487   -3.707  1.00 21.13 ? 251 ILE A O   1 
ATOM   659  C  CB  . ILE A 1 81  ? 10.474  6.802   -6.059  1.00 23.44 ? 251 ILE A CB  1 
ATOM   660  C  CG1 . ILE A 1 81  ? 9.294   6.234   -6.857  1.00 25.96 ? 251 ILE A CG1 1 
ATOM   661  C  CG2 . ILE A 1 81  ? 11.787  6.364   -6.707  1.00 24.61 ? 251 ILE A CG2 1 
ATOM   662  C  CD1 . ILE A 1 81  ? 9.032   6.922   -8.177  1.00 27.42 ? 251 ILE A CD1 1 
ATOM   663  N  N   . HIS A 1 82  ? 12.011  7.683   -3.408  1.00 21.30 ? 252 HIS A N   1 
ATOM   664  C  CA  . HIS A 1 82  ? 13.237  7.957   -2.679  1.00 22.03 ? 252 HIS A CA  1 
ATOM   665  C  C   . HIS A 1 82  ? 13.278  7.204   -1.352  1.00 20.54 ? 252 HIS A C   1 
ATOM   666  O  O   . HIS A 1 82  ? 14.231  6.461   -1.092  1.00 22.02 ? 252 HIS A O   1 
ATOM   667  C  CB  . HIS A 1 82  ? 13.377  9.470   -2.455  1.00 23.90 ? 252 HIS A CB  1 
ATOM   668  C  CG  . HIS A 1 82  ? 14.712  9.880   -1.930  1.00 26.55 ? 252 HIS A CG  1 
ATOM   669  N  ND1 . HIS A 1 82  ? 15.659  10.506  -2.716  1.00 25.84 ? 252 HIS A ND1 1 
ATOM   670  C  CD2 . HIS A 1 82  ? 15.258  9.763   -0.697  1.00 27.37 ? 252 HIS A CD2 1 
ATOM   671  C  CE1 . HIS A 1 82  ? 16.733  10.752  -1.985  1.00 26.84 ? 252 HIS A CE1 1 
ATOM   672  N  NE2 . HIS A 1 82  ? 16.515  10.311  -0.758  1.00 27.54 ? 252 HIS A NE2 1 
ATOM   673  N  N   . VAL A 1 83  ? 12.220  7.359   -0.549  1.00 20.03 ? 253 VAL A N   1 
ATOM   674  C  CA  . VAL A 1 83  ? 12.117  6.732   0.772   1.00 21.07 ? 253 VAL A CA  1 
ATOM   675  C  C   . VAL A 1 83  ? 12.157  5.200   0.660   1.00 20.81 ? 253 VAL A C   1 
ATOM   676  O  O   . VAL A 1 83  ? 12.958  4.536   1.316   1.00 19.98 ? 253 VAL A O   1 
ATOM   677  C  CB  . VAL A 1 83  ? 10.837  7.178   1.532   1.00 20.97 ? 253 VAL A CB  1 
ATOM   678  C  CG1 . VAL A 1 83  ? 10.660  6.391   2.827   1.00 22.35 ? 253 VAL A CG1 1 
ATOM   679  C  CG2 . VAL A 1 83  ? 10.873  8.675   1.831   1.00 21.06 ? 253 VAL A CG2 1 
ATOM   680  N  N   . PHE A 1 84  ? 11.302  4.650   -0.194  1.00 20.70 ? 254 PHE A N   1 
ATOM   681  C  CA  . PHE A 1 84  ? 11.198  3.200   -0.347  1.00 21.17 ? 254 PHE A CA  1 
ATOM   682  C  C   . PHE A 1 84  ? 12.482  2.562   -0.887  1.00 23.44 ? 254 PHE A C   1 
ATOM   683  O  O   . PHE A 1 84  ? 12.888  1.506   -0.406  1.00 24.91 ? 254 PHE A O   1 
ATOM   684  C  CB  . PHE A 1 84  ? 10.004  2.848   -1.230  1.00 20.09 ? 254 PHE A CB  1 
ATOM   685  C  CG  . PHE A 1 84  ? 9.811   1.380   -1.426  1.00 19.27 ? 254 PHE A CG  1 
ATOM   686  C  CD1 . PHE A 1 84  ? 9.562   0.552   -0.344  1.00 18.45 ? 254 PHE A CD1 1 
ATOM   687  C  CD2 . PHE A 1 84  ? 9.871   0.832   -2.693  1.00 20.00 ? 254 PHE A CD2 1 
ATOM   688  C  CE1 . PHE A 1 84  ? 9.386   -0.807  -0.523  1.00 18.41 ? 254 PHE A CE1 1 
ATOM   689  C  CE2 . PHE A 1 84  ? 9.692   -0.525  -2.880  1.00 19.41 ? 254 PHE A CE2 1 
ATOM   690  C  CZ  . PHE A 1 84  ? 9.454   -1.344  -1.791  1.00 19.45 ? 254 PHE A CZ  1 
ATOM   691  N  N   . SER A 1 85  ? 13.124  3.212   -1.857  1.00 24.23 ? 255 SER A N   1 
ATOM   692  C  CA  . SER A 1 85  ? 14.369  2.685   -2.450  1.00 26.54 ? 255 SER A CA  1 
ATOM   693  C  C   . SER A 1 85  ? 15.587  2.789   -1.527  1.00 28.41 ? 255 SER A C   1 
ATOM   694  O  O   . SER A 1 85  ? 16.588  2.110   -1.767  1.00 29.70 ? 255 SER A O   1 
ATOM   695  C  CB  . SER A 1 85  ? 14.688  3.384   -3.769  1.00 26.29 ? 255 SER A CB  1 
ATOM   696  O  OG  . SER A 1 85  ? 13.655  3.196   -4.714  1.00 27.36 ? 255 SER A OG  1 
ATOM   697  N  N   . ASP A 1 86  ? 15.498  3.609   -0.478  1.00 30.09 ? 256 ASP A N   1 
ATOM   698  C  CA  . ASP A 1 86  ? 16.606  3.862   0.453   1.00 33.23 ? 256 ASP A CA  1 
ATOM   699  C  C   . ASP A 1 86  ? 16.678  2.802   1.563   1.00 32.97 ? 256 ASP A C   1 
ATOM   700  O  O   . ASP A 1 86  ? 16.664  3.112   2.754   1.00 35.80 ? 256 ASP A O   1 
ATOM   701  C  CB  . ASP A 1 86  ? 16.442  5.275   1.043   1.00 35.98 ? 256 ASP A CB  1 
ATOM   702  C  CG  . ASP A 1 86  ? 17.707  5.808   1.686   1.00 38.89 ? 256 ASP A CG  1 
ATOM   703  O  OD1 . ASP A 1 86  ? 18.821  5.423   1.265   1.00 41.85 ? 256 ASP A OD1 1 
ATOM   704  O  OD2 . ASP A 1 86  ? 17.575  6.637   2.607   1.00 40.92 ? 256 ASP A OD2 1 
ATOM   705  N  N   . GLY A 1 87  ? 16.779  1.539   1.161   1.00 32.49 ? 257 GLY A N   1 
ATOM   706  C  CA  . GLY A 1 87  ? 16.790  0.430   2.107   1.00 31.50 ? 257 GLY A CA  1 
ATOM   707  C  C   . GLY A 1 87  ? 16.728  -0.898  1.390   1.00 30.54 ? 257 GLY A C   1 
ATOM   708  O  O   . GLY A 1 87  ? 16.468  -0.945  0.189   1.00 31.22 ? 257 GLY A O   1 
ATOM   709  N  N   . VAL A 1 88  ? 16.965  -1.974  2.137   1.00 30.46 ? 258 VAL A N   1 
ATOM   710  C  CA  . VAL A 1 88  ? 17.017  -3.323  1.576   1.00 30.00 ? 258 VAL A CA  1 
ATOM   711  C  C   . VAL A 1 88  ? 15.604  -3.749  1.177   1.00 27.39 ? 258 VAL A C   1 
ATOM   712  O  O   . VAL A 1 88  ? 14.674  -3.639  1.983   1.00 26.73 ? 258 VAL A O   1 
ATOM   713  C  CB  . VAL A 1 88  ? 17.621  -4.335  2.583   1.00 31.93 ? 258 VAL A CB  1 
ATOM   714  C  CG1 . VAL A 1 88  ? 17.484  -5.769  2.088   1.00 32.66 ? 258 VAL A CG1 1 
ATOM   715  C  CG2 . VAL A 1 88  ? 19.087  -3.994  2.855   1.00 32.82 ? 258 VAL A CG2 1 
ATOM   716  N  N   . THR A 1 89  ? 15.449  -4.231  -0.054  1.00 26.78 ? 259 THR A N   1 
ATOM   717  C  CA  . THR A 1 89  ? 14.145  -4.720  -0.505  1.00 25.93 ? 259 THR A CA  1 
ATOM   718  C  C   . THR A 1 89  ? 13.885  -6.101  0.061   1.00 24.82 ? 259 THR A C   1 
ATOM   719  O  O   . THR A 1 89  ? 14.647  -7.050  -0.161  1.00 24.14 ? 259 THR A O   1 
ATOM   720  C  CB  . THR A 1 89  ? 14.003  -4.771  -2.032  1.00 27.58 ? 259 THR A CB  1 
ATOM   721  O  OG1 . THR A 1 89  ? 14.368  -3.495  -2.569  1.00 27.69 ? 259 THR A OG1 1 
ATOM   722  C  CG2 . THR A 1 89  ? 12.544  -5.107  -2.426  1.00 27.66 ? 259 THR A CG2 1 
ATOM   723  N  N   . ASN A 1 90  ? 12.798  -6.195  0.805   1.00 21.09 ? 260 ASN A N   1 
ATOM   724  C  CA  . ASN A 1 90  ? 12.289  -7.475  1.249   1.00 20.02 ? 260 ASN A CA  1 
ATOM   725  C  C   . ASN A 1 90  ? 10.806  -7.305  1.437   1.00 18.07 ? 260 ASN A C   1 
ATOM   726  O  O   . ASN A 1 90  ? 10.293  -6.188  1.296   1.00 16.96 ? 260 ASN A O   1 
ATOM   727  C  CB  . ASN A 1 90  ? 13.005  -7.945  2.527   1.00 20.82 ? 260 ASN A CB  1 
ATOM   728  C  CG  . ASN A 1 90  ? 13.074  -6.878  3.600   1.00 21.62 ? 260 ASN A CG  1 
ATOM   729  O  OD1 . ASN A 1 90  ? 12.084  -6.214  3.909   1.00 21.74 ? 260 ASN A OD1 1 
ATOM   730  N  ND2 . ASN A 1 90  ? 14.251  -6.737  4.215   1.00 24.14 ? 260 ASN A ND2 1 
ATOM   731  N  N   . TRP A 1 91  ? 10.107  -8.399  1.698   1.00 16.73 ? 261 TRP A N   1 
ATOM   732  C  CA  . TRP A 1 91  ? 8.654   -8.351  1.856   1.00 16.10 ? 261 TRP A CA  1 
ATOM   733  C  C   . TRP A 1 91  ? 8.228   -7.472  3.030   1.00 16.33 ? 261 TRP A C   1 
ATOM   734  O  O   . TRP A 1 91  ? 7.183   -6.833  2.973   1.00 16.03 ? 261 TRP A O   1 
ATOM   735  C  CB  . TRP A 1 91  ? 8.062   -9.757  1.999   1.00 16.73 ? 261 TRP A CB  1 
ATOM   736  C  CG  . TRP A 1 91  ? 7.954   -10.526 0.728   1.00 17.16 ? 261 TRP A CG  1 
ATOM   737  C  CD1 . TRP A 1 91  ? 8.543   -11.734 0.440   1.00 17.78 ? 261 TRP A CD1 1 
ATOM   738  C  CD2 . TRP A 1 91  ? 7.189   -10.172 -0.426  1.00 17.17 ? 261 TRP A CD2 1 
ATOM   739  N  NE1 . TRP A 1 91  ? 8.186   -12.146 -0.809  1.00 17.74 ? 261 TRP A NE1 1 
ATOM   740  C  CE2 . TRP A 1 91  ? 7.358   -11.209 -1.371  1.00 17.41 ? 261 TRP A CE2 1 
ATOM   741  C  CE3 . TRP A 1 91  ? 6.385   -9.077  -0.761  1.00 17.71 ? 261 TRP A CE3 1 
ATOM   742  C  CZ2 . TRP A 1 91  ? 6.754   -11.182 -2.624  1.00 17.06 ? 261 TRP A CZ2 1 
ATOM   743  C  CZ3 . TRP A 1 91  ? 5.775   -9.053  -2.010  1.00 17.25 ? 261 TRP A CZ3 1 
ATOM   744  C  CH2 . TRP A 1 91  ? 5.960   -10.105 -2.925  1.00 17.58 ? 261 TRP A CH2 1 
ATOM   745  N  N   . GLY A 1 92  ? 9.038   -7.449  4.083   1.00 16.07 ? 262 GLY A N   1 
ATOM   746  C  CA  . GLY A 1 92  ? 8.792   -6.563  5.215   1.00 15.89 ? 262 GLY A CA  1 
ATOM   747  C  C   . GLY A 1 92  ? 8.743   -5.090  4.839   1.00 15.67 ? 262 GLY A C   1 
ATOM   748  O  O   . GLY A 1 92  ? 7.825   -4.373  5.249   1.00 15.56 ? 262 GLY A O   1 
ATOM   749  N  N   . ARG A 1 93  ? 9.724   -4.636  4.062   1.00 16.36 ? 263 ARG A N   1 
ATOM   750  C  CA  . ARG A 1 93  ? 9.737   -3.233  3.596   1.00 16.53 ? 263 ARG A CA  1 
ATOM   751  C  C   . ARG A 1 93  ? 8.528   -2.939  2.679   1.00 15.27 ? 263 ARG A C   1 
ATOM   752  O  O   . ARG A 1 93  ? 7.952   -1.850  2.713   1.00 14.21 ? 263 ARG A O   1 
ATOM   753  C  CB  . ARG A 1 93  ? 11.030  -2.901  2.874   1.00 18.24 ? 263 ARG A CB  1 
ATOM   754  C  CG  . ARG A 1 93  ? 11.254  -1.408  2.739   1.00 19.94 ? 263 ARG A CG  1 
ATOM   755  C  CD  . ARG A 1 93  ? 12.577  -1.070  2.092   1.00 21.87 ? 263 ARG A CD  1 
ATOM   756  N  NE  . ARG A 1 93  ? 12.819  0.375   2.123   1.00 23.14 ? 263 ARG A NE  1 
ATOM   757  C  CZ  . ARG A 1 93  ? 13.298  1.055   3.169   1.00 25.32 ? 263 ARG A CZ  1 
ATOM   758  N  NH1 . ARG A 1 93  ? 13.612  0.449   4.321   1.00 26.76 ? 263 ARG A NH1 1 
ATOM   759  N  NH2 . ARG A 1 93  ? 13.484  2.370   3.064   1.00 25.90 ? 263 ARG A NH2 1 
ATOM   760  N  N   . ILE A 1 94  ? 8.156   -3.916  1.863   1.00 14.31 ? 264 ILE A N   1 
ATOM   761  C  CA  . ILE A 1 94  ? 6.999   -3.781  0.959   1.00 14.18 ? 264 ILE A CA  1 
ATOM   762  C  C   . ILE A 1 94  ? 5.702   -3.643  1.764   1.00 14.20 ? 264 ILE A C   1 
ATOM   763  O  O   . ILE A 1 94  ? 4.868   -2.766  1.474   1.00 13.06 ? 264 ILE A O   1 
ATOM   764  C  CB  . ILE A 1 94  ? 6.959   -4.952  -0.060  1.00 14.14 ? 264 ILE A CB  1 
ATOM   765  C  CG1 . ILE A 1 94  ? 8.114   -4.794  -1.047  1.00 14.17 ? 264 ILE A CG1 1 
ATOM   766  C  CG2 . ILE A 1 94  ? 5.624   -5.005  -0.795  1.00 14.06 ? 264 ILE A CG2 1 
ATOM   767  C  CD1 . ILE A 1 94  ? 8.419   -6.028  -1.863  1.00 14.02 ? 264 ILE A CD1 1 
ATOM   768  N  N   . VAL A 1 95  ? 5.548   -4.457  2.809   1.00 14.02 ? 265 VAL A N   1 
ATOM   769  C  CA  . VAL A 1 95  ? 4.405   -4.309  3.708   1.00 14.66 ? 265 VAL A CA  1 
ATOM   770  C  C   . VAL A 1 95  ? 4.427   -2.940  4.391   1.00 14.09 ? 265 VAL A C   1 
ATOM   771  O  O   . VAL A 1 95  ? 3.381   -2.330  4.556   1.00 14.93 ? 265 VAL A O   1 
ATOM   772  C  CB  . VAL A 1 95  ? 4.306   -5.424  4.784   1.00 16.09 ? 265 VAL A CB  1 
ATOM   773  C  CG1 . VAL A 1 95  ? 3.192   -5.107  5.789   1.00 17.03 ? 265 VAL A CG1 1 
ATOM   774  C  CG2 . VAL A 1 95  ? 4.024   -6.748  4.113   1.00 16.94 ? 265 VAL A CG2 1 
ATOM   775  N  N   . THR A 1 96  ? 5.609   -2.467  4.785   1.00 13.92 ? 266 THR A N   1 
ATOM   776  C  CA  . THR A 1 96  ? 5.726   -1.167  5.435   1.00 14.22 ? 266 THR A CA  1 
ATOM   777  C  C   . THR A 1 96  ? 5.221   -0.063  4.499   1.00 13.73 ? 266 THR A C   1 
ATOM   778  O  O   . THR A 1 96  ? 4.466   0.823   4.916   1.00 13.16 ? 266 THR A O   1 
ATOM   779  C  CB  . THR A 1 96  ? 7.167   -0.920  5.914   1.00 15.31 ? 266 THR A CB  1 
ATOM   780  O  OG1 . THR A 1 96  ? 7.524   -1.982  6.816   1.00 16.45 ? 266 THR A OG1 1 
ATOM   781  C  CG2 . THR A 1 96  ? 7.289   0.430   6.621   1.00 15.66 ? 266 THR A CG2 1 
ATOM   782  N  N   . LEU A 1 97  ? 5.619   -0.134  3.234   1.00 13.04 ? 267 LEU A N   1 
ATOM   783  C  CA  . LEU A 1 97  ? 5.142   0.842   2.244   1.00 13.23 ? 267 LEU A CA  1 
ATOM   784  C  C   . LEU A 1 97  ? 3.621   0.863   2.140   1.00 12.61 ? 267 LEU A C   1 
ATOM   785  O  O   . LEU A 1 97  ? 3.004   1.922   2.130   1.00 12.54 ? 267 LEU A O   1 
ATOM   786  C  CB  . LEU A 1 97  ? 5.746   0.547   0.868   1.00 13.41 ? 267 LEU A CB  1 
ATOM   787  C  CG  . LEU A 1 97  ? 5.241   1.427   -0.283  1.00 14.18 ? 267 LEU A CG  1 
ATOM   788  C  CD1 . LEU A 1 97  ? 5.702   2.849   -0.087  1.00 14.60 ? 267 LEU A CD1 1 
ATOM   789  C  CD2 . LEU A 1 97  ? 5.702   0.878   -1.615  1.00 14.50 ? 267 LEU A CD2 1 
ATOM   790  N  N   . ILE A 1 98  ? 3.017   -0.311  2.028   1.00 12.65 ? 268 ILE A N   1 
ATOM   791  C  CA  . ILE A 1 98  ? 1.574   -0.415  1.865   1.00 12.60 ? 268 ILE A CA  1 
ATOM   792  C  C   . ILE A 1 98  ? 0.852   0.001   3.147   1.00 12.87 ? 268 ILE A C   1 
ATOM   793  O  O   . ILE A 1 98  ? -0.183  0.683   3.101   1.00 12.90 ? 268 ILE A O   1 
ATOM   794  C  CB  . ILE A 1 98  ? 1.182   -1.831  1.413   1.00 12.74 ? 268 ILE A CB  1 
ATOM   795  C  CG1 . ILE A 1 98  ? 1.752   -2.113  0.007   1.00 13.08 ? 268 ILE A CG1 1 
ATOM   796  C  CG2 . ILE A 1 98  ? -0.330  -2.043  1.401   1.00 12.97 ? 268 ILE A CG2 1 
ATOM   797  C  CD1 . ILE A 1 98  ? 1.725   -3.570  -0.377  1.00 13.43 ? 268 ILE A CD1 1 
ATOM   798  N  N   . SER A 1 99  ? 1.431   -0.383  4.278   1.00 13.37 ? 269 SER A N   1 
ATOM   799  C  CA  . SER A 1 99  ? 0.902   -0.017  5.586   1.00 14.54 ? 269 SER A CA  1 
ATOM   800  C  C   . SER A 1 99  ? 0.963   1.477   5.819   1.00 13.91 ? 269 SER A C   1 
ATOM   801  O  O   . SER A 1 99  ? 0.044   2.049   6.407   1.00 14.49 ? 269 SER A O   1 
ATOM   802  C  CB  . SER A 1 99  ? 1.674   -0.735  6.687   1.00 15.07 ? 269 SER A CB  1 
ATOM   803  O  OG  . SER A 1 99  ? 1.503   -2.129  6.572   1.00 18.29 ? 269 SER A OG  1 
ATOM   804  N  N   . PHE A 1 100 ? 2.050   2.113   5.371   1.00 13.55 ? 270 PHE A N   1 
ATOM   805  C  CA  . PHE A 1 100 ? 2.126   3.572   5.415   1.00 13.48 ? 270 PHE A CA  1 
ATOM   806  C  C   . PHE A 1 100 ? 1.017   4.165   4.546   1.00 13.34 ? 270 PHE A C   1 
ATOM   807  O  O   . PHE A 1 100 ? 0.339   5.105   4.961   1.00 13.61 ? 270 PHE A O   1 
ATOM   808  C  CB  . PHE A 1 100 ? 3.500   4.098   5.009   1.00 13.69 ? 270 PHE A CB  1 
ATOM   809  C  CG  . PHE A 1 100 ? 3.605   5.598   5.083   1.00 14.52 ? 270 PHE A CG  1 
ATOM   810  C  CD1 . PHE A 1 100 ? 3.462   6.256   6.305   1.00 15.10 ? 270 PHE A CD1 1 
ATOM   811  C  CD2 . PHE A 1 100 ? 3.818   6.361   3.945   1.00 15.47 ? 270 PHE A CD2 1 
ATOM   812  C  CE1 . PHE A 1 100 ? 3.538   7.639   6.384   1.00 15.46 ? 270 PHE A CE1 1 
ATOM   813  C  CE2 . PHE A 1 100 ? 3.901   7.744   4.017   1.00 15.02 ? 270 PHE A CE2 1 
ATOM   814  C  CZ  . PHE A 1 100 ? 3.752   8.387   5.235   1.00 15.84 ? 270 PHE A CZ  1 
ATOM   815  N  N   . GLY A 1 101 ? 0.793   3.586   3.369   1.00 13.35 ? 271 GLY A N   1 
ATOM   816  C  CA  . GLY A 1 101 ? -0.363  3.936   2.556   1.00 13.95 ? 271 GLY A CA  1 
ATOM   817  C  C   . GLY A 1 101 ? -1.679  3.927   3.309   1.00 13.85 ? 271 GLY A C   1 
ATOM   818  O  O   . GLY A 1 101 ? -2.444  4.885   3.253   1.00 13.76 ? 271 GLY A O   1 
ATOM   819  N  N   . ALA A 1 102 ? -1.940  2.842   4.034   1.00 13.91 ? 272 ALA A N   1 
ATOM   820  C  CA  . ALA A 1 102 ? -3.167  2.698   4.807   1.00 14.13 ? 272 ALA A CA  1 
ATOM   821  C  C   . ALA A 1 102 ? -3.248  3.765   5.902   1.00 14.71 ? 272 ALA A C   1 
ATOM   822  O  O   . ALA A 1 102 ? -4.313  4.327   6.123   1.00 14.91 ? 272 ALA A O   1 
ATOM   823  C  CB  . ALA A 1 102 ? -3.262  1.305   5.408   1.00 14.73 ? 272 ALA A CB  1 
ATOM   824  N  N   . PHE A 1 103 ? -2.114  4.028   6.547   1.00 14.58 ? 273 PHE A N   1 
ATOM   825  C  CA  . PHE A 1 103 ? -1.985  5.084   7.566   1.00 15.97 ? 273 PHE A CA  1 
ATOM   826  C  C   . PHE A 1 103 ? -2.340  6.444   6.969   1.00 15.64 ? 273 PHE A C   1 
ATOM   827  O  O   . PHE A 1 103 ? -3.105  7.197   7.572   1.00 16.02 ? 273 PHE A O   1 
ATOM   828  C  CB  . PHE A 1 103 ? -0.566  5.052   8.147   1.00 17.19 ? 273 PHE A CB  1 
ATOM   829  C  CG  . PHE A 1 103 ? -0.252  6.180   9.079   1.00 18.59 ? 273 PHE A CG  1 
ATOM   830  C  CD1 . PHE A 1 103 ? -0.497  6.064   10.432  1.00 21.05 ? 273 PHE A CD1 1 
ATOM   831  C  CD2 . PHE A 1 103 ? 0.333   7.337   8.598   1.00 20.03 ? 273 PHE A CD2 1 
ATOM   832  C  CE1 . PHE A 1 103 ? -0.167  7.105   11.293  1.00 20.98 ? 273 PHE A CE1 1 
ATOM   833  C  CE2 . PHE A 1 103 ? 0.654   8.379   9.443   1.00 21.31 ? 273 PHE A CE2 1 
ATOM   834  C  CZ  . PHE A 1 103 ? 0.400   8.262   10.792  1.00 21.39 ? 273 PHE A CZ  1 
ATOM   835  N  N   . VAL A 1 104 ? -1.810  6.745   5.785   1.00 15.15 ? 274 VAL A N   1 
ATOM   836  C  CA  . VAL A 1 104 ? -2.117  8.009   5.115   1.00 15.02 ? 274 VAL A CA  1 
ATOM   837  C  C   . VAL A 1 104 ? -3.598  8.043   4.663   1.00 15.36 ? 274 VAL A C   1 
ATOM   838  O  O   . VAL A 1 104 ? -4.246  9.091   4.749   1.00 16.16 ? 274 VAL A O   1 
ATOM   839  C  CB  . VAL A 1 104 ? -1.141  8.297   3.949   1.00 14.96 ? 274 VAL A CB  1 
ATOM   840  C  CG1 . VAL A 1 104 ? -1.578  9.522   3.147   1.00 15.52 ? 274 VAL A CG1 1 
ATOM   841  C  CG2 . VAL A 1 104 ? 0.281   8.479   4.462   1.00 15.14 ? 274 VAL A CG2 1 
ATOM   842  N  N   . ALA A 1 105 ? -4.133  6.909   4.209   1.00 15.15 ? 275 ALA A N   1 
ATOM   843  C  CA  . ALA A 1 105 ? -5.550  6.805   3.813   1.00 15.72 ? 275 ALA A CA  1 
ATOM   844  C  C   . ALA A 1 105 ? -6.486  7.129   4.981   1.00 16.94 ? 275 ALA A C   1 
ATOM   845  O  O   . ALA A 1 105 ? -7.464  7.838   4.806   1.00 17.09 ? 275 ALA A O   1 
ATOM   846  C  CB  . ALA A 1 105 ? -5.871  5.428   3.252   1.00 15.87 ? 275 ALA A CB  1 
ATOM   847  N  N   . LYS A 1 106 ? -6.168  6.596   6.161   1.00 17.45 ? 276 LYS A N   1 
ATOM   848  C  CA  . LYS A 1 106 ? -6.905  6.902   7.388   1.00 18.88 ? 276 LYS A CA  1 
ATOM   849  C  C   . LYS A 1 106 ? -6.843  8.395   7.700   1.00 19.91 ? 276 LYS A C   1 
ATOM   850  O  O   . LYS A 1 106 ? -7.846  8.992   8.097   1.00 20.80 ? 276 LYS A O   1 
ATOM   851  C  CB  . LYS A 1 106 ? -6.332  6.109   8.562   1.00 19.56 ? 276 LYS A CB  1 
ATOM   852  C  CG  . LYS A 1 106 ? -6.689  4.645   8.514   1.00 21.03 ? 276 LYS A CG  1 
ATOM   853  C  CD  . LYS A 1 106 ? -5.896  3.895   9.567   1.00 21.72 ? 276 LYS A CD  1 
ATOM   854  C  CE  . LYS A 1 106 ? -6.349  2.466   9.661   1.00 23.77 ? 276 LYS A CE  1 
ATOM   855  N  NZ  . LYS A 1 106 ? -5.626  1.784   10.765  1.00 24.84 ? 276 LYS A NZ  1 
ATOM   856  N  N   . HIS A 1 107 ? -5.667  8.989   7.520   1.00 20.37 ? 277 HIS A N   1 
ATOM   857  C  CA  . HIS A 1 107 ? -5.498  10.431  7.734   1.00 21.41 ? 277 HIS A CA  1 
ATOM   858  C  C   . HIS A 1 107 ? -6.357  11.227  6.748   1.00 21.83 ? 277 HIS A C   1 
ATOM   859  O  O   . HIS A 1 107 ? -7.065  12.176  7.142   1.00 21.72 ? 277 HIS A O   1 
ATOM   860  C  CB  . HIS A 1 107 ? -4.027  10.835  7.644   1.00 23.33 ? 277 HIS A CB  1 
ATOM   861  C  CG  . HIS A 1 107 ? -3.809  12.314  7.651   1.00 25.42 ? 277 HIS A CG  1 
ATOM   862  N  ND1 . HIS A 1 107 ? -4.064  13.094  8.756   1.00 28.63 ? 277 HIS A ND1 1 
ATOM   863  C  CD2 . HIS A 1 107 ? -3.383  13.158  6.684   1.00 27.20 ? 277 HIS A CD2 1 
ATOM   864  C  CE1 . HIS A 1 107 ? -3.788  14.354  8.475   1.00 27.60 ? 277 HIS A CE1 1 
ATOM   865  N  NE2 . HIS A 1 107 ? -3.374  14.420  7.224   1.00 28.71 ? 277 HIS A NE2 1 
ATOM   866  N  N   . LEU A 1 108 ? -6.321  10.834  5.478   1.00 20.74 ? 278 LEU A N   1 
ATOM   867  C  CA  . LEU A 1 108 ? -7.130  11.501  4.439   1.00 22.02 ? 278 LEU A CA  1 
ATOM   868  C  C   . LEU A 1 108 ? -8.632  11.465  4.734   1.00 23.34 ? 278 LEU A C   1 
ATOM   869  O  O   . LEU A 1 108 ? -9.324  12.478  4.565   1.00 23.02 ? 278 LEU A O   1 
ATOM   870  C  CB  . LEU A 1 108 ? -6.827  10.898  3.061   1.00 22.06 ? 278 LEU A CB  1 
ATOM   871  C  CG  . LEU A 1 108 ? -5.447  11.273  2.505   1.00 22.66 ? 278 LEU A CG  1 
ATOM   872  C  CD1 . LEU A 1 108 ? -5.142  10.419  1.285   1.00 23.13 ? 278 LEU A CD1 1 
ATOM   873  C  CD2 . LEU A 1 108 ? -5.354  12.754  2.155   1.00 23.34 ? 278 LEU A CD2 1 
ATOM   874  N  N   . LYS A 1 109 ? -9.129  10.324  5.200   1.00 24.12 ? 279 LYS A N   1 
ATOM   875  C  CA  . LYS A 1 109 ? -10.529 10.216  5.658   1.00 26.55 ? 279 LYS A CA  1 
ATOM   876  C  C   . LYS A 1 109 ? -10.826 11.195  6.806   1.00 27.35 ? 279 LYS A C   1 
ATOM   877  O  O   . LYS A 1 109 ? -11.863 11.857  6.792   1.00 28.71 ? 279 LYS A O   1 
ATOM   878  C  CB  . LYS A 1 109 ? -10.856 8.775   6.089   1.00 28.49 ? 279 LYS A CB  1 
ATOM   879  C  CG  . LYS A 1 109 ? -12.301 8.516   6.518   1.00 31.62 ? 279 LYS A CG  1 
ATOM   880  C  CD  . LYS A 1 109 ? -13.284 8.686   5.364   1.00 33.21 ? 279 LYS A CD  1 
ATOM   881  C  CE  . LYS A 1 109 ? -14.647 8.064   5.662   1.00 35.24 ? 279 LYS A CE  1 
ATOM   882  N  NZ  . LYS A 1 109 ? -15.478 8.893   6.582   1.00 36.62 ? 279 LYS A NZ  1 
ATOM   883  N  N   . THR A 1 110 ? -9.913  11.275  7.774   1.00 28.18 ? 280 THR A N   1 
ATOM   884  C  CA  . THR A 1 110 ? -10.034 12.173  8.945   1.00 29.56 ? 280 THR A CA  1 
ATOM   885  C  C   . THR A 1 110 ? -10.189 13.653  8.564   1.00 29.68 ? 280 THR A C   1 
ATOM   886  O  O   . THR A 1 110 ? -10.953 14.380  9.214   1.00 30.60 ? 280 THR A O   1 
ATOM   887  C  CB  . THR A 1 110 ? -8.832  11.972  9.904   1.00 31.42 ? 280 THR A CB  1 
ATOM   888  O  OG1 . THR A 1 110 ? -8.932  10.670  10.492  1.00 32.51 ? 280 THR A OG1 1 
ATOM   889  C  CG2 . THR A 1 110 ? -8.774  13.020  11.017  1.00 32.87 ? 280 THR A CG2 1 
ATOM   890  N  N   . ILE A 1 111 ? -9.494  14.079  7.509   1.00 27.35 ? 281 ILE A N   1 
ATOM   891  C  CA  . ILE A 1 111 ? -9.533  15.477  7.041   1.00 26.87 ? 281 ILE A CA  1 
ATOM   892  C  C   . ILE A 1 111 ? -10.504 15.692  5.854   1.00 26.34 ? 281 ILE A C   1 
ATOM   893  O  O   . ILE A 1 111 ? -10.376 16.675  5.132   1.00 28.06 ? 281 ILE A O   1 
ATOM   894  C  CB  . ILE A 1 111 ? -8.107  16.023  6.732   1.00 26.53 ? 281 ILE A CB  1 
ATOM   895  C  CG1 . ILE A 1 111 ? -7.460  15.309  5.531   1.00 26.20 ? 281 ILE A CG1 1 
ATOM   896  C  CG2 . ILE A 1 111 ? -7.216  15.897  7.967   1.00 27.16 ? 281 ILE A CG2 1 
ATOM   897  C  CD1 . ILE A 1 111 ? -6.108  15.857  5.127   1.00 26.36 ? 281 ILE A CD1 1 
ATOM   898  N  N   . ASN A 1 112 ? -11.466 14.780  5.676   1.00 26.32 ? 282 ASN A N   1 
ATOM   899  C  CA  . ASN A 1 112 ? -12.485 14.819  4.611   1.00 28.39 ? 282 ASN A CA  1 
ATOM   900  C  C   . ASN A 1 112 ? -11.907 14.896  3.184   1.00 28.60 ? 282 ASN A C   1 
ATOM   901  O  O   . ASN A 1 112 ? -12.451 15.572  2.292   1.00 28.73 ? 282 ASN A O   1 
ATOM   902  C  CB  . ASN A 1 112 ? -13.509 15.932  4.890   1.00 30.68 ? 282 ASN A CB  1 
ATOM   903  C  CG  . ASN A 1 112 ? -14.344 15.656  6.124   1.00 32.83 ? 282 ASN A CG  1 
ATOM   904  O  OD1 . ASN A 1 112 ? -14.984 14.603  6.236   1.00 37.29 ? 282 ASN A OD1 1 
ATOM   905  N  ND2 . ASN A 1 112 ? -14.358 16.603  7.054   1.00 35.04 ? 282 ASN A ND2 1 
ATOM   906  N  N   . GLN A 1 113 ? -10.809 14.169  2.977   1.00 26.11 ? 283 GLN A N   1 
ATOM   907  C  CA  . GLN A 1 113 ? -10.196 14.022  1.660   1.00 26.33 ? 283 GLN A CA  1 
ATOM   908  C  C   . GLN A 1 113 ? -10.241 12.562  1.182   1.00 25.63 ? 283 GLN A C   1 
ATOM   909  O  O   . GLN A 1 113 ? -9.293  12.088  0.556   1.00 22.86 ? 283 GLN A O   1 
ATOM   910  C  CB  . GLN A 1 113 ? -8.754  14.527  1.717   1.00 26.96 ? 283 GLN A CB  1 
ATOM   911  C  CG  . GLN A 1 113 ? -8.628  16.013  2.036   1.00 27.23 ? 283 GLN A CG  1 
ATOM   912  C  CD  . GLN A 1 113 ? -8.904  16.921  0.855   1.00 29.27 ? 283 GLN A CD  1 
ATOM   913  O  OE1 . GLN A 1 113 ? -8.760  16.529  -0.302  1.00 30.71 ? 283 GLN A OE1 1 
ATOM   914  N  NE2 . GLN A 1 113 ? -9.298  18.162  1.147   1.00 29.42 ? 283 GLN A NE2 1 
ATOM   915  N  N   A GLU A 1 114 ? -11.357 11.879  1.455   0.50 25.87 ? 284 GLU A N   1 
ATOM   916  N  N   B GLU A 1 114 ? -11.347 11.866  1.453   0.50 25.68 ? 284 GLU A N   1 
ATOM   917  C  CA  A GLU A 1 114 ? -11.541 10.470  1.084   0.50 26.80 ? 284 GLU A CA  1 
ATOM   918  C  CA  B GLU A 1 114 ? -11.490 10.452  1.082   0.50 26.49 ? 284 GLU A CA  1 
ATOM   919  C  C   A GLU A 1 114 ? -11.394 10.216  -0.417  0.50 25.76 ? 284 GLU A C   1 
ATOM   920  C  C   B GLU A 1 114 ? -11.391 10.208  -0.426  0.50 25.58 ? 284 GLU A C   1 
ATOM   921  O  O   A GLU A 1 114 ? -10.944 9.141   -0.826  0.50 24.57 ? 284 GLU A O   1 
ATOM   922  O  O   B GLU A 1 114 ? -10.970 9.126   -0.851  0.50 24.40 ? 284 GLU A O   1 
ATOM   923  C  CB  A GLU A 1 114 ? -12.911 9.967   1.555   0.50 28.59 ? 284 GLU A CB  1 
ATOM   924  C  CB  B GLU A 1 114 ? -12.807 9.882   1.614   0.50 28.01 ? 284 GLU A CB  1 
ATOM   925  C  CG  A GLU A 1 114 ? -13.439 8.801   0.731   0.50 29.61 ? 284 GLU A CG  1 
ATOM   926  C  CG  B GLU A 1 114 ? -14.000 10.795  1.399   0.50 28.95 ? 284 GLU A CG  1 
ATOM   927  C  CD  A GLU A 1 114 ? -14.540 8.023   1.430   0.50 30.52 ? 284 GLU A CD  1 
ATOM   928  C  CD  B GLU A 1 114 ? -13.997 11.964  2.361   0.50 29.04 ? 284 GLU A CD  1 
ATOM   929  O  OE1 A GLU A 1 114 ? -15.194 8.593   2.323   0.50 31.75 ? 284 GLU A OE1 1 
ATOM   930  O  OE1 B GLU A 1 114 ? -14.249 13.104  1.924   0.50 29.87 ? 284 GLU A OE1 1 
ATOM   931  O  OE2 A GLU A 1 114 ? -14.754 6.840   1.075   0.50 30.19 ? 284 GLU A OE2 1 
ATOM   932  O  OE2 B GLU A 1 114 ? -13.728 11.740  3.557   0.50 29.91 ? 284 GLU A OE2 1 
ATOM   933  N  N   . SER A 1 115 ? -11.752 11.213  -1.228  1.00 24.81 ? 285 SER A N   1 
ATOM   934  C  CA  . SER A 1 115 ? -11.584 11.138  -2.677  1.00 25.60 ? 285 SER A CA  1 
ATOM   935  C  C   . SER A 1 115 ? -10.112 11.055  -3.134  1.00 23.99 ? 285 SER A C   1 
ATOM   936  O  O   . SER A 1 115 ? -9.851  10.651  -4.266  1.00 24.65 ? 285 SER A O   1 
ATOM   937  C  CB  . SER A 1 115 ? -12.305 12.308  -3.370  1.00 26.81 ? 285 SER A CB  1 
ATOM   938  O  OG  . SER A 1 115 ? -11.697 13.554  -3.078  1.00 29.49 ? 285 SER A OG  1 
ATOM   939  N  N   . CYS A 1 116 ? -9.162  11.418  -2.266  1.00 22.73 ? 286 CYS A N   1 
ATOM   940  C  CA  . CYS A 1 116 ? -7.734  11.224  -2.550  1.00 22.19 ? 286 CYS A CA  1 
ATOM   941  C  C   . CYS A 1 116 ? -7.226  9.788   -2.338  1.00 19.80 ? 286 CYS A C   1 
ATOM   942  O  O   . CYS A 1 116 ? -6.095  9.498   -2.708  1.00 18.44 ? 286 CYS A O   1 
ATOM   943  C  CB  . CYS A 1 116 ? -6.872  12.178  -1.713  1.00 23.50 ? 286 CYS A CB  1 
ATOM   944  S  SG  . CYS A 1 116 ? -7.105  13.930  -2.076  1.00 28.53 ? 286 CYS A SG  1 
ATOM   945  N  N   . ILE A 1 117 ? -8.041  8.894   -1.785  1.00 18.59 ? 287 ILE A N   1 
ATOM   946  C  CA  . ILE A 1 117 ? -7.578  7.528   -1.454  1.00 18.93 ? 287 ILE A CA  1 
ATOM   947  C  C   . ILE A 1 117 ? -7.255  6.696   -2.693  1.00 19.30 ? 287 ILE A C   1 
ATOM   948  O  O   . ILE A 1 117 ? -6.236  6.015   -2.712  1.00 18.40 ? 287 ILE A O   1 
ATOM   949  C  CB  . ILE A 1 117 ? -8.557  6.796   -0.507  1.00 19.29 ? 287 ILE A CB  1 
ATOM   950  C  CG1 . ILE A 1 117 ? -8.559  7.513   0.858   1.00 19.90 ? 287 ILE A CG1 1 
ATOM   951  C  CG2 . ILE A 1 117 ? -8.180  5.319   -0.357  1.00 20.28 ? 287 ILE A CG2 1 
ATOM   952  C  CD1 . ILE A 1 117 ? -9.678  7.106   1.786   1.00 19.72 ? 287 ILE A CD1 1 
ATOM   953  N  N   . GLU A 1 118 ? -8.094  6.730   -3.731  1.00 20.60 ? 288 GLU A N   1 
ATOM   954  C  CA  . GLU A 1 118 ? -7.736  5.991   -4.954  1.00 21.52 ? 288 GLU A CA  1 
ATOM   955  C  C   . GLU A 1 118 ? -6.441  6.497   -5.624  1.00 20.87 ? 288 GLU A C   1 
ATOM   956  O  O   . GLU A 1 118 ? -5.595  5.669   -5.987  1.00 20.78 ? 288 GLU A O   1 
ATOM   957  C  CB  . GLU A 1 118 ? -8.895  5.882   -5.956  1.00 23.85 ? 288 GLU A CB  1 
ATOM   958  C  CG  . GLU A 1 118 ? -8.636  4.901   -7.102  1.00 25.93 ? 288 GLU A CG  1 
ATOM   959  C  CD  . GLU A 1 118 ? -8.315  3.481   -6.645  1.00 28.07 ? 288 GLU A CD  1 
ATOM   960  O  OE1 . GLU A 1 118 ? -8.800  3.074   -5.567  1.00 30.46 ? 288 GLU A OE1 1 
ATOM   961  O  OE2 . GLU A 1 118 ? -7.581  2.763   -7.361  1.00 29.49 ? 288 GLU A OE2 1 
ATOM   962  N  N   . PRO A 1 119 ? -6.269  7.830   -5.777  1.00 20.36 ? 289 PRO A N   1 
ATOM   963  C  CA  . PRO A 1 119 ? -4.979  8.366   -6.238  1.00 19.36 ? 289 PRO A CA  1 
ATOM   964  C  C   . PRO A 1 119 ? -3.795  7.962   -5.337  1.00 18.01 ? 289 PRO A C   1 
ATOM   965  O  O   . PRO A 1 119 ? -2.699  7.718   -5.826  1.00 19.20 ? 289 PRO A O   1 
ATOM   966  C  CB  . PRO A 1 119 ? -5.197  9.884   -6.228  1.00 20.82 ? 289 PRO A CB  1 
ATOM   967  C  CG  . PRO A 1 119 ? -6.662  10.041  -6.454  1.00 20.88 ? 289 PRO A CG  1 
ATOM   968  C  CD  . PRO A 1 119 ? -7.322  8.868   -5.799  1.00 20.55 ? 289 PRO A CD  1 
ATOM   969  N  N   . LEU A 1 120 ? -4.027  7.883   -4.036  1.00 16.66 ? 290 LEU A N   1 
ATOM   970  C  CA  . LEU A 1 120 ? -2.989  7.406   -3.129  1.00 15.60 ? 290 LEU A CA  1 
ATOM   971  C  C   . LEU A 1 120 ? -2.626  5.950   -3.415  1.00 15.21 ? 290 LEU A C   1 
ATOM   972  O  O   . LEU A 1 120 ? -1.451  5.596   -3.423  1.00 14.05 ? 290 LEU A O   1 
ATOM   973  C  CB  . LEU A 1 120 ? -3.440  7.570   -1.679  1.00 16.46 ? 290 LEU A CB  1 
ATOM   974  C  CG  . LEU A 1 120 ? -2.545  6.978   -0.591  1.00 17.09 ? 290 LEU A CG  1 
ATOM   975  C  CD1 . LEU A 1 120 ? -1.187  7.652   -0.589  1.00 17.16 ? 290 LEU A CD1 1 
ATOM   976  C  CD2 . LEU A 1 120 ? -3.235  7.098   0.757   1.00 17.51 ? 290 LEU A CD2 1 
ATOM   977  N  N   . ALA A 1 121 ? -3.633  5.109   -3.615  1.00 14.69 ? 291 ALA A N   1 
ATOM   978  C  CA  . ALA A 1 121 ? -3.371  3.717   -3.933  1.00 14.70 ? 291 ALA A CA  1 
ATOM   979  C  C   . ALA A 1 121 ? -2.589  3.598   -5.240  1.00 14.92 ? 291 ALA A C   1 
ATOM   980  O  O   . ALA A 1 121 ? -1.694  2.770   -5.353  1.00 14.78 ? 291 ALA A O   1 
ATOM   981  C  CB  . ALA A 1 121 ? -4.668  2.920   -3.991  1.00 15.02 ? 291 ALA A CB  1 
ATOM   982  N  N   . GLU A 1 122 ? -2.925  4.430   -6.221  1.00 16.48 ? 292 GLU A N   1 
ATOM   983  C  CA  . GLU A 1 122 ? -2.174  4.458   -7.481  1.00 18.21 ? 292 GLU A CA  1 
ATOM   984  C  C   . GLU A 1 122 ? -0.714  4.820   -7.246  1.00 17.94 ? 292 GLU A C   1 
ATOM   985  O  O   . GLU A 1 122 ? 0.174   4.165   -7.768  1.00 17.92 ? 292 GLU A O   1 
ATOM   986  C  CB  . GLU A 1 122 ? -2.795  5.454   -8.456  1.00 20.62 ? 292 GLU A CB  1 
ATOM   987  C  CG  . GLU A 1 122 ? -4.112  4.988   -9.032  1.00 22.87 ? 292 GLU A CG  1 
ATOM   988  C  CD  . GLU A 1 122 ? -4.863  6.107   -9.745  1.00 25.91 ? 292 GLU A CD  1 
ATOM   989  O  OE1 . GLU A 1 122 ? -4.230  7.131   -10.118 1.00 30.13 ? 292 GLU A OE1 1 
ATOM   990  O  OE2 . GLU A 1 122 ? -6.081  5.956   -9.933  1.00 28.26 ? 292 GLU A OE2 1 
ATOM   991  N  N   . SER A 1 123 ? -0.493  5.854   -6.443  1.00 18.05 ? 293 SER A N   1 
ATOM   992  C  CA  . SER A 1 123 ? 0.844   6.342   -6.112  1.00 18.40 ? 293 SER A CA  1 
ATOM   993  C  C   . SER A 1 123 ? 1.686   5.247   -5.446  1.00 17.37 ? 293 SER A C   1 
ATOM   994  O  O   . SER A 1 123 ? 2.814   4.981   -5.854  1.00 17.12 ? 293 SER A O   1 
ATOM   995  C  CB  . SER A 1 123 ? 0.742   7.554   -5.180  1.00 19.60 ? 293 SER A CB  1 
ATOM   996  O  OG  . SER A 1 123 ? 2.024   8.041   -4.836  1.00 23.30 ? 293 SER A OG  1 
ATOM   997  N  N   . ILE A 1 124 ? 1.109   4.586   -4.453  1.00 16.41 ? 294 ILE A N   1 
ATOM   998  C  CA  . ILE A 1 124 ? 1.810   3.500   -3.737  1.00 16.25 ? 294 ILE A CA  1 
ATOM   999  C  C   . ILE A 1 124 ? 2.127   2.359   -4.703  1.00 15.97 ? 294 ILE A C   1 
ATOM   1000 O  O   . ILE A 1 124 ? 3.244   1.827   -4.707  1.00 15.20 ? 294 ILE A O   1 
ATOM   1001 C  CB  . ILE A 1 124 ? 0.978   2.977   -2.532  1.00 16.90 ? 294 ILE A CB  1 
ATOM   1002 C  CG1 . ILE A 1 124 ? 0.792   4.055   -1.431  1.00 17.33 ? 294 ILE A CG1 1 
ATOM   1003 C  CG2 . ILE A 1 124 ? 1.601   1.735   -1.903  1.00 16.93 ? 294 ILE A CG2 1 
ATOM   1004 C  CD1 . ILE A 1 124 ? 2.036   4.378   -0.607  1.00 17.81 ? 294 ILE A CD1 1 
ATOM   1005 N  N   . THR A 1 125 ? 1.149   1.987   -5.528  1.00 15.21 ? 295 THR A N   1 
ATOM   1006 C  CA  . THR A 1 125 ? 1.339   0.881   -6.474  1.00 15.89 ? 295 THR A CA  1 
ATOM   1007 C  C   . THR A 1 125 ? 2.423   1.238   -7.499  1.00 16.81 ? 295 THR A C   1 
ATOM   1008 O  O   . THR A 1 125 ? 3.246   0.395   -7.843  1.00 16.58 ? 295 THR A O   1 
ATOM   1009 C  CB  . THR A 1 125 ? 0.021   0.518   -7.186  1.00 16.12 ? 295 THR A CB  1 
ATOM   1010 O  OG1 . THR A 1 125 ? -0.976  0.239   -6.199  1.00 16.52 ? 295 THR A OG1 1 
ATOM   1011 C  CG2 . THR A 1 125 ? 0.190   -0.707  -8.086  1.00 16.40 ? 295 THR A CG2 1 
ATOM   1012 N  N   . ASP A 1 126 ? 2.398   2.487   -7.983  1.00 18.64 ? 296 ASP A N   1 
ATOM   1013 C  CA  . ASP A 1 126 ? 3.437   3.007   -8.901  1.00 20.33 ? 296 ASP A CA  1 
ATOM   1014 C  C   . ASP A 1 126 ? 4.831   2.840   -8.312  1.00 19.48 ? 296 ASP A C   1 
ATOM   1015 O  O   . ASP A 1 126 ? 5.719   2.316   -8.970  1.00 19.78 ? 296 ASP A O   1 
ATOM   1016 C  CB  . ASP A 1 126 ? 3.230   4.503   -9.193  1.00 22.91 ? 296 ASP A CB  1 
ATOM   1017 C  CG  . ASP A 1 126 ? 2.092   4.789   -10.145 1.00 26.07 ? 296 ASP A CG  1 
ATOM   1018 O  OD1 . ASP A 1 126 ? 1.532   3.850   -10.744 1.00 29.08 ? 296 ASP A OD1 1 
ATOM   1019 O  OD2 . ASP A 1 126 ? 1.769   5.997   -10.303 1.00 29.49 ? 296 ASP A OD2 1 
ATOM   1020 N  N   . VAL A 1 127 ? 4.999   3.250   -7.059  1.00 18.71 ? 297 VAL A N   1 
ATOM   1021 C  CA  . VAL A 1 127 ? 6.292   3.183   -6.369  1.00 18.69 ? 297 VAL A CA  1 
ATOM   1022 C  C   . VAL A 1 127 ? 6.750   1.731   -6.309  1.00 18.49 ? 297 VAL A C   1 
ATOM   1023 O  O   . VAL A 1 127 ? 7.899   1.412   -6.640  1.00 18.40 ? 297 VAL A O   1 
ATOM   1024 C  CB  . VAL A 1 127 ? 6.209   3.783   -4.937  1.00 19.42 ? 297 VAL A CB  1 
ATOM   1025 C  CG1 . VAL A 1 127 ? 7.476   3.508   -4.120  1.00 19.71 ? 297 VAL A CG1 1 
ATOM   1026 C  CG2 . VAL A 1 127 ? 5.921   5.283   -4.991  1.00 20.46 ? 297 VAL A CG2 1 
ATOM   1027 N  N   . LEU A 1 128 ? 5.834   0.842   -5.931  1.00 17.25 ? 298 LEU A N   1 
ATOM   1028 C  CA  . LEU A 1 128 ? 6.182   -0.563  -5.780  1.00 17.30 ? 298 LEU A CA  1 
ATOM   1029 C  C   . LEU A 1 128 ? 6.578   -1.208  -7.096  1.00 17.58 ? 298 LEU A C   1 
ATOM   1030 O  O   . LEU A 1 128 ? 7.629   -1.828  -7.207  1.00 17.26 ? 298 LEU A O   1 
ATOM   1031 C  CB  . LEU A 1 128 ? 5.012   -1.326  -5.164  1.00 16.88 ? 298 LEU A CB  1 
ATOM   1032 C  CG  . LEU A 1 128 ? 5.193   -2.814  -4.927  1.00 16.69 ? 298 LEU A CG  1 
ATOM   1033 C  CD1 . LEU A 1 128 ? 6.412   -3.081  -4.046  1.00 17.02 ? 298 LEU A CD1 1 
ATOM   1034 C  CD2 . LEU A 1 128 ? 3.915   -3.374  -4.307  1.00 17.60 ? 298 LEU A CD2 1 
ATOM   1035 N  N   . VAL A 1 129 ? 5.710   -1.077  -8.088  1.00 17.98 ? 299 VAL A N   1 
ATOM   1036 C  CA  . VAL A 1 129 ? 5.903   -1.756  -9.356  1.00 20.73 ? 299 VAL A CA  1 
ATOM   1037 C  C   . VAL A 1 129 ? 7.051   -1.145  -10.190 1.00 23.31 ? 299 VAL A C   1 
ATOM   1038 O  O   . VAL A 1 129 ? 7.847   -1.900  -10.764 1.00 24.57 ? 299 VAL A O   1 
ATOM   1039 C  CB  . VAL A 1 129 ? 4.567   -1.850  -10.127 1.00 20.65 ? 299 VAL A CB  1 
ATOM   1040 C  CG1 . VAL A 1 129 ? 4.782   -2.480  -11.497 1.00 22.25 ? 299 VAL A CG1 1 
ATOM   1041 C  CG2 . VAL A 1 129 ? 3.569   -2.662  -9.312  1.00 20.79 ? 299 VAL A CG2 1 
ATOM   1042 N  N   A ARG A 1 130 ? 7.146   0.186   -10.239 0.50 25.13 ? 300 ARG A N   1 
ATOM   1043 N  N   B ARG A 1 130 ? 7.145   0.185   -10.237 0.50 24.77 ? 300 ARG A N   1 
ATOM   1044 C  CA  A ARG A 1 130 ? 8.241   0.856   -10.963 0.50 26.96 ? 300 ARG A CA  1 
ATOM   1045 C  CA  B ARG A 1 130 ? 8.240   0.860   -10.956 0.50 26.35 ? 300 ARG A CA  1 
ATOM   1046 C  C   A ARG A 1 130 ? 9.619   0.492   -10.414 0.50 26.57 ? 300 ARG A C   1 
ATOM   1047 C  C   B ARG A 1 130 ? 9.618   0.495   -10.414 0.50 26.21 ? 300 ARG A C   1 
ATOM   1048 O  O   A ARG A 1 130 ? 10.552  0.281   -11.191 0.50 27.37 ? 300 ARG A O   1 
ATOM   1049 O  O   B ARG A 1 130 ? 10.551  0.293   -11.192 0.50 27.02 ? 300 ARG A O   1 
ATOM   1050 C  CB  A ARG A 1 130 ? 8.100   2.382   -10.936 0.50 29.32 ? 300 ARG A CB  1 
ATOM   1051 C  CB  B ARG A 1 130 ? 8.099   2.382   -10.897 0.50 28.15 ? 300 ARG A CB  1 
ATOM   1052 C  CG  A ARG A 1 130 ? 7.028   2.956   -11.852 0.50 31.71 ? 300 ARG A CG  1 
ATOM   1053 C  CG  B ARG A 1 130 ? 7.034   2.979   -11.802 0.50 29.96 ? 300 ARG A CG  1 
ATOM   1054 C  CD  A ARG A 1 130 ? 7.408   4.364   -12.294 0.50 33.40 ? 300 ARG A CD  1 
ATOM   1055 C  CD  B ARG A 1 130 ? 7.067   4.497   -11.692 0.50 31.15 ? 300 ARG A CD  1 
ATOM   1056 N  NE  A ARG A 1 130 ? 6.277   5.116   -12.834 0.50 35.21 ? 300 ARG A NE  1 
ATOM   1057 N  NE  B ARG A 1 130 ? 8.412   4.966   -11.364 0.50 31.81 ? 300 ARG A NE  1 
ATOM   1058 C  CZ  A ARG A 1 130 ? 5.724   6.165   -12.235 0.50 35.58 ? 300 ARG A CZ  1 
ATOM   1059 C  CZ  B ARG A 1 130 ? 9.225   5.589   -12.213 0.50 32.37 ? 300 ARG A CZ  1 
ATOM   1060 N  NH1 A ARG A 1 130 ? 6.194   6.596   -11.072 0.50 36.59 ? 300 ARG A NH1 1 
ATOM   1061 N  NH1 B ARG A 1 130 ? 10.431  5.966   -11.816 0.50 32.88 ? 300 ARG A NH1 1 
ATOM   1062 N  NH2 A ARG A 1 130 ? 4.701   6.789   -12.802 0.50 36.37 ? 300 ARG A NH2 1 
ATOM   1063 N  NH2 B ARG A 1 130 ? 8.833   5.845   -13.453 0.50 33.06 ? 300 ARG A NH2 1 
ATOM   1064 N  N   . THR A 1 131 ? 9.745   0.418   -9.088  1.00 25.50 ? 301 THR A N   1 
ATOM   1065 C  CA  . THR A 1 131 ? 11.048  0.148   -8.437  1.00 25.16 ? 301 THR A CA  1 
ATOM   1066 C  C   . THR A 1 131 ? 11.390  -1.344  -8.301  1.00 24.63 ? 301 THR A C   1 
ATOM   1067 O  O   . THR A 1 131 ? 12.583  -1.715  -8.327  1.00 25.62 ? 301 THR A O   1 
ATOM   1068 C  CB  . THR A 1 131 ? 11.160  0.828   -7.039  1.00 25.90 ? 301 THR A CB  1 
ATOM   1069 O  OG1 . THR A 1 131 ? 10.172  0.312   -6.147  1.00 25.82 ? 301 THR A OG1 1 
ATOM   1070 C  CG2 . THR A 1 131 ? 10.986  2.331   -7.138  1.00 26.54 ? 301 THR A CG2 1 
ATOM   1071 N  N   . LYS A 1 132 ? 10.379  -2.201  -8.126  1.00 22.33 ? 302 LYS A N   1 
ATOM   1072 C  CA  . LYS A 1 132 ? 10.607  -3.609  -7.758  1.00 22.57 ? 302 LYS A CA  1 
ATOM   1073 C  C   . LYS A 1 132 ? 10.041  -4.664  -8.690  1.00 19.85 ? 302 LYS A C   1 
ATOM   1074 O  O   . LYS A 1 132 ? 9.980   -5.823  -8.309  1.00 19.33 ? 302 LYS A O   1 
ATOM   1075 C  CB  . LYS A 1 132 ? 10.064  -3.916  -6.344  1.00 24.18 ? 302 LYS A CB  1 
ATOM   1076 C  CG  . LYS A 1 132 ? 10.460  -2.967  -5.229  1.00 27.04 ? 302 LYS A CG  1 
ATOM   1077 C  CD  . LYS A 1 132 ? 11.908  -2.493  -5.213  1.00 29.68 ? 302 LYS A CD  1 
ATOM   1078 C  CE  . LYS A 1 132 ? 12.971  -3.538  -5.533  1.00 32.15 ? 302 LYS A CE  1 
ATOM   1079 N  NZ  . LYS A 1 132 ? 14.014  -2.987  -6.438  1.00 34.60 ? 302 LYS A NZ  1 
ATOM   1080 N  N   . ARG A 1 133 ? 9.649   -4.305  -9.910  1.00 19.46 ? 303 ARG A N   1 
ATOM   1081 C  CA  . ARG A 1 133 ? 9.052   -5.310  -10.803 1.00 20.15 ? 303 ARG A CA  1 
ATOM   1082 C  C   . ARG A 1 133 ? 9.857   -6.618  -10.897 1.00 20.98 ? 303 ARG A C   1 
ATOM   1083 O  O   . ARG A 1 133 ? 9.306   -7.698  -10.701 1.00 20.21 ? 303 ARG A O   1 
ATOM   1084 C  CB  . ARG A 1 133 ? 8.843   -4.750  -12.208 1.00 19.81 ? 303 ARG A CB  1 
ATOM   1085 C  CG  . ARG A 1 133 ? 8.076   -5.705  -13.113 1.00 19.89 ? 303 ARG A CG  1 
ATOM   1086 C  CD  . ARG A 1 133 ? 8.064   -5.224  -14.549 1.00 20.19 ? 303 ARG A CD  1 
ATOM   1087 N  NE  . ARG A 1 133 ? 7.267   -4.022  -14.705 1.00 20.13 ? 303 ARG A NE  1 
ATOM   1088 C  CZ  . ARG A 1 133 ? 5.931   -3.961  -14.736 1.00 19.44 ? 303 ARG A CZ  1 
ATOM   1089 N  NH1 . ARG A 1 133 ? 5.179   -5.051  -14.615 1.00 19.38 ? 303 ARG A NH1 1 
ATOM   1090 N  NH2 . ARG A 1 133 ? 5.354   -2.783  -14.898 1.00 20.34 ? 303 ARG A NH2 1 
ATOM   1091 N  N   . ASP A 1 134 ? 11.147  -6.504  -11.214 1.00 23.55 ? 304 ASP A N   1 
ATOM   1092 C  CA  . ASP A 1 134 ? 12.040  -7.664  -11.375 1.00 24.93 ? 304 ASP A CA  1 
ATOM   1093 C  C   . ASP A 1 134 ? 12.067  -8.528  -10.110 1.00 23.48 ? 304 ASP A C   1 
ATOM   1094 O  O   . ASP A 1 134 ? 11.955  -9.749  -10.181 1.00 22.90 ? 304 ASP A O   1 
ATOM   1095 C  CB  . ASP A 1 134 ? 13.460  -7.175  -11.721 1.00 29.06 ? 304 ASP A CB  1 
ATOM   1096 C  CG  . ASP A 1 134 ? 14.440  -8.313  -11.974 1.00 32.62 ? 304 ASP A CG  1 
ATOM   1097 O  OD1 . ASP A 1 134 ? 14.127  -9.206  -12.783 1.00 37.50 ? 304 ASP A OD1 1 
ATOM   1098 O  OD2 . ASP A 1 134 ? 15.538  -8.295  -11.369 1.00 37.40 ? 304 ASP A OD2 1 
ATOM   1099 N  N   . TRP A 1 135 ? 12.201  -7.871  -8.959  1.00 21.99 ? 305 TRP A N   1 
ATOM   1100 C  CA  . TRP A 1 135 ? 12.230  -8.558  -7.665  1.00 21.23 ? 305 TRP A CA  1 
ATOM   1101 C  C   . TRP A 1 135 ? 10.899  -9.278  -7.409  1.00 20.23 ? 305 TRP A C   1 
ATOM   1102 O  O   . TRP A 1 135 ? 10.885  -10.431 -7.005  1.00 19.82 ? 305 TRP A O   1 
ATOM   1103 C  CB  . TRP A 1 135 ? 12.519  -7.553  -6.546  1.00 21.36 ? 305 TRP A CB  1 
ATOM   1104 C  CG  . TRP A 1 135 ? 12.795  -8.160  -5.199  1.00 22.10 ? 305 TRP A CG  1 
ATOM   1105 C  CD1 . TRP A 1 135 ? 14.023  -8.432  -4.659  1.00 23.25 ? 305 TRP A CD1 1 
ATOM   1106 C  CD2 . TRP A 1 135 ? 11.830  -8.533  -4.207  1.00 20.71 ? 305 TRP A CD2 1 
ATOM   1107 N  NE1 . TRP A 1 135 ? 13.879  -8.967  -3.399  1.00 22.78 ? 305 TRP A NE1 1 
ATOM   1108 C  CE2 . TRP A 1 135 ? 12.543  -9.037  -3.098  1.00 21.46 ? 305 TRP A CE2 1 
ATOM   1109 C  CE3 . TRP A 1 135 ? 10.430  -8.492  -4.146  1.00 20.24 ? 305 TRP A CE3 1 
ATOM   1110 C  CZ2 . TRP A 1 135 ? 11.901  -9.488  -1.944  1.00 20.91 ? 305 TRP A CZ2 1 
ATOM   1111 C  CZ3 . TRP A 1 135 ? 9.795   -8.954  -2.997  1.00 19.51 ? 305 TRP A CZ3 1 
ATOM   1112 C  CH2 . TRP A 1 135 ? 10.529  -9.447  -1.918  1.00 20.28 ? 305 TRP A CH2 1 
ATOM   1113 N  N   . LEU A 1 136 ? 9.786   -8.583  -7.639  1.00 19.08 ? 306 LEU A N   1 
ATOM   1114 C  CA  . LEU A 1 136 ? 8.461   -9.166  -7.418  1.00 19.32 ? 306 LEU A CA  1 
ATOM   1115 C  C   . LEU A 1 136 ? 8.253   -10.403 -8.298  1.00 20.41 ? 306 LEU A C   1 
ATOM   1116 O  O   . LEU A 1 136 ? 7.768   -11.427 -7.824  1.00 20.00 ? 306 LEU A O   1 
ATOM   1117 C  CB  . LEU A 1 136 ? 7.353   -8.134  -7.682  1.00 18.41 ? 306 LEU A CB  1 
ATOM   1118 C  CG  . LEU A 1 136 ? 7.285   -6.958  -6.701  1.00 18.32 ? 306 LEU A CG  1 
ATOM   1119 C  CD1 . LEU A 1 136 ? 6.463   -5.801  -7.270  1.00 18.39 ? 306 LEU A CD1 1 
ATOM   1120 C  CD2 . LEU A 1 136 ? 6.746   -7.410  -5.344  1.00 18.39 ? 306 LEU A CD2 1 
ATOM   1121 N  N   . VAL A 1 137 ? 8.672   -10.298 -9.563  1.00 21.96 ? 307 VAL A N   1 
ATOM   1122 C  CA  . VAL A 1 137 ? 8.618   -11.409 -10.512 1.00 24.32 ? 307 VAL A CA  1 
ATOM   1123 C  C   . VAL A 1 137 ? 9.429   -12.613 -10.023 1.00 24.71 ? 307 VAL A C   1 
ATOM   1124 O  O   . VAL A 1 137 ? 8.895   -13.717 -9.983  1.00 25.66 ? 307 VAL A O   1 
ATOM   1125 C  CB  . VAL A 1 137 ? 9.037   -10.955 -11.938 1.00 26.05 ? 307 VAL A CB  1 
ATOM   1126 C  CG1 . VAL A 1 137 ? 9.317   -12.138 -12.861 1.00 27.65 ? 307 VAL A CG1 1 
ATOM   1127 C  CG2 . VAL A 1 137 ? 7.950   -10.064 -12.531 1.00 26.90 ? 307 VAL A CG2 1 
ATOM   1128 N  N   . LYS A 1 138 ? 10.683  -12.399 -9.622  1.00 25.63 ? 308 LYS A N   1 
ATOM   1129 C  CA  . LYS A 1 138 ? 11.527  -13.477 -9.076  1.00 27.52 ? 308 LYS A CA  1 
ATOM   1130 C  C   . LYS A 1 138 ? 10.983  -14.114 -7.795  1.00 27.05 ? 308 LYS A C   1 
ATOM   1131 O  O   . LYS A 1 138 ? 11.211  -15.301 -7.543  1.00 27.22 ? 308 LYS A O   1 
ATOM   1132 C  CB  . LYS A 1 138 ? 12.937  -12.970 -8.773  1.00 29.51 ? 308 LYS A CB  1 
ATOM   1133 C  CG  . LYS A 1 138 ? 13.780  -12.635 -9.987  1.00 32.69 ? 308 LYS A CG  1 
ATOM   1134 C  CD  . LYS A 1 138 ? 15.228  -12.380 -9.589  1.00 34.38 ? 308 LYS A CD  1 
ATOM   1135 C  CE  . LYS A 1 138 ? 15.822  -11.194 -10.328 1.00 36.22 ? 308 LYS A CE  1 
ATOM   1136 N  NZ  . LYS A 1 138 ? 17.312  -11.216 -10.345 1.00 37.07 ? 308 LYS A NZ  1 
ATOM   1137 N  N   . GLN A 1 139 ? 10.271  -13.316 -6.998  1.00 25.77 ? 309 GLN A N   1 
ATOM   1138 C  CA  A GLN A 1 139 ? 9.742   -13.766 -5.710  0.50 25.65 ? 309 GLN A CA  1 
ATOM   1139 C  CA  B GLN A 1 139 ? 9.729   -13.739 -5.700  0.50 26.55 ? 309 GLN A CA  1 
ATOM   1140 C  C   . GLN A 1 139 ? 8.302   -14.290 -5.824  1.00 26.03 ? 309 GLN A C   1 
ATOM   1141 O  O   . GLN A 1 139 ? 7.635   -14.501 -4.816  1.00 25.92 ? 309 GLN A O   1 
ATOM   1142 C  CB  A GLN A 1 139 ? 9.855   -12.633 -4.686  0.50 25.10 ? 309 GLN A CB  1 
ATOM   1143 C  CB  B GLN A 1 139 ? 9.758   -12.567 -4.703  0.50 27.20 ? 309 GLN A CB  1 
ATOM   1144 C  CG  A GLN A 1 139 ? 11.297  -12.267 -4.358  0.50 24.99 ? 309 GLN A CG  1 
ATOM   1145 C  CG  B GLN A 1 139 ? 11.108  -12.305 -4.050  0.50 28.40 ? 309 GLN A CG  1 
ATOM   1146 C  CD  A GLN A 1 139 ? 12.013  -13.336 -3.553  0.50 24.77 ? 309 GLN A CD  1 
ATOM   1147 C  CD  B GLN A 1 139 ? 12.290  -12.615 -4.942  0.50 29.46 ? 309 GLN A CD  1 
ATOM   1148 O  OE1 A GLN A 1 139 ? 11.404  -14.029 -2.742  0.50 24.48 ? 309 GLN A OE1 1 
ATOM   1149 O  OE1 B GLN A 1 139 ? 12.669  -13.773 -5.105  0.50 31.17 ? 309 GLN A OE1 1 
ATOM   1150 N  NE2 A GLN A 1 139 ? 13.319  -13.458 -3.759  0.50 24.86 ? 309 GLN A NE2 1 
ATOM   1151 N  NE2 B GLN A 1 139 ? 12.888  -11.577 -5.518  0.50 29.78 ? 309 GLN A NE2 1 
ATOM   1152 N  N   . ARG A 1 140 ? 7.856   -14.519 -7.063  1.00 25.07 ? 310 ARG A N   1 
ATOM   1153 C  CA  . ARG A 1 140 ? 6.558   -15.109 -7.407  1.00 25.57 ? 310 ARG A CA  1 
ATOM   1154 C  C   . ARG A 1 140 ? 5.351   -14.210 -7.074  1.00 22.50 ? 310 ARG A C   1 
ATOM   1155 O  O   . ARG A 1 140 ? 4.252   -14.694 -6.836  1.00 22.67 ? 310 ARG A O   1 
ATOM   1156 C  CB  . ARG A 1 140 ? 6.404   -16.510 -6.789  1.00 28.93 ? 310 ARG A CB  1 
ATOM   1157 C  CG  . ARG A 1 140 ? 7.616   -17.420 -6.985  1.00 32.43 ? 310 ARG A CG  1 
ATOM   1158 C  CD  . ARG A 1 140 ? 7.328   -18.866 -6.598  1.00 36.30 ? 310 ARG A CD  1 
ATOM   1159 N  NE  . ARG A 1 140 ? 6.716   -18.980 -5.265  1.00 39.14 ? 310 ARG A NE  1 
ATOM   1160 C  CZ  . ARG A 1 140 ? 5.476   -19.409 -4.986  1.00 41.18 ? 310 ARG A CZ  1 
ATOM   1161 N  NH1 . ARG A 1 140 ? 4.627   -19.810 -5.937  1.00 42.83 ? 310 ARG A NH1 1 
ATOM   1162 N  NH2 . ARG A 1 140 ? 5.076   -19.445 -3.715  1.00 43.18 ? 310 ARG A NH2 1 
ATOM   1163 N  N   . GLY A 1 141 ? 5.570   -12.900 -7.093  1.00 20.79 ? 311 GLY A N   1 
ATOM   1164 C  CA  . GLY A 1 141 ? 4.514   -11.916 -6.949  1.00 19.33 ? 311 GLY A CA  1 
ATOM   1165 C  C   . GLY A 1 141 ? 3.654   -12.102 -5.717  1.00 18.22 ? 311 GLY A C   1 
ATOM   1166 O  O   . GLY A 1 141 ? 4.145   -12.408 -4.629  1.00 17.59 ? 311 GLY A O   1 
ATOM   1167 N  N   . TRP A 1 142 ? 2.349   -11.934 -5.904  1.00 17.16 ? 312 TRP A N   1 
ATOM   1168 C  CA  . TRP A 1 142 ? 1.410   -12.003 -4.809  1.00 17.08 ? 312 TRP A CA  1 
ATOM   1169 C  C   . TRP A 1 142 ? 1.240   -13.415 -4.244  1.00 17.31 ? 312 TRP A C   1 
ATOM   1170 O  O   . TRP A 1 142 ? 0.976   -13.570 -3.060  1.00 17.26 ? 312 TRP A O   1 
ATOM   1171 C  CB  . TRP A 1 142 ? 0.088   -11.360 -5.213  1.00 16.82 ? 312 TRP A CB  1 
ATOM   1172 C  CG  . TRP A 1 142 ? 0.259   -9.875  -5.364  1.00 16.34 ? 312 TRP A CG  1 
ATOM   1173 C  CD1 . TRP A 1 142 ? 0.328   -9.170  -6.521  1.00 16.78 ? 312 TRP A CD1 1 
ATOM   1174 C  CD2 . TRP A 1 142 ? 0.475   -8.937  -4.304  1.00 16.58 ? 312 TRP A CD2 1 
ATOM   1175 N  NE1 . TRP A 1 142 ? 0.524   -7.828  -6.252  1.00 16.61 ? 312 TRP A NE1 1 
ATOM   1176 C  CE2 . TRP A 1 142 ? 0.638   -7.668  -4.899  1.00 16.35 ? 312 TRP A CE2 1 
ATOM   1177 C  CE3 . TRP A 1 142 ? 0.538   -9.046  -2.912  1.00 16.33 ? 312 TRP A CE3 1 
ATOM   1178 C  CZ2 . TRP A 1 142 ? 0.850   -6.509  -4.140  1.00 16.49 ? 312 TRP A CZ2 1 
ATOM   1179 C  CZ3 . TRP A 1 142 ? 0.732   -7.900  -2.160  1.00 16.89 ? 312 TRP A CZ3 1 
ATOM   1180 C  CH2 . TRP A 1 142 ? 0.891   -6.651  -2.774  1.00 16.70 ? 312 TRP A CH2 1 
ATOM   1181 N  N   . ASP A 1 143 ? 1.437   -14.437 -5.073  1.00 19.31 ? 313 ASP A N   1 
ATOM   1182 C  CA  . ASP A 1 143 ? 1.508   -15.814 -4.556  1.00 21.26 ? 313 ASP A CA  1 
ATOM   1183 C  C   . ASP A 1 143 ? 2.678   -15.955 -3.583  1.00 20.54 ? 313 ASP A C   1 
ATOM   1184 O  O   . ASP A 1 143 ? 2.556   -16.576 -2.522  1.00 20.99 ? 313 ASP A O   1 
ATOM   1185 C  CB  . ASP A 1 143 ? 1.634   -16.820 -5.713  1.00 23.77 ? 313 ASP A CB  1 
ATOM   1186 C  CG  . ASP A 1 143 ? 0.361   -16.924 -6.535  1.00 27.00 ? 313 ASP A CG  1 
ATOM   1187 O  OD1 . ASP A 1 143 ? -0.705  -17.160 -5.943  1.00 29.54 ? 313 ASP A OD1 1 
ATOM   1188 O  OD2 . ASP A 1 143 ? 0.426   -16.775 -7.772  1.00 32.95 ? 313 ASP A OD2 1 
ATOM   1189 N  N   . GLY A 1 144 ? 3.807   -15.343 -3.943  1.00 19.62 ? 314 GLY A N   1 
ATOM   1190 C  CA  . GLY A 1 144 ? 4.991   -15.317 -3.090  1.00 19.40 ? 314 GLY A CA  1 
ATOM   1191 C  C   . GLY A 1 144 ? 4.795   -14.569 -1.782  1.00 18.44 ? 314 GLY A C   1 
ATOM   1192 O  O   . GLY A 1 144 ? 5.267   -15.003 -0.738  1.00 19.22 ? 314 GLY A O   1 
ATOM   1193 N  N   . PHE A 1 145 ? 4.105   -13.434 -1.856  1.00 17.90 ? 315 PHE A N   1 
ATOM   1194 C  CA  . PHE A 1 145 ? 3.747   -12.627 -0.686  1.00 18.37 ? 315 PHE A CA  1 
ATOM   1195 C  C   . PHE A 1 145 ? 2.952   -13.468 0.313   1.00 18.85 ? 315 PHE A C   1 
ATOM   1196 O  O   . PHE A 1 145 ? 3.279   -13.517 1.494   1.00 19.48 ? 315 PHE A O   1 
ATOM   1197 C  CB  . PHE A 1 145 ? 2.938   -11.401 -1.156  1.00 17.50 ? 315 PHE A CB  1 
ATOM   1198 C  CG  . PHE A 1 145 ? 2.375   -10.552 -0.053  1.00 17.38 ? 315 PHE A CG  1 
ATOM   1199 C  CD1 . PHE A 1 145 ? 3.181   -9.659  0.627   1.00 17.79 ? 315 PHE A CD1 1 
ATOM   1200 C  CD2 . PHE A 1 145 ? 1.017   -10.598 0.269   1.00 17.62 ? 315 PHE A CD2 1 
ATOM   1201 C  CE1 . PHE A 1 145 ? 2.658   -8.855  1.630   1.00 17.74 ? 315 PHE A CE1 1 
ATOM   1202 C  CE2 . PHE A 1 145 ? 0.494   -9.794  1.274   1.00 17.27 ? 315 PHE A CE2 1 
ATOM   1203 C  CZ  . PHE A 1 145 ? 1.319   -8.925  1.957   1.00 17.48 ? 315 PHE A CZ  1 
ATOM   1204 N  N   . VAL A 1 146 ? 1.942   -14.162 -0.203  1.00 19.44 ? 316 VAL A N   1 
ATOM   1205 C  CA  . VAL A 1 146 ? 1.049   -14.990 0.615   1.00 20.93 ? 316 VAL A CA  1 
ATOM   1206 C  C   . VAL A 1 146 ? 1.838   -16.118 1.284   1.00 21.16 ? 316 VAL A C   1 
ATOM   1207 O  O   . VAL A 1 146 ? 1.741   -16.313 2.496   1.00 22.14 ? 316 VAL A O   1 
ATOM   1208 C  CB  . VAL A 1 146 ? -0.115  -15.554 -0.236  1.00 21.53 ? 316 VAL A CB  1 
ATOM   1209 C  CG1 . VAL A 1 146 ? -0.924  -16.606 0.535   1.00 22.82 ? 316 VAL A CG1 1 
ATOM   1210 C  CG2 . VAL A 1 146 ? -1.038  -14.421 -0.688  1.00 21.78 ? 316 VAL A CG2 1 
ATOM   1211 N  N   . GLU A 1 147 ? 2.635   -16.820 0.480   1.00 22.04 ? 317 GLU A N   1 
ATOM   1212 C  CA  . GLU A 1 147 ? 3.479   -17.907 0.968   1.00 22.43 ? 317 GLU A CA  1 
ATOM   1213 C  C   . GLU A 1 147 ? 4.474   -17.437 2.019   1.00 22.46 ? 317 GLU A C   1 
ATOM   1214 O  O   . GLU A 1 147 ? 4.668   -18.119 3.018   1.00 24.83 ? 317 GLU A O   1 
ATOM   1215 C  CB  . GLU A 1 147 ? 4.213   -18.595 -0.188  1.00 22.84 ? 317 GLU A CB  1 
ATOM   1216 N  N   . PHE A 1 148 ? 5.090   -16.268 1.809   1.00 21.32 ? 318 PHE A N   1 
ATOM   1217 C  CA  . PHE A 1 148 ? 6.105   -15.753 2.734   1.00 20.85 ? 318 PHE A CA  1 
ATOM   1218 C  C   . PHE A 1 148 ? 5.554   -15.546 4.142   1.00 21.13 ? 318 PHE A C   1 
ATOM   1219 O  O   . PHE A 1 148 ? 6.199   -15.896 5.143   1.00 20.26 ? 318 PHE A O   1 
ATOM   1220 C  CB  . PHE A 1 148 ? 6.670   -14.435 2.201   1.00 20.55 ? 318 PHE A CB  1 
ATOM   1221 C  CG  . PHE A 1 148 ? 7.807   -13.886 3.011   1.00 20.65 ? 318 PHE A CG  1 
ATOM   1222 C  CD1 . PHE A 1 148 ? 9.108   -14.322 2.784   1.00 20.59 ? 318 PHE A CD1 1 
ATOM   1223 C  CD2 . PHE A 1 148 ? 7.590   -12.921 3.988   1.00 20.82 ? 318 PHE A CD2 1 
ATOM   1224 C  CE1 . PHE A 1 148 ? 10.157  -13.802 3.510   1.00 20.31 ? 318 PHE A CE1 1 
ATOM   1225 C  CE2 . PHE A 1 148 ? 8.644   -12.411 4.732   1.00 21.03 ? 318 PHE A CE2 1 
ATOM   1226 C  CZ  . PHE A 1 148 ? 9.930   -12.852 4.485   1.00 20.55 ? 318 PHE A CZ  1 
ATOM   1227 N  N   . PHE A 1 149 ? 4.357   -14.980 4.217   1.00 21.60 ? 319 PHE A N   1 
ATOM   1228 C  CA  . PHE A 1 149 ? 3.746   -14.644 5.502   1.00 23.71 ? 319 PHE A CA  1 
ATOM   1229 C  C   . PHE A 1 149 ? 2.831   -15.729 6.079   1.00 26.91 ? 319 PHE A C   1 
ATOM   1230 O  O   . PHE A 1 149 ? 2.270   -15.533 7.150   1.00 29.42 ? 319 PHE A O   1 
ATOM   1231 C  CB  . PHE A 1 149 ? 3.014   -13.299 5.392   1.00 22.78 ? 319 PHE A CB  1 
ATOM   1232 C  CG  . PHE A 1 149 ? 3.945   -12.120 5.287   1.00 21.88 ? 319 PHE A CG  1 
ATOM   1233 C  CD1 . PHE A 1 149 ? 4.760   -11.768 6.361   1.00 21.91 ? 319 PHE A CD1 1 
ATOM   1234 C  CD2 . PHE A 1 149 ? 4.014   -11.360 4.122   1.00 21.34 ? 319 PHE A CD2 1 
ATOM   1235 C  CE1 . PHE A 1 149 ? 5.628   -10.691 6.282   1.00 20.81 ? 319 PHE A CE1 1 
ATOM   1236 C  CE2 . PHE A 1 149 ? 4.880   -10.276 4.040   1.00 20.80 ? 319 PHE A CE2 1 
ATOM   1237 C  CZ  . PHE A 1 149 ? 5.687   -9.944  5.117   1.00 21.05 ? 319 PHE A CZ  1 
ATOM   1238 N  N   . HIS A 1 150 ? 2.690   -16.857 5.380   1.00 30.46 ? 320 HIS A N   1 
ATOM   1239 C  CA  . HIS A 1 150 ? 1.927   -18.008 5.881   1.00 34.96 ? 320 HIS A CA  1 
ATOM   1240 C  C   . HIS A 1 150 ? 2.577   -18.590 7.139   1.00 34.50 ? 320 HIS A C   1 
ATOM   1241 O  O   . HIS A 1 150 ? 3.791   -18.799 7.174   1.00 38.20 ? 320 HIS A O   1 
ATOM   1242 C  CB  . HIS A 1 150 ? 1.818   -19.083 4.788   1.00 37.97 ? 320 HIS A CB  1 
ATOM   1243 C  CG  . HIS A 1 150 ? 1.327   -20.408 5.282   1.00 42.37 ? 320 HIS A CG  1 
ATOM   1244 N  ND1 . HIS A 1 150 ? 2.149   -21.510 5.388   1.00 45.77 ? 320 HIS A ND1 1 
ATOM   1245 C  CD2 . HIS A 1 150 ? 0.105   -20.806 5.710   1.00 44.84 ? 320 HIS A CD2 1 
ATOM   1246 C  CE1 . HIS A 1 150 ? 1.453   -22.532 5.851   1.00 47.24 ? 320 HIS A CE1 1 
ATOM   1247 N  NE2 . HIS A 1 150 ? 0.210   -22.132 6.057   1.00 46.11 ? 320 HIS A NE2 1 
HETATM 1248 C  C1  . NQJ B 2 .   ? 12.057  -6.258  7.212   0.95 22.63 ? 501 NQJ A C1  1 
HETATM 1249 C  C2  . NQJ B 2 .   ? 10.739  -4.654  8.588   0.95 22.15 ? 501 NQJ A C2  1 
HETATM 1250 C  C3  . NQJ B 2 .   ? 9.506   -3.815  8.609   0.95 21.95 ? 501 NQJ A C3  1 
HETATM 1251 C  C5  . NQJ B 2 .   ? 8.086   -5.640  9.471   0.95 21.35 ? 501 NQJ A C5  1 
HETATM 1252 C  C6  . NQJ B 2 .   ? 7.167   -5.904  8.453   0.95 20.91 ? 501 NQJ A C6  1 
HETATM 1253 C  C7  . NQJ B 2 .   ? 6.656   -7.189  8.289   0.95 21.36 ? 501 NQJ A C7  1 
HETATM 1254 C  C8  . NQJ B 2 .   ? 7.055   -8.225  9.133   0.95 22.23 ? 501 NQJ A C8  1 
HETATM 1255 C  C9  . NQJ B 2 .   ? 7.967   -7.965  10.153  0.95 22.34 ? 501 NQJ A C9  1 
HETATM 1256 C  C10 . NQJ B 2 .   ? 8.488   -6.680  10.312  0.95 22.27 ? 501 NQJ A C10 1 
HETATM 1257 C  C11 . NQJ B 2 .   ? 10.505  -1.694  7.878   0.95 23.15 ? 501 NQJ A C11 1 
HETATM 1258 C  C14 . NQJ B 2 .   ? 10.703  1.935   9.015   0.95 27.37 ? 501 NQJ A C14 1 
HETATM 1259 C  C16 . NQJ B 2 .   ? 11.401  2.132   7.840   0.95 27.18 ? 501 NQJ A C16 1 
HETATM 1260 C  C17 . NQJ B 2 .   ? 9.566   4.538   6.419   0.95 25.22 ? 501 NQJ A C17 1 
HETATM 1261 C  C18 . NQJ B 2 .   ? 9.715   3.706   5.303   0.95 24.23 ? 501 NQJ A C18 1 
HETATM 1262 C  C19 . NQJ B 2 .   ? 8.647   3.506   4.427   0.95 24.02 ? 501 NQJ A C19 1 
HETATM 1263 C  C20 . NQJ B 2 .   ? 7.432   4.145   4.674   0.95 23.61 ? 501 NQJ A C20 1 
HETATM 1264 C  C21 . NQJ B 2 .   ? 7.289   4.965   5.787   0.95 23.68 ? 501 NQJ A C21 1 
HETATM 1265 F  F3  . NQJ B 2 .   ? 8.240   1.467   3.430   0.95 24.90 ? 501 NQJ A F3  1 
HETATM 1266 C  C23 . NQJ B 2 .   ? 8.803   2.637   3.235   0.95 25.41 ? 501 NQJ A C23 1 
HETATM 1267 F  F1  . NQJ B 2 .   ? 10.071  2.443   2.938   0.95 25.50 ? 501 NQJ A F1  1 
HETATM 1268 F  F2  . NQJ B 2 .   ? 8.232   3.211   2.196   0.95 28.10 ? 501 NQJ A F2  1 
HETATM 1269 C  C22 . NQJ B 2 .   ? 8.361   5.150   6.658   0.95 24.12 ? 501 NQJ A C22 1 
HETATM 1270 CL CL  . NQJ B 2 .   ? 8.160   6.151   8.009   0.95 27.39 ? 501 NQJ A CL  1 
HETATM 1271 N  N2  . NQJ B 2 .   ? 10.647  4.716   7.390   0.95 26.95 ? 501 NQJ A N2  1 
HETATM 1272 S  S2  . NQJ B 2 .   ? 11.990  3.624   7.412   0.95 29.08 ? 501 NQJ A S2  1 
HETATM 1273 O  O4  . NQJ B 2 .   ? 12.664  3.508   6.161   0.95 27.72 ? 501 NQJ A O4  1 
HETATM 1274 O  O5  . NQJ B 2 .   ? 12.838  4.080   8.486   0.95 29.81 ? 501 NQJ A O5  1 
HETATM 1275 C  C15 . NQJ B 2 .   ? 10.299  2.871   10.135  0.95 28.30 ? 501 NQJ A C15 1 
HETATM 1276 C  C13 . NQJ B 2 .   ? 10.303  0.607   9.186   0.95 26.42 ? 501 NQJ A C13 1 
HETATM 1277 S  S1  . NQJ B 2 .   ? 11.523  0.676   7.003   0.95 25.87 ? 501 NQJ A S1  1 
HETATM 1278 C  C12 . NQJ B 2 .   ? 10.704  -0.228  8.142   0.95 24.97 ? 501 NQJ A C12 1 
HETATM 1279 O  O3  . NQJ B 2 .   ? 10.924  -2.199  6.846   0.95 24.26 ? 501 NQJ A O3  1 
HETATM 1280 N  N1  . NQJ B 2 .   ? 9.840   -2.414  8.779   0.95 21.84 ? 501 NQJ A N1  1 
HETATM 1281 O  O2  . NQJ B 2 .   ? 11.655  -4.485  9.379   0.95 22.79 ? 501 NQJ A O2  1 
HETATM 1282 O  O1  . NQJ B 2 .   ? 10.819  -5.664  7.572   0.95 23.12 ? 501 NQJ A O1  1 
HETATM 1283 C  C4  . NQJ B 2 .   ? 8.621   -4.258  9.663   0.95 21.60 ? 501 NQJ A C4  1 
HETATM 1284 O  O   . HOH C 3 .   ? -7.358  -10.005 -8.363  1.00 32.09 ? 601 HOH A O   1 
HETATM 1285 O  O   . HOH C 3 .   ? -3.732  -5.267  -24.220 1.00 38.22 ? 602 HOH A O   1 
HETATM 1286 O  O   . HOH C 3 .   ? -10.433 8.120   -4.471  1.00 39.60 ? 603 HOH A O   1 
HETATM 1287 O  O   . HOH C 3 .   ? 13.340  -1.932  5.908   1.00 35.24 ? 604 HOH A O   1 
HETATM 1288 O  O   . HOH C 3 .   ? 3.053   8.086   -9.419  1.00 45.94 ? 605 HOH A O   1 
HETATM 1289 O  O   . HOH C 3 .   ? -2.173  4.367   -12.456 1.00 49.66 ? 606 HOH A O   1 
HETATM 1290 O  O   . HOH C 3 .   ? -14.952 11.733  5.878   1.00 51.85 ? 607 HOH A O   1 
HETATM 1291 O  O   . HOH C 3 .   ? -13.757 -0.626  1.118   1.00 29.90 ? 608 HOH A O   1 
HETATM 1292 O  O   . HOH C 3 .   ? 1.120   -14.289 -8.290  1.00 31.79 ? 609 HOH A O   1 
HETATM 1293 O  O   . HOH C 3 .   ? 15.161  10.999  -5.263  1.00 28.51 ? 610 HOH A O   1 
HETATM 1294 O  O   . HOH C 3 .   ? -9.712  -2.138  -5.994  1.00 41.79 ? 611 HOH A O   1 
HETATM 1295 O  O   . HOH C 3 .   ? 6.858   10.759  15.489  1.00 32.01 ? 612 HOH A O   1 
HETATM 1296 O  O   . HOH C 3 .   ? -7.901  -5.273  9.271   1.00 46.55 ? 613 HOH A O   1 
HETATM 1297 O  O   . HOH C 3 .   ? 0.840   -8.534  -18.187 1.00 23.15 ? 614 HOH A O   1 
HETATM 1298 O  O   . HOH C 3 .   ? 3.512   6.805   -3.021  1.00 40.65 ? 615 HOH A O   1 
HETATM 1299 O  O   . HOH C 3 .   ? -7.332  19.222  3.719   1.00 41.73 ? 616 HOH A O   1 
HETATM 1300 O  O   . HOH C 3 .   ? -5.113  -1.107  10.863  1.00 43.79 ? 617 HOH A O   1 
HETATM 1301 O  O   . HOH C 3 .   ? 2.927   19.071  8.525   1.00 40.73 ? 618 HOH A O   1 
HETATM 1302 O  O   . HOH C 3 .   ? -8.721  -3.669  7.076   1.00 35.05 ? 619 HOH A O   1 
HETATM 1303 O  O   . HOH C 3 .   ? -7.523  3.713   -9.869  1.00 33.29 ? 620 HOH A O   1 
HETATM 1304 O  O   . HOH C 3 .   ? 5.733   3.775   17.465  1.00 41.52 ? 621 HOH A O   1 
HETATM 1305 O  O   . HOH C 3 .   ? -2.590  3.482   11.614  1.00 31.82 ? 622 HOH A O   1 
HETATM 1306 O  O   . HOH C 3 .   ? -9.946  18.957  3.807   1.00 41.21 ? 623 HOH A O   1 
HETATM 1307 O  O   . HOH C 3 .   ? 12.537  10.704  -6.371  1.00 27.26 ? 624 HOH A O   1 
HETATM 1308 O  O   . HOH C 3 .   ? 0.459   -10.196 -10.858 1.00 37.64 ? 625 HOH A O   1 
HETATM 1309 O  O   . HOH C 3 .   ? -6.528  -11.463 8.140   1.00 36.80 ? 626 HOH A O   1 
HETATM 1310 O  O   . HOH C 3 .   ? -0.025  3.788   12.856  1.00 31.15 ? 627 HOH A O   1 
HETATM 1311 O  O   . HOH C 3 .   ? 0.881   -18.641 -2.037  1.00 45.08 ? 628 HOH A O   1 
HETATM 1312 O  O   . HOH C 3 .   ? -0.612  6.670   -11.392 1.00 43.04 ? 629 HOH A O   1 
HETATM 1313 O  O   . HOH C 3 .   ? -13.021 13.888  -0.357  1.00 32.33 ? 630 HOH A O   1 
HETATM 1314 O  O   . HOH C 3 .   ? 14.302  -4.975  9.685   1.00 37.74 ? 631 HOH A O   1 
HETATM 1315 O  O   . HOH C 3 .   ? 7.378   -18.766 -2.450  1.00 43.95 ? 632 HOH A O   1 
HETATM 1316 O  O   . HOH C 3 .   ? -0.143  -15.347 4.195   1.00 26.25 ? 633 HOH A O   1 
HETATM 1317 O  O   . HOH C 3 .   ? 11.247  6.562   9.292   1.00 39.55 ? 634 HOH A O   1 
HETATM 1318 O  O   . HOH C 3 .   ? 1.322   8.842   18.033  1.00 36.49 ? 635 HOH A O   1 
HETATM 1319 O  O   . HOH C 3 .   ? 8.822   -14.552 -2.065  1.00 30.79 ? 636 HOH A O   1 
HETATM 1320 O  O   . HOH C 3 .   ? -7.645  7.955   -8.945  1.00 31.37 ? 637 HOH A O   1 
HETATM 1321 O  O   . HOH C 3 .   ? -2.653  -7.771  13.294  1.00 41.65 ? 638 HOH A O   1 
HETATM 1322 O  O   . HOH C 3 .   ? -2.325  -12.457 -11.727 1.00 37.76 ? 639 HOH A O   1 
HETATM 1323 O  O   . HOH C 3 .   ? 16.364  -8.447  3.886   1.00 44.15 ? 640 HOH A O   1 
HETATM 1324 O  O   . HOH C 3 .   ? -11.866 -2.254  -0.054  1.00 23.55 ? 641 HOH A O   1 
HETATM 1325 O  O   . HOH C 3 .   ? -4.778  -16.380 -18.984 1.00 28.98 ? 642 HOH A O   1 
HETATM 1326 O  O   . HOH C 3 .   ? 9.832   8.662   10.295  1.00 30.14 ? 643 HOH A O   1 
HETATM 1327 O  O   . HOH C 3 .   ? 13.911  -1.082  -1.329  1.00 27.56 ? 644 HOH A O   1 
HETATM 1328 O  O   . HOH C 3 .   ? -12.188 -4.625  0.920   1.00 30.81 ? 645 HOH A O   1 
HETATM 1329 O  O   . HOH C 3 .   ? 8.474   13.020  14.862  1.00 28.68 ? 646 HOH A O   1 
HETATM 1330 O  O   . HOH C 3 .   ? -10.430 0.639   9.757   1.00 38.85 ? 647 HOH A O   1 
HETATM 1331 O  O   . HOH C 3 .   ? -7.976  17.461  -2.784  1.00 28.59 ? 648 HOH A O   1 
HETATM 1332 O  O   . HOH C 3 .   ? -6.057  3.237   13.083  1.00 49.76 ? 649 HOH A O   1 
HETATM 1333 O  O   . HOH C 3 .   ? 8.692   -1.750  -14.004 1.00 37.89 ? 650 HOH A O   1 
HETATM 1334 O  O   . HOH C 3 .   ? 7.878   18.633  2.995   1.00 31.98 ? 651 HOH A O   1 
HETATM 1335 O  O   . HOH C 3 .   ? 1.946   10.322  -6.455  1.00 28.39 ? 652 HOH A O   1 
HETATM 1336 O  O   . HOH C 3 .   ? 4.983   12.229  -7.701  1.00 37.35 ? 653 HOH A O   1 
HETATM 1337 O  O   . HOH C 3 .   ? 7.590   -16.590 -0.778  1.00 29.03 ? 654 HOH A O   1 
HETATM 1338 O  O   . HOH C 3 .   ? 7.021   9.664   -9.659  1.00 46.83 ? 655 HOH A O   1 
HETATM 1339 O  O   . HOH C 3 .   ? 6.233   -14.101 -10.852 1.00 38.69 ? 656 HOH A O   1 
HETATM 1340 O  O   . HOH C 3 .   ? -15.316 -0.504  -5.242  1.00 51.76 ? 657 HOH A O   1 
HETATM 1341 O  O   . HOH C 3 .   ? -8.674  -17.249 -1.399  1.00 30.68 ? 658 HOH A O   1 
HETATM 1342 O  O   . HOH C 3 .   ? 18.215  9.046   1.238   1.00 35.02 ? 659 HOH A O   1 
HETATM 1343 O  O   . HOH C 3 .   ? -6.670  -2.788  -10.737 1.00 25.28 ? 660 HOH A O   1 
HETATM 1344 O  O   . HOH C 3 .   ? -1.832  9.293   -8.071  1.00 36.84 ? 661 HOH A O   1 
HETATM 1345 O  O   . HOH C 3 .   ? 13.060  14.544  12.746  1.00 38.03 ? 662 HOH A O   1 
HETATM 1346 O  O   . HOH C 3 .   ? -12.732 -6.980  -0.624  1.00 30.36 ? 663 HOH A O   1 
HETATM 1347 O  O   . HOH C 3 .   ? -9.242  -16.875 1.533   1.00 37.77 ? 664 HOH A O   1 
HETATM 1348 O  O   . HOH C 3 .   ? -9.120  -8.839  -14.006 1.00 27.54 ? 665 HOH A O   1 
HETATM 1349 O  O   . HOH C 3 .   ? 11.739  -10.831 1.674   1.00 22.41 ? 666 HOH A O   1 
HETATM 1350 O  O   . HOH C 3 .   ? -2.646  9.936   11.977  1.00 39.99 ? 667 HOH A O   1 
HETATM 1351 O  O   . HOH C 3 .   ? -3.508  7.976   10.386  1.00 27.12 ? 668 HOH A O   1 
HETATM 1352 O  O   . HOH C 3 .   ? -6.619  -9.120  -15.939 1.00 47.43 ? 669 HOH A O   1 
HETATM 1353 O  O   . HOH C 3 .   ? 12.530  -3.947  -11.741 1.00 34.22 ? 670 HOH A O   1 
HETATM 1354 O  O   . HOH C 3 .   ? -1.653  -14.169 -8.419  1.00 30.55 ? 671 HOH A O   1 
HETATM 1355 O  O   . HOH C 3 .   ? 7.965   3.820   14.874  1.00 24.74 ? 672 HOH A O   1 
HETATM 1356 O  O   . HOH C 3 .   ? 1.495   -11.799 -8.746  1.00 25.61 ? 673 HOH A O   1 
HETATM 1357 O  O   . HOH C 3 .   ? 15.174  -6.406  7.029   1.00 36.81 ? 674 HOH A O   1 
HETATM 1358 O  O   . HOH C 3 .   ? 13.414  -5.142  -8.965  1.00 33.11 ? 675 HOH A O   1 
HETATM 1359 O  O   . HOH C 3 .   ? 0.379   2.148   18.286  1.00 38.06 ? 676 HOH A O   1 
HETATM 1360 O  O   . HOH C 3 .   ? 11.152  -9.222  5.264   1.00 24.09 ? 677 HOH A O   1 
HETATM 1361 O  O   . HOH C 3 .   ? -8.694  -4.689  -11.734 1.00 34.41 ? 678 HOH A O   1 
HETATM 1362 O  O   . HOH C 3 .   ? 16.498  6.616   -3.082  1.00 38.59 ? 679 HOH A O   1 
HETATM 1363 O  O   . HOH C 3 .   ? -9.865  20.093  -1.117  1.00 43.99 ? 680 HOH A O   1 
HETATM 1364 O  O   . HOH C 3 .   ? -3.475  -1.213  13.033  1.00 42.29 ? 681 HOH A O   1 
HETATM 1365 O  O   . HOH C 3 .   ? 2.880   -7.758  -16.071 1.00 41.20 ? 682 HOH A O   1 
HETATM 1366 O  O   . HOH C 3 .   ? 11.890  -13.067 0.126   1.00 34.16 ? 683 HOH A O   1 
HETATM 1367 O  O   . HOH C 3 .   ? -5.705  -17.023 -7.757  1.00 31.86 ? 684 HOH A O   1 
HETATM 1368 O  O   . HOH C 3 .   ? -8.858  -11.286 7.063   1.00 44.62 ? 685 HOH A O   1 
HETATM 1369 O  O   . HOH C 3 .   ? 10.892  10.977  9.406   1.00 47.40 ? 686 HOH A O   1 
HETATM 1370 O  O   . HOH C 3 .   ? 6.750   14.111  16.639  1.00 35.06 ? 687 HOH A O   1 
HETATM 1371 O  O   . HOH C 3 .   ? -11.031 -1.892  8.677   1.00 39.12 ? 688 HOH A O   1 
HETATM 1372 O  O   . HOH C 3 .   ? -2.082  -17.633 -3.044  1.00 44.01 ? 689 HOH A O   1 
HETATM 1373 O  O   . HOH C 3 .   ? -5.790  9.205   11.038  1.00 35.06 ? 690 HOH A O   1 
HETATM 1374 O  O   . HOH C 3 .   ? 8.894   19.430  9.580   1.00 39.95 ? 691 HOH A O   1 
HETATM 1375 O  O   . HOH C 3 .   ? -8.231  -1.731  -8.949  1.00 37.01 ? 692 HOH A O   1 
HETATM 1376 O  O   . HOH C 3 .   ? 11.278  18.380  10.434  1.00 37.48 ? 693 HOH A O   1 
HETATM 1377 O  O   . HOH C 3 .   ? 1.539   -11.260 -13.136 1.00 36.87 ? 694 HOH A O   1 
HETATM 1378 O  O   . HOH C 3 .   ? 4.384   -12.129 -10.751 1.00 44.18 ? 695 HOH A O   1 
HETATM 1379 O  O   . HOH C 3 .   ? 0.945   9.495   -8.648  1.00 43.32 ? 696 HOH A O   1 
HETATM 1380 O  O   . HOH C 3 .   ? 9.875   -9.717  7.288   1.00 39.49 ? 697 HOH A O   1 
HETATM 1381 O  O   . HOH C 3 .   ? -4.532  3.242   -12.783 1.00 48.68 ? 698 HOH A O   1 
HETATM 1382 O  O   . HOH C 3 .   ? -5.437  -3.313  -23.832 1.00 42.52 ? 699 HOH A O   1 
# 
loop_
_pdbx_poly_seq_scheme.asym_id 
_pdbx_poly_seq_scheme.entity_id 
_pdbx_poly_seq_scheme.seq_id 
_pdbx_poly_seq_scheme.mon_id 
_pdbx_poly_seq_scheme.ndb_seq_num 
_pdbx_poly_seq_scheme.pdb_seq_num 
_pdbx_poly_seq_scheme.auth_seq_num 
_pdbx_poly_seq_scheme.pdb_mon_id 
_pdbx_poly_seq_scheme.auth_mon_id 
_pdbx_poly_seq_scheme.pdb_strand_id 
_pdbx_poly_seq_scheme.pdb_ins_code 
_pdbx_poly_seq_scheme.hetero 
A 1 1   SER 1   171 171 SER SER A . n 
A 1 2   ASP 2   172 172 ASP ASP A . n 
A 1 3   GLU 3   173 173 GLU GLU A . n 
A 1 4   LEU 4   174 174 LEU LEU A . n 
A 1 5   TYR 5   175 175 TYR TYR A . n 
A 1 6   ARG 6   176 176 ARG ARG A . n 
A 1 7   GLN 7   177 177 GLN GLN A . n 
A 1 8   SER 8   178 178 SER SER A . n 
A 1 9   LEU 9   179 179 LEU LEU A . n 
A 1 10  GLU 10  180 180 GLU GLU A . n 
A 1 11  ILE 11  181 181 ILE ILE A . n 
A 1 12  ILE 12  182 182 ILE ILE A . n 
A 1 13  SER 13  183 183 SER SER A . n 
A 1 14  ARG 14  184 184 ARG ARG A . n 
A 1 15  TYR 15  185 185 TYR TYR A . n 
A 1 16  LEU 16  186 186 LEU LEU A . n 
A 1 17  ARG 17  187 187 ARG ARG A . n 
A 1 18  GLU 18  188 188 GLU GLU A . n 
A 1 19  GLN 19  189 189 GLN GLN A . n 
A 1 20  ALA 20  190 190 ALA ALA A . n 
A 1 21  THR 21  191 191 THR THR A . n 
A 1 22  GLY 22  192 192 GLY GLY A . n 
A 1 23  ALA 23  193 193 ALA ALA A . n 
A 1 24  LYS 24  194 194 LYS LYS A . n 
A 1 25  ASP 25  195 195 ASP ASP A . n 
A 1 26  THR 26  196 196 THR THR A . n 
A 1 27  LYS 27  197 197 LYS LYS A . n 
A 1 28  PRO 28  198 198 PRO PRO A . n 
A 1 29  MET 29  199 199 MET MET A . n 
A 1 30  GLY 30  200 200 GLY GLY A . n 
A 1 31  ARG 31  201 201 ARG ARG A . n 
A 1 32  SER 32  202 202 SER SER A . n 
A 1 33  GLY 33  203 203 GLY GLY A . n 
A 1 34  ALA 34  204 204 ALA ALA A . n 
A 1 35  THR 35  205 205 THR THR A . n 
A 1 36  SER 36  206 206 SER SER A . n 
A 1 37  ARG 37  207 207 ARG ARG A . n 
A 1 38  LYS 38  208 208 LYS LYS A . n 
A 1 39  ALA 39  209 209 ALA ALA A . n 
A 1 40  LEU 40  210 210 LEU LEU A . n 
A 1 41  GLU 41  211 211 GLU GLU A . n 
A 1 42  THR 42  212 212 THR THR A . n 
A 1 43  LEU 43  213 213 LEU LEU A . n 
A 1 44  ARG 44  214 214 ARG ARG A . n 
A 1 45  ARG 45  215 215 ARG ARG A . n 
A 1 46  VAL 46  216 216 VAL VAL A . n 
A 1 47  GLY 47  217 217 GLY GLY A . n 
A 1 48  ASP 48  218 218 ASP ASP A . n 
A 1 49  GLY 49  219 219 GLY GLY A . n 
A 1 50  VAL 50  220 220 VAL VAL A . n 
A 1 51  GLN 51  221 221 GLN GLN A . n 
A 1 52  ARG 52  222 222 ARG ARG A . n 
A 1 53  ASN 53  223 223 ASN ASN A . n 
A 1 54  HIS 54  224 224 HIS HIS A . n 
A 1 55  GLU 55  225 225 GLU GLU A . n 
A 1 56  THR 56  226 226 THR THR A . n 
A 1 57  ALA 57  227 227 ALA ALA A . n 
A 1 58  PHE 58  228 228 PHE PHE A . n 
A 1 59  GLN 59  229 229 GLN GLN A . n 
A 1 60  GLY 60  230 230 GLY GLY A . n 
A 1 61  MET 61  231 231 MET MET A . n 
A 1 62  LEU 62  232 232 LEU LEU A . n 
A 1 63  ARG 63  233 233 ARG ARG A . n 
A 1 64  LYS 64  234 234 LYS LYS A . n 
A 1 65  LEU 65  235 235 LEU LEU A . n 
A 1 66  ASP 66  236 236 ASP ASP A . n 
A 1 67  ILE 67  237 237 ILE ILE A . n 
A 1 68  LYS 68  238 238 LYS LYS A . n 
A 1 69  ASN 69  239 239 ASN ASN A . n 
A 1 70  GLU 70  240 240 GLU GLU A . n 
A 1 71  ASP 71  241 241 ASP ASP A . n 
A 1 72  ASP 72  242 242 ASP ASP A . n 
A 1 73  VAL 73  243 243 VAL VAL A . n 
A 1 74  LYS 74  244 244 LYS LYS A . n 
A 1 75  SER 75  245 245 SER SER A . n 
A 1 76  LEU 76  246 246 LEU LEU A . n 
A 1 77  SER 77  247 247 SER SER A . n 
A 1 78  ARG 78  248 248 ARG ARG A . n 
A 1 79  VAL 79  249 249 VAL VAL A . n 
A 1 80  MET 80  250 250 MET MET A . n 
A 1 81  ILE 81  251 251 ILE ILE A . n 
A 1 82  HIS 82  252 252 HIS HIS A . n 
A 1 83  VAL 83  253 253 VAL VAL A . n 
A 1 84  PHE 84  254 254 PHE PHE A . n 
A 1 85  SER 85  255 255 SER SER A . n 
A 1 86  ASP 86  256 256 ASP ASP A . n 
A 1 87  GLY 87  257 257 GLY GLY A . n 
A 1 88  VAL 88  258 258 VAL VAL A . n 
A 1 89  THR 89  259 259 THR THR A . n 
A 1 90  ASN 90  260 260 ASN ASN A . n 
A 1 91  TRP 91  261 261 TRP TRP A . n 
A 1 92  GLY 92  262 262 GLY GLY A . n 
A 1 93  ARG 93  263 263 ARG ARG A . n 
A 1 94  ILE 94  264 264 ILE ILE A . n 
A 1 95  VAL 95  265 265 VAL VAL A . n 
A 1 96  THR 96  266 266 THR THR A . n 
A 1 97  LEU 97  267 267 LEU LEU A . n 
A 1 98  ILE 98  268 268 ILE ILE A . n 
A 1 99  SER 99  269 269 SER SER A . n 
A 1 100 PHE 100 270 270 PHE PHE A . n 
A 1 101 GLY 101 271 271 GLY GLY A . n 
A 1 102 ALA 102 272 272 ALA ALA A . n 
A 1 103 PHE 103 273 273 PHE PHE A . n 
A 1 104 VAL 104 274 274 VAL VAL A . n 
A 1 105 ALA 105 275 275 ALA ALA A . n 
A 1 106 LYS 106 276 276 LYS LYS A . n 
A 1 107 HIS 107 277 277 HIS HIS A . n 
A 1 108 LEU 108 278 278 LEU LEU A . n 
A 1 109 LYS 109 279 279 LYS LYS A . n 
A 1 110 THR 110 280 280 THR THR A . n 
A 1 111 ILE 111 281 281 ILE ILE A . n 
A 1 112 ASN 112 282 282 ASN ASN A . n 
A 1 113 GLN 113 283 283 GLN GLN A . n 
A 1 114 GLU 114 284 284 GLU GLU A . n 
A 1 115 SER 115 285 285 SER SER A . n 
A 1 116 CYS 116 286 286 CYS CYS A . n 
A 1 117 ILE 117 287 287 ILE ILE A . n 
A 1 118 GLU 118 288 288 GLU GLU A . n 
A 1 119 PRO 119 289 289 PRO PRO A . n 
A 1 120 LEU 120 290 290 LEU LEU A . n 
A 1 121 ALA 121 291 291 ALA ALA A . n 
A 1 122 GLU 122 292 292 GLU GLU A . n 
A 1 123 SER 123 293 293 SER SER A . n 
A 1 124 ILE 124 294 294 ILE ILE A . n 
A 1 125 THR 125 295 295 THR THR A . n 
A 1 126 ASP 126 296 296 ASP ASP A . n 
A 1 127 VAL 127 297 297 VAL VAL A . n 
A 1 128 LEU 128 298 298 LEU LEU A . n 
A 1 129 VAL 129 299 299 VAL VAL A . n 
A 1 130 ARG 130 300 300 ARG ARG A . n 
A 1 131 THR 131 301 301 THR THR A . n 
A 1 132 LYS 132 302 302 LYS LYS A . n 
A 1 133 ARG 133 303 303 ARG ARG A . n 
A 1 134 ASP 134 304 304 ASP ASP A . n 
A 1 135 TRP 135 305 305 TRP TRP A . n 
A 1 136 LEU 136 306 306 LEU LEU A . n 
A 1 137 VAL 137 307 307 VAL VAL A . n 
A 1 138 LYS 138 308 308 LYS LYS A . n 
A 1 139 GLN 139 309 309 GLN GLN A . n 
A 1 140 ARG 140 310 310 ARG ARG A . n 
A 1 141 GLY 141 311 311 GLY GLY A . n 
A 1 142 TRP 142 312 312 TRP TRP A . n 
A 1 143 ASP 143 313 313 ASP ASP A . n 
A 1 144 GLY 144 314 314 GLY GLY A . n 
A 1 145 PHE 145 315 315 PHE PHE A . n 
A 1 146 VAL 146 316 316 VAL VAL A . n 
A 1 147 GLU 147 317 317 GLU GLU A . n 
A 1 148 PHE 148 318 318 PHE PHE A . n 
A 1 149 PHE 149 319 319 PHE PHE A . n 
A 1 150 HIS 150 320 320 HIS HIS A . n 
A 1 151 VAL 151 321 ?   ?   ?   A . n 
A 1 152 GLU 152 322 ?   ?   ?   A . n 
A 1 153 ASP 153 323 ?   ?   ?   A . n 
A 1 154 LEU 154 324 ?   ?   ?   A . n 
A 1 155 GLU 155 325 ?   ?   ?   A . n 
A 1 156 GLY 156 326 ?   ?   ?   A . n 
A 1 157 GLY 157 327 ?   ?   ?   A . n 
# 
loop_
_pdbx_nonpoly_scheme.asym_id 
_pdbx_nonpoly_scheme.entity_id 
_pdbx_nonpoly_scheme.mon_id 
_pdbx_nonpoly_scheme.ndb_seq_num 
_pdbx_nonpoly_scheme.pdb_seq_num 
_pdbx_nonpoly_scheme.auth_seq_num 
_pdbx_nonpoly_scheme.pdb_mon_id 
_pdbx_nonpoly_scheme.auth_mon_id 
_pdbx_nonpoly_scheme.pdb_strand_id 
_pdbx_nonpoly_scheme.pdb_ins_code 
B 2 NQJ 1  501 501 NQJ MC7 A . 
C 3 HOH 1  601 53  HOH HOH A . 
C 3 HOH 2  602 36  HOH HOH A . 
C 3 HOH 3  603 79  HOH HOH A . 
C 3 HOH 4  604 34  HOH HOH A . 
C 3 HOH 5  605 91  HOH HOH A . 
C 3 HOH 6  606 94  HOH HOH A . 
C 3 HOH 7  607 32  HOH HOH A . 
C 3 HOH 8  608 40  HOH HOH A . 
C 3 HOH 9  609 51  HOH HOH A . 
C 3 HOH 10 610 12  HOH HOH A . 
C 3 HOH 11 611 88  HOH HOH A . 
C 3 HOH 12 612 49  HOH HOH A . 
C 3 HOH 13 613 25  HOH HOH A . 
C 3 HOH 14 614 4   HOH HOH A . 
C 3 HOH 15 615 22  HOH HOH A . 
C 3 HOH 16 616 89  HOH HOH A . 
C 3 HOH 17 617 24  HOH HOH A . 
C 3 HOH 18 618 90  HOH HOH A . 
C 3 HOH 19 619 60  HOH HOH A . 
C 3 HOH 20 620 56  HOH HOH A . 
C 3 HOH 21 621 87  HOH HOH A . 
C 3 HOH 22 622 44  HOH HOH A . 
C 3 HOH 23 623 83  HOH HOH A . 
C 3 HOH 24 624 10  HOH HOH A . 
C 3 HOH 25 625 69  HOH HOH A . 
C 3 HOH 26 626 38  HOH HOH A . 
C 3 HOH 27 627 50  HOH HOH A . 
C 3 HOH 28 628 33  HOH HOH A . 
C 3 HOH 29 629 85  HOH HOH A . 
C 3 HOH 30 630 52  HOH HOH A . 
C 3 HOH 31 631 30  HOH HOH A . 
C 3 HOH 32 632 21  HOH HOH A . 
C 3 HOH 33 633 7   HOH HOH A . 
C 3 HOH 34 634 75  HOH HOH A . 
C 3 HOH 35 635 57  HOH HOH A . 
C 3 HOH 36 636 48  HOH HOH A . 
C 3 HOH 37 637 45  HOH HOH A . 
C 3 HOH 38 638 31  HOH HOH A . 
C 3 HOH 39 639 71  HOH HOH A . 
C 3 HOH 40 640 93  HOH HOH A . 
C 3 HOH 41 641 2   HOH HOH A . 
C 3 HOH 42 642 15  HOH HOH A . 
C 3 HOH 43 643 41  HOH HOH A . 
C 3 HOH 44 644 17  HOH HOH A . 
C 3 HOH 45 645 20  HOH HOH A . 
C 3 HOH 46 646 16  HOH HOH A . 
C 3 HOH 47 647 67  HOH HOH A . 
C 3 HOH 48 648 18  HOH HOH A . 
C 3 HOH 49 649 99  HOH HOH A . 
C 3 HOH 50 650 77  HOH HOH A . 
C 3 HOH 51 651 42  HOH HOH A . 
C 3 HOH 52 652 11  HOH HOH A . 
C 3 HOH 53 653 73  HOH HOH A . 
C 3 HOH 54 654 13  HOH HOH A . 
C 3 HOH 55 655 27  HOH HOH A . 
C 3 HOH 56 656 80  HOH HOH A . 
C 3 HOH 57 657 28  HOH HOH A . 
C 3 HOH 58 658 14  HOH HOH A . 
C 3 HOH 59 659 26  HOH HOH A . 
C 3 HOH 60 660 6   HOH HOH A . 
C 3 HOH 61 661 68  HOH HOH A . 
C 3 HOH 62 662 35  HOH HOH A . 
C 3 HOH 63 663 43  HOH HOH A . 
C 3 HOH 64 664 72  HOH HOH A . 
C 3 HOH 65 665 19  HOH HOH A . 
C 3 HOH 66 666 1   HOH HOH A . 
C 3 HOH 67 667 74  HOH HOH A . 
C 3 HOH 68 668 8   HOH HOH A . 
C 3 HOH 69 669 95  HOH HOH A . 
C 3 HOH 70 670 55  HOH HOH A . 
C 3 HOH 71 671 47  HOH HOH A . 
C 3 HOH 72 672 3   HOH HOH A . 
C 3 HOH 73 673 9   HOH HOH A . 
C 3 HOH 74 674 66  HOH HOH A . 
C 3 HOH 75 675 54  HOH HOH A . 
C 3 HOH 76 676 65  HOH HOH A . 
C 3 HOH 77 677 5   HOH HOH A . 
C 3 HOH 78 678 59  HOH HOH A . 
C 3 HOH 79 679 78  HOH HOH A . 
C 3 HOH 80 680 92  HOH HOH A . 
C 3 HOH 81 681 82  HOH HOH A . 
C 3 HOH 82 682 70  HOH HOH A . 
C 3 HOH 83 683 61  HOH HOH A . 
C 3 HOH 84 684 46  HOH HOH A . 
C 3 HOH 85 685 39  HOH HOH A . 
C 3 HOH 86 686 98  HOH HOH A . 
C 3 HOH 87 687 58  HOH HOH A . 
C 3 HOH 88 688 23  HOH HOH A . 
C 3 HOH 89 689 84  HOH HOH A . 
C 3 HOH 90 690 62  HOH HOH A . 
C 3 HOH 91 691 76  HOH HOH A . 
C 3 HOH 92 692 29  HOH HOH A . 
C 3 HOH 93 693 63  HOH HOH A . 
C 3 HOH 94 694 37  HOH HOH A . 
C 3 HOH 95 695 81  HOH HOH A . 
C 3 HOH 96 696 96  HOH HOH A . 
C 3 HOH 97 697 64  HOH HOH A . 
C 3 HOH 98 698 100 HOH HOH A . 
C 3 HOH 99 699 86  HOH HOH A . 
# 
_pdbx_struct_assembly.id                   1 
_pdbx_struct_assembly.details              author_and_software_defined_assembly 
_pdbx_struct_assembly.method_details       PISA 
_pdbx_struct_assembly.oligomeric_details   monomeric 
_pdbx_struct_assembly.oligomeric_count     1 
# 
_pdbx_struct_assembly_gen.assembly_id       1 
_pdbx_struct_assembly_gen.oper_expression   1 
_pdbx_struct_assembly_gen.asym_id_list      A,B,C 
# 
loop_
_pdbx_struct_assembly_prop.biol_id 
_pdbx_struct_assembly_prop.type 
_pdbx_struct_assembly_prop.value 
_pdbx_struct_assembly_prop.details 
1 'ABSA (A^2)' 0    ? 
1 MORE         0    ? 
1 'SSA (A^2)'  7810 ? 
# 
_pdbx_struct_oper_list.id                   1 
_pdbx_struct_oper_list.type                 'identity operation' 
_pdbx_struct_oper_list.name                 1_555 
_pdbx_struct_oper_list.symmetry_operation   x,y,z 
_pdbx_struct_oper_list.matrix[1][1]         1.0000000000 
_pdbx_struct_oper_list.matrix[1][2]         0.0000000000 
_pdbx_struct_oper_list.matrix[1][3]         0.0000000000 
_pdbx_struct_oper_list.vector[1]            0.0000000000 
_pdbx_struct_oper_list.matrix[2][1]         0.0000000000 
_pdbx_struct_oper_list.matrix[2][2]         1.0000000000 
_pdbx_struct_oper_list.matrix[2][3]         0.0000000000 
_pdbx_struct_oper_list.vector[2]            0.0000000000 
_pdbx_struct_oper_list.matrix[3][1]         0.0000000000 
_pdbx_struct_oper_list.matrix[3][2]         0.0000000000 
_pdbx_struct_oper_list.matrix[3][3]         1.0000000000 
_pdbx_struct_oper_list.vector[3]            0.0000000000 
# 
loop_
_pdbx_audit_revision_history.ordinal 
_pdbx_audit_revision_history.data_content_type 
_pdbx_audit_revision_history.major_revision 
_pdbx_audit_revision_history.minor_revision 
_pdbx_audit_revision_history.revision_date 
1 'Structure model' 1 0 2019-07-03 
2 'Structure model' 1 1 2019-07-10 
3 'Structure model' 1 2 2019-08-21 
4 'Structure model' 1 3 2023-10-11 
# 
_pdbx_audit_revision_details.ordinal             1 
_pdbx_audit_revision_details.revision_ordinal    1 
_pdbx_audit_revision_details.data_content_type   'Structure model' 
_pdbx_audit_revision_details.provider            repository 
_pdbx_audit_revision_details.type                'Initial release' 
_pdbx_audit_revision_details.description         ? 
_pdbx_audit_revision_details.details             ? 
# 
loop_
_pdbx_audit_revision_group.ordinal 
_pdbx_audit_revision_group.revision_ordinal 
_pdbx_audit_revision_group.data_content_type 
_pdbx_audit_revision_group.group 
1 2 'Structure model' 'Data collection'        
2 2 'Structure model' 'Database references'    
3 3 'Structure model' 'Data collection'        
4 3 'Structure model' 'Database references'    
5 4 'Structure model' 'Data collection'        
6 4 'Structure model' 'Database references'    
7 4 'Structure model' 'Refinement description' 
# 
loop_
_pdbx_audit_revision_category.ordinal 
_pdbx_audit_revision_category.revision_ordinal 
_pdbx_audit_revision_category.data_content_type 
_pdbx_audit_revision_category.category 
1 2 'Structure model' citation                      
2 2 'Structure model' citation_author               
3 3 'Structure model' citation                      
4 4 'Structure model' chem_comp_atom                
5 4 'Structure model' chem_comp_bond                
6 4 'Structure model' database_2                    
7 4 'Structure model' pdbx_initial_refinement_model 
# 
loop_
_pdbx_audit_revision_item.ordinal 
_pdbx_audit_revision_item.revision_ordinal 
_pdbx_audit_revision_item.data_content_type 
_pdbx_audit_revision_item.item 
1  2 'Structure model' '_citation.pdbx_database_id_DOI'      
2  2 'Structure model' '_citation.pdbx_database_id_PubMed'   
3  2 'Structure model' '_citation.title'                     
4  2 'Structure model' '_citation_author.identifier_ORCID'   
5  2 'Structure model' '_citation_author.name'               
6  3 'Structure model' '_citation.journal_volume'            
7  3 'Structure model' '_citation.page_first'                
8  3 'Structure model' '_citation.page_last'                 
9  4 'Structure model' '_database_2.pdbx_DOI'                
10 4 'Structure model' '_database_2.pdbx_database_accession' 
# 
loop_
_software.citation_id 
_software.classification 
_software.compiler_name 
_software.compiler_version 
_software.contact_author 
_software.contact_author_email 
_software.date 
_software.description 
_software.dependencies 
_software.hardware 
_software.language 
_software.location 
_software.mods 
_software.name 
_software.os 
_software.os_version 
_software.type 
_software.version 
_software.pdbx_ordinal 
? refinement       ? ? ? ? ? ? ? ? ? ? ? REFMAC    ? ? ? 5.8.0158 1 
? 'data reduction' ? ? ? ? ? ? ? ? ? ? ? HKL-2000  ? ? ? .        2 
? 'data scaling'   ? ? ? ? ? ? ? ? ? ? ? SCALEPACK ? ? ? .        3 
? phasing          ? ? ? ? ? ? ? ? ? ? ? PHASER    ? ? ? .        4 
# 
_pdbx_validate_rmsd_angle.id                         1 
_pdbx_validate_rmsd_angle.PDB_model_num              1 
_pdbx_validate_rmsd_angle.auth_atom_id_1             NE 
_pdbx_validate_rmsd_angle.auth_asym_id_1             A 
_pdbx_validate_rmsd_angle.auth_comp_id_1             ARG 
_pdbx_validate_rmsd_angle.auth_seq_id_1              187 
_pdbx_validate_rmsd_angle.PDB_ins_code_1             ? 
_pdbx_validate_rmsd_angle.label_alt_id_1             ? 
_pdbx_validate_rmsd_angle.auth_atom_id_2             CZ 
_pdbx_validate_rmsd_angle.auth_asym_id_2             A 
_pdbx_validate_rmsd_angle.auth_comp_id_2             ARG 
_pdbx_validate_rmsd_angle.auth_seq_id_2              187 
_pdbx_validate_rmsd_angle.PDB_ins_code_2             ? 
_pdbx_validate_rmsd_angle.label_alt_id_2             ? 
_pdbx_validate_rmsd_angle.auth_atom_id_3             NH1 
_pdbx_validate_rmsd_angle.auth_asym_id_3             A 
_pdbx_validate_rmsd_angle.auth_comp_id_3             ARG 
_pdbx_validate_rmsd_angle.auth_seq_id_3              187 
_pdbx_validate_rmsd_angle.PDB_ins_code_3             ? 
_pdbx_validate_rmsd_angle.label_alt_id_3             ? 
_pdbx_validate_rmsd_angle.angle_value                123.39 
_pdbx_validate_rmsd_angle.angle_target_value         120.30 
_pdbx_validate_rmsd_angle.angle_deviation            3.09 
_pdbx_validate_rmsd_angle.angle_standard_deviation   0.50 
_pdbx_validate_rmsd_angle.linker_flag                N 
# 
loop_
_pdbx_unobs_or_zero_occ_atoms.id 
_pdbx_unobs_or_zero_occ_atoms.PDB_model_num 
_pdbx_unobs_or_zero_occ_atoms.polymer_flag 
_pdbx_unobs_or_zero_occ_atoms.occupancy_flag 
_pdbx_unobs_or_zero_occ_atoms.auth_asym_id 
_pdbx_unobs_or_zero_occ_atoms.auth_comp_id 
_pdbx_unobs_or_zero_occ_atoms.auth_seq_id 
_pdbx_unobs_or_zero_occ_atoms.PDB_ins_code 
_pdbx_unobs_or_zero_occ_atoms.auth_atom_id 
_pdbx_unobs_or_zero_occ_atoms.label_alt_id 
_pdbx_unobs_or_zero_occ_atoms.label_asym_id 
_pdbx_unobs_or_zero_occ_atoms.label_comp_id 
_pdbx_unobs_or_zero_occ_atoms.label_seq_id 
_pdbx_unobs_or_zero_occ_atoms.label_atom_id 
1  1 Y 1 A LYS 194 ? CG  ? A LYS 24  CG  
2  1 Y 1 A LYS 194 ? CD  ? A LYS 24  CD  
3  1 Y 1 A LYS 194 ? CE  ? A LYS 24  CE  
4  1 Y 1 A LYS 194 ? NZ  ? A LYS 24  NZ  
5  1 Y 1 A LYS 197 ? CG  ? A LYS 27  CG  
6  1 Y 1 A LYS 197 ? CD  ? A LYS 27  CD  
7  1 Y 1 A LYS 197 ? CE  ? A LYS 27  CE  
8  1 Y 1 A LYS 197 ? NZ  ? A LYS 27  NZ  
9  1 Y 1 A ARG 207 ? CG  ? A ARG 37  CG  
10 1 Y 1 A ARG 207 ? CD  ? A ARG 37  CD  
11 1 Y 1 A ARG 207 ? NE  ? A ARG 37  NE  
12 1 Y 1 A ARG 207 ? CZ  ? A ARG 37  CZ  
13 1 Y 1 A ARG 207 ? NH1 ? A ARG 37  NH1 
14 1 Y 1 A ARG 207 ? NH2 ? A ARG 37  NH2 
15 1 Y 1 A GLU 317 ? CG  ? A GLU 147 CG  
16 1 Y 1 A GLU 317 ? CD  ? A GLU 147 CD  
17 1 Y 1 A GLU 317 ? OE1 ? A GLU 147 OE1 
18 1 Y 1 A GLU 317 ? OE2 ? A GLU 147 OE2 
# 
loop_
_pdbx_unobs_or_zero_occ_residues.id 
_pdbx_unobs_or_zero_occ_residues.PDB_model_num 
_pdbx_unobs_or_zero_occ_residues.polymer_flag 
_pdbx_unobs_or_zero_occ_residues.occupancy_flag 
_pdbx_unobs_or_zero_occ_residues.auth_asym_id 
_pdbx_unobs_or_zero_occ_residues.auth_comp_id 
_pdbx_unobs_or_zero_occ_residues.auth_seq_id 
_pdbx_unobs_or_zero_occ_residues.PDB_ins_code 
_pdbx_unobs_or_zero_occ_residues.label_asym_id 
_pdbx_unobs_or_zero_occ_residues.label_comp_id 
_pdbx_unobs_or_zero_occ_residues.label_seq_id 
1 1 Y 1 A VAL 321 ? A VAL 151 
2 1 Y 1 A GLU 322 ? A GLU 152 
3 1 Y 1 A ASP 323 ? A ASP 153 
4 1 Y 1 A LEU 324 ? A LEU 154 
5 1 Y 1 A GLU 325 ? A GLU 155 
6 1 Y 1 A GLY 326 ? A GLY 156 
7 1 Y 1 A GLY 327 ? A GLY 157 
# 
loop_
_chem_comp_atom.comp_id 
_chem_comp_atom.atom_id 
_chem_comp_atom.type_symbol 
_chem_comp_atom.pdbx_aromatic_flag 
_chem_comp_atom.pdbx_stereo_config 
_chem_comp_atom.pdbx_ordinal 
ALA N    N  N N 1   
ALA CA   C  N S 2   
ALA C    C  N N 3   
ALA O    O  N N 4   
ALA CB   C  N N 5   
ALA OXT  O  N N 6   
ALA H    H  N N 7   
ALA H2   H  N N 8   
ALA HA   H  N N 9   
ALA HB1  H  N N 10  
ALA HB2  H  N N 11  
ALA HB3  H  N N 12  
ALA HXT  H  N N 13  
ARG N    N  N N 14  
ARG CA   C  N S 15  
ARG C    C  N N 16  
ARG O    O  N N 17  
ARG CB   C  N N 18  
ARG CG   C  N N 19  
ARG CD   C  N N 20  
ARG NE   N  N N 21  
ARG CZ   C  N N 22  
ARG NH1  N  N N 23  
ARG NH2  N  N N 24  
ARG OXT  O  N N 25  
ARG H    H  N N 26  
ARG H2   H  N N 27  
ARG HA   H  N N 28  
ARG HB2  H  N N 29  
ARG HB3  H  N N 30  
ARG HG2  H  N N 31  
ARG HG3  H  N N 32  
ARG HD2  H  N N 33  
ARG HD3  H  N N 34  
ARG HE   H  N N 35  
ARG HH11 H  N N 36  
ARG HH12 H  N N 37  
ARG HH21 H  N N 38  
ARG HH22 H  N N 39  
ARG HXT  H  N N 40  
ASN N    N  N N 41  
ASN CA   C  N S 42  
ASN C    C  N N 43  
ASN O    O  N N 44  
ASN CB   C  N N 45  
ASN CG   C  N N 46  
ASN OD1  O  N N 47  
ASN ND2  N  N N 48  
ASN OXT  O  N N 49  
ASN H    H  N N 50  
ASN H2   H  N N 51  
ASN HA   H  N N 52  
ASN HB2  H  N N 53  
ASN HB3  H  N N 54  
ASN HD21 H  N N 55  
ASN HD22 H  N N 56  
ASN HXT  H  N N 57  
ASP N    N  N N 58  
ASP CA   C  N S 59  
ASP C    C  N N 60  
ASP O    O  N N 61  
ASP CB   C  N N 62  
ASP CG   C  N N 63  
ASP OD1  O  N N 64  
ASP OD2  O  N N 65  
ASP OXT  O  N N 66  
ASP H    H  N N 67  
ASP H2   H  N N 68  
ASP HA   H  N N 69  
ASP HB2  H  N N 70  
ASP HB3  H  N N 71  
ASP HD2  H  N N 72  
ASP HXT  H  N N 73  
CYS N    N  N N 74  
CYS CA   C  N R 75  
CYS C    C  N N 76  
CYS O    O  N N 77  
CYS CB   C  N N 78  
CYS SG   S  N N 79  
CYS OXT  O  N N 80  
CYS H    H  N N 81  
CYS H2   H  N N 82  
CYS HA   H  N N 83  
CYS HB2  H  N N 84  
CYS HB3  H  N N 85  
CYS HG   H  N N 86  
CYS HXT  H  N N 87  
GLN N    N  N N 88  
GLN CA   C  N S 89  
GLN C    C  N N 90  
GLN O    O  N N 91  
GLN CB   C  N N 92  
GLN CG   C  N N 93  
GLN CD   C  N N 94  
GLN OE1  O  N N 95  
GLN NE2  N  N N 96  
GLN OXT  O  N N 97  
GLN H    H  N N 98  
GLN H2   H  N N 99  
GLN HA   H  N N 100 
GLN HB2  H  N N 101 
GLN HB3  H  N N 102 
GLN HG2  H  N N 103 
GLN HG3  H  N N 104 
GLN HE21 H  N N 105 
GLN HE22 H  N N 106 
GLN HXT  H  N N 107 
GLU N    N  N N 108 
GLU CA   C  N S 109 
GLU C    C  N N 110 
GLU O    O  N N 111 
GLU CB   C  N N 112 
GLU CG   C  N N 113 
GLU CD   C  N N 114 
GLU OE1  O  N N 115 
GLU OE2  O  N N 116 
GLU OXT  O  N N 117 
GLU H    H  N N 118 
GLU H2   H  N N 119 
GLU HA   H  N N 120 
GLU HB2  H  N N 121 
GLU HB3  H  N N 122 
GLU HG2  H  N N 123 
GLU HG3  H  N N 124 
GLU HE2  H  N N 125 
GLU HXT  H  N N 126 
GLY N    N  N N 127 
GLY CA   C  N N 128 
GLY C    C  N N 129 
GLY O    O  N N 130 
GLY OXT  O  N N 131 
GLY H    H  N N 132 
GLY H2   H  N N 133 
GLY HA2  H  N N 134 
GLY HA3  H  N N 135 
GLY HXT  H  N N 136 
HIS N    N  N N 137 
HIS CA   C  N S 138 
HIS C    C  N N 139 
HIS O    O  N N 140 
HIS CB   C  N N 141 
HIS CG   C  Y N 142 
HIS ND1  N  Y N 143 
HIS CD2  C  Y N 144 
HIS CE1  C  Y N 145 
HIS NE2  N  Y N 146 
HIS OXT  O  N N 147 
HIS H    H  N N 148 
HIS H2   H  N N 149 
HIS HA   H  N N 150 
HIS HB2  H  N N 151 
HIS HB3  H  N N 152 
HIS HD1  H  N N 153 
HIS HD2  H  N N 154 
HIS HE1  H  N N 155 
HIS HE2  H  N N 156 
HIS HXT  H  N N 157 
HOH O    O  N N 158 
HOH H1   H  N N 159 
HOH H2   H  N N 160 
ILE N    N  N N 161 
ILE CA   C  N S 162 
ILE C    C  N N 163 
ILE O    O  N N 164 
ILE CB   C  N S 165 
ILE CG1  C  N N 166 
ILE CG2  C  N N 167 
ILE CD1  C  N N 168 
ILE OXT  O  N N 169 
ILE H    H  N N 170 
ILE H2   H  N N 171 
ILE HA   H  N N 172 
ILE HB   H  N N 173 
ILE HG12 H  N N 174 
ILE HG13 H  N N 175 
ILE HG21 H  N N 176 
ILE HG22 H  N N 177 
ILE HG23 H  N N 178 
ILE HD11 H  N N 179 
ILE HD12 H  N N 180 
ILE HD13 H  N N 181 
ILE HXT  H  N N 182 
LEU N    N  N N 183 
LEU CA   C  N S 184 
LEU C    C  N N 185 
LEU O    O  N N 186 
LEU CB   C  N N 187 
LEU CG   C  N N 188 
LEU CD1  C  N N 189 
LEU CD2  C  N N 190 
LEU OXT  O  N N 191 
LEU H    H  N N 192 
LEU H2   H  N N 193 
LEU HA   H  N N 194 
LEU HB2  H  N N 195 
LEU HB3  H  N N 196 
LEU HG   H  N N 197 
LEU HD11 H  N N 198 
LEU HD12 H  N N 199 
LEU HD13 H  N N 200 
LEU HD21 H  N N 201 
LEU HD22 H  N N 202 
LEU HD23 H  N N 203 
LEU HXT  H  N N 204 
LYS N    N  N N 205 
LYS CA   C  N S 206 
LYS C    C  N N 207 
LYS O    O  N N 208 
LYS CB   C  N N 209 
LYS CG   C  N N 210 
LYS CD   C  N N 211 
LYS CE   C  N N 212 
LYS NZ   N  N N 213 
LYS OXT  O  N N 214 
LYS H    H  N N 215 
LYS H2   H  N N 216 
LYS HA   H  N N 217 
LYS HB2  H  N N 218 
LYS HB3  H  N N 219 
LYS HG2  H  N N 220 
LYS HG3  H  N N 221 
LYS HD2  H  N N 222 
LYS HD3  H  N N 223 
LYS HE2  H  N N 224 
LYS HE3  H  N N 225 
LYS HZ1  H  N N 226 
LYS HZ2  H  N N 227 
LYS HZ3  H  N N 228 
LYS HXT  H  N N 229 
MET N    N  N N 230 
MET CA   C  N S 231 
MET C    C  N N 232 
MET O    O  N N 233 
MET CB   C  N N 234 
MET CG   C  N N 235 
MET SD   S  N N 236 
MET CE   C  N N 237 
MET OXT  O  N N 238 
MET H    H  N N 239 
MET H2   H  N N 240 
MET HA   H  N N 241 
MET HB2  H  N N 242 
MET HB3  H  N N 243 
MET HG2  H  N N 244 
MET HG3  H  N N 245 
MET HE1  H  N N 246 
MET HE2  H  N N 247 
MET HE3  H  N N 248 
MET HXT  H  N N 249 
NQJ C1   C  N N 250 
NQJ C2   C  N N 251 
NQJ C3   C  N R 252 
NQJ C5   C  Y N 253 
NQJ C6   C  Y N 254 
NQJ C7   C  Y N 255 
NQJ C8   C  Y N 256 
NQJ C9   C  Y N 257 
NQJ C10  C  Y N 258 
NQJ C11  C  N N 259 
NQJ C14  C  Y N 260 
NQJ C16  C  Y N 261 
NQJ C17  C  Y N 262 
NQJ C18  C  Y N 263 
NQJ C19  C  Y N 264 
NQJ C20  C  Y N 265 
NQJ C21  C  Y N 266 
NQJ F3   F  N N 267 
NQJ C23  C  N N 268 
NQJ F1   F  N N 269 
NQJ F2   F  N N 270 
NQJ C22  C  Y N 271 
NQJ CL   CL N N 272 
NQJ N2   N  N N 273 
NQJ S2   S  N N 274 
NQJ O4   O  N N 275 
NQJ O5   O  N N 276 
NQJ C15  C  N N 277 
NQJ C13  C  Y N 278 
NQJ S1   S  Y N 279 
NQJ C12  C  Y N 280 
NQJ O3   O  N N 281 
NQJ N1   N  N N 282 
NQJ O2   O  N N 283 
NQJ O1   O  N N 284 
NQJ C4   C  N N 285 
NQJ H1   H  N N 286 
NQJ H2   H  N N 287 
NQJ H3   H  N N 288 
NQJ H4   H  N N 289 
NQJ H5   H  N N 290 
NQJ H6   H  N N 291 
NQJ H7   H  N N 292 
NQJ H8   H  N N 293 
NQJ H9   H  N N 294 
NQJ H10  H  N N 295 
NQJ H11  H  N N 296 
NQJ H12  H  N N 297 
NQJ H13  H  N N 298 
NQJ H14  H  N N 299 
NQJ H15  H  N N 300 
NQJ H16  H  N N 301 
NQJ H17  H  N N 302 
NQJ H18  H  N N 303 
NQJ H19  H  N N 304 
NQJ H20  H  N N 305 
PHE N    N  N N 306 
PHE CA   C  N S 307 
PHE C    C  N N 308 
PHE O    O  N N 309 
PHE CB   C  N N 310 
PHE CG   C  Y N 311 
PHE CD1  C  Y N 312 
PHE CD2  C  Y N 313 
PHE CE1  C  Y N 314 
PHE CE2  C  Y N 315 
PHE CZ   C  Y N 316 
PHE OXT  O  N N 317 
PHE H    H  N N 318 
PHE H2   H  N N 319 
PHE HA   H  N N 320 
PHE HB2  H  N N 321 
PHE HB3  H  N N 322 
PHE HD1  H  N N 323 
PHE HD2  H  N N 324 
PHE HE1  H  N N 325 
PHE HE2  H  N N 326 
PHE HZ   H  N N 327 
PHE HXT  H  N N 328 
PRO N    N  N N 329 
PRO CA   C  N S 330 
PRO C    C  N N 331 
PRO O    O  N N 332 
PRO CB   C  N N 333 
PRO CG   C  N N 334 
PRO CD   C  N N 335 
PRO OXT  O  N N 336 
PRO H    H  N N 337 
PRO HA   H  N N 338 
PRO HB2  H  N N 339 
PRO HB3  H  N N 340 
PRO HG2  H  N N 341 
PRO HG3  H  N N 342 
PRO HD2  H  N N 343 
PRO HD3  H  N N 344 
PRO HXT  H  N N 345 
SER N    N  N N 346 
SER CA   C  N S 347 
SER C    C  N N 348 
SER O    O  N N 349 
SER CB   C  N N 350 
SER OG   O  N N 351 
SER OXT  O  N N 352 
SER H    H  N N 353 
SER H2   H  N N 354 
SER HA   H  N N 355 
SER HB2  H  N N 356 
SER HB3  H  N N 357 
SER HG   H  N N 358 
SER HXT  H  N N 359 
THR N    N  N N 360 
THR CA   C  N S 361 
THR C    C  N N 362 
THR O    O  N N 363 
THR CB   C  N R 364 
THR OG1  O  N N 365 
THR CG2  C  N N 366 
THR OXT  O  N N 367 
THR H    H  N N 368 
THR H2   H  N N 369 
THR HA   H  N N 370 
THR HB   H  N N 371 
THR HG1  H  N N 372 
THR HG21 H  N N 373 
THR HG22 H  N N 374 
THR HG23 H  N N 375 
THR HXT  H  N N 376 
TRP N    N  N N 377 
TRP CA   C  N S 378 
TRP C    C  N N 379 
TRP O    O  N N 380 
TRP CB   C  N N 381 
TRP CG   C  Y N 382 
TRP CD1  C  Y N 383 
TRP CD2  C  Y N 384 
TRP NE1  N  Y N 385 
TRP CE2  C  Y N 386 
TRP CE3  C  Y N 387 
TRP CZ2  C  Y N 388 
TRP CZ3  C  Y N 389 
TRP CH2  C  Y N 390 
TRP OXT  O  N N 391 
TRP H    H  N N 392 
TRP H2   H  N N 393 
TRP HA   H  N N 394 
TRP HB2  H  N N 395 
TRP HB3  H  N N 396 
TRP HD1  H  N N 397 
TRP HE1  H  N N 398 
TRP HE3  H  N N 399 
TRP HZ2  H  N N 400 
TRP HZ3  H  N N 401 
TRP HH2  H  N N 402 
TRP HXT  H  N N 403 
TYR N    N  N N 404 
TYR CA   C  N S 405 
TYR C    C  N N 406 
TYR O    O  N N 407 
TYR CB   C  N N 408 
TYR CG   C  Y N 409 
TYR CD1  C  Y N 410 
TYR CD2  C  Y N 411 
TYR CE1  C  Y N 412 
TYR CE2  C  Y N 413 
TYR CZ   C  Y N 414 
TYR OH   O  N N 415 
TYR OXT  O  N N 416 
TYR H    H  N N 417 
TYR H2   H  N N 418 
TYR HA   H  N N 419 
TYR HB2  H  N N 420 
TYR HB3  H  N N 421 
TYR HD1  H  N N 422 
TYR HD2  H  N N 423 
TYR HE1  H  N N 424 
TYR HE2  H  N N 425 
TYR HH   H  N N 426 
TYR HXT  H  N N 427 
VAL N    N  N N 428 
VAL CA   C  N S 429 
VAL C    C  N N 430 
VAL O    O  N N 431 
VAL CB   C  N N 432 
VAL CG1  C  N N 433 
VAL CG2  C  N N 434 
VAL OXT  O  N N 435 
VAL H    H  N N 436 
VAL H2   H  N N 437 
VAL HA   H  N N 438 
VAL HB   H  N N 439 
VAL HG11 H  N N 440 
VAL HG12 H  N N 441 
VAL HG13 H  N N 442 
VAL HG21 H  N N 443 
VAL HG22 H  N N 444 
VAL HG23 H  N N 445 
VAL HXT  H  N N 446 
# 
loop_
_chem_comp_bond.comp_id 
_chem_comp_bond.atom_id_1 
_chem_comp_bond.atom_id_2 
_chem_comp_bond.value_order 
_chem_comp_bond.pdbx_aromatic_flag 
_chem_comp_bond.pdbx_stereo_config 
_chem_comp_bond.pdbx_ordinal 
ALA N   CA   sing N N 1   
ALA N   H    sing N N 2   
ALA N   H2   sing N N 3   
ALA CA  C    sing N N 4   
ALA CA  CB   sing N N 5   
ALA CA  HA   sing N N 6   
ALA C   O    doub N N 7   
ALA C   OXT  sing N N 8   
ALA CB  HB1  sing N N 9   
ALA CB  HB2  sing N N 10  
ALA CB  HB3  sing N N 11  
ALA OXT HXT  sing N N 12  
ARG N   CA   sing N N 13  
ARG N   H    sing N N 14  
ARG N   H2   sing N N 15  
ARG CA  C    sing N N 16  
ARG CA  CB   sing N N 17  
ARG CA  HA   sing N N 18  
ARG C   O    doub N N 19  
ARG C   OXT  sing N N 20  
ARG CB  CG   sing N N 21  
ARG CB  HB2  sing N N 22  
ARG CB  HB3  sing N N 23  
ARG CG  CD   sing N N 24  
ARG CG  HG2  sing N N 25  
ARG CG  HG3  sing N N 26  
ARG CD  NE   sing N N 27  
ARG CD  HD2  sing N N 28  
ARG CD  HD3  sing N N 29  
ARG NE  CZ   sing N N 30  
ARG NE  HE   sing N N 31  
ARG CZ  NH1  sing N N 32  
ARG CZ  NH2  doub N N 33  
ARG NH1 HH11 sing N N 34  
ARG NH1 HH12 sing N N 35  
ARG NH2 HH21 sing N N 36  
ARG NH2 HH22 sing N N 37  
ARG OXT HXT  sing N N 38  
ASN N   CA   sing N N 39  
ASN N   H    sing N N 40  
ASN N   H2   sing N N 41  
ASN CA  C    sing N N 42  
ASN CA  CB   sing N N 43  
ASN CA  HA   sing N N 44  
ASN C   O    doub N N 45  
ASN C   OXT  sing N N 46  
ASN CB  CG   sing N N 47  
ASN CB  HB2  sing N N 48  
ASN CB  HB3  sing N N 49  
ASN CG  OD1  doub N N 50  
ASN CG  ND2  sing N N 51  
ASN ND2 HD21 sing N N 52  
ASN ND2 HD22 sing N N 53  
ASN OXT HXT  sing N N 54  
ASP N   CA   sing N N 55  
ASP N   H    sing N N 56  
ASP N   H2   sing N N 57  
ASP CA  C    sing N N 58  
ASP CA  CB   sing N N 59  
ASP CA  HA   sing N N 60  
ASP C   O    doub N N 61  
ASP C   OXT  sing N N 62  
ASP CB  CG   sing N N 63  
ASP CB  HB2  sing N N 64  
ASP CB  HB3  sing N N 65  
ASP CG  OD1  doub N N 66  
ASP CG  OD2  sing N N 67  
ASP OD2 HD2  sing N N 68  
ASP OXT HXT  sing N N 69  
CYS N   CA   sing N N 70  
CYS N   H    sing N N 71  
CYS N   H2   sing N N 72  
CYS CA  C    sing N N 73  
CYS CA  CB   sing N N 74  
CYS CA  HA   sing N N 75  
CYS C   O    doub N N 76  
CYS C   OXT  sing N N 77  
CYS CB  SG   sing N N 78  
CYS CB  HB2  sing N N 79  
CYS CB  HB3  sing N N 80  
CYS SG  HG   sing N N 81  
CYS OXT HXT  sing N N 82  
GLN N   CA   sing N N 83  
GLN N   H    sing N N 84  
GLN N   H2   sing N N 85  
GLN CA  C    sing N N 86  
GLN CA  CB   sing N N 87  
GLN CA  HA   sing N N 88  
GLN C   O    doub N N 89  
GLN C   OXT  sing N N 90  
GLN CB  CG   sing N N 91  
GLN CB  HB2  sing N N 92  
GLN CB  HB3  sing N N 93  
GLN CG  CD   sing N N 94  
GLN CG  HG2  sing N N 95  
GLN CG  HG3  sing N N 96  
GLN CD  OE1  doub N N 97  
GLN CD  NE2  sing N N 98  
GLN NE2 HE21 sing N N 99  
GLN NE2 HE22 sing N N 100 
GLN OXT HXT  sing N N 101 
GLU N   CA   sing N N 102 
GLU N   H    sing N N 103 
GLU N   H2   sing N N 104 
GLU CA  C    sing N N 105 
GLU CA  CB   sing N N 106 
GLU CA  HA   sing N N 107 
GLU C   O    doub N N 108 
GLU C   OXT  sing N N 109 
GLU CB  CG   sing N N 110 
GLU CB  HB2  sing N N 111 
GLU CB  HB3  sing N N 112 
GLU CG  CD   sing N N 113 
GLU CG  HG2  sing N N 114 
GLU CG  HG3  sing N N 115 
GLU CD  OE1  doub N N 116 
GLU CD  OE2  sing N N 117 
GLU OE2 HE2  sing N N 118 
GLU OXT HXT  sing N N 119 
GLY N   CA   sing N N 120 
GLY N   H    sing N N 121 
GLY N   H2   sing N N 122 
GLY CA  C    sing N N 123 
GLY CA  HA2  sing N N 124 
GLY CA  HA3  sing N N 125 
GLY C   O    doub N N 126 
GLY C   OXT  sing N N 127 
GLY OXT HXT  sing N N 128 
HIS N   CA   sing N N 129 
HIS N   H    sing N N 130 
HIS N   H2   sing N N 131 
HIS CA  C    sing N N 132 
HIS CA  CB   sing N N 133 
HIS CA  HA   sing N N 134 
HIS C   O    doub N N 135 
HIS C   OXT  sing N N 136 
HIS CB  CG   sing N N 137 
HIS CB  HB2  sing N N 138 
HIS CB  HB3  sing N N 139 
HIS CG  ND1  sing Y N 140 
HIS CG  CD2  doub Y N 141 
HIS ND1 CE1  doub Y N 142 
HIS ND1 HD1  sing N N 143 
HIS CD2 NE2  sing Y N 144 
HIS CD2 HD2  sing N N 145 
HIS CE1 NE2  sing Y N 146 
HIS CE1 HE1  sing N N 147 
HIS NE2 HE2  sing N N 148 
HIS OXT HXT  sing N N 149 
HOH O   H1   sing N N 150 
HOH O   H2   sing N N 151 
ILE N   CA   sing N N 152 
ILE N   H    sing N N 153 
ILE N   H2   sing N N 154 
ILE CA  C    sing N N 155 
ILE CA  CB   sing N N 156 
ILE CA  HA   sing N N 157 
ILE C   O    doub N N 158 
ILE C   OXT  sing N N 159 
ILE CB  CG1  sing N N 160 
ILE CB  CG2  sing N N 161 
ILE CB  HB   sing N N 162 
ILE CG1 CD1  sing N N 163 
ILE CG1 HG12 sing N N 164 
ILE CG1 HG13 sing N N 165 
ILE CG2 HG21 sing N N 166 
ILE CG2 HG22 sing N N 167 
ILE CG2 HG23 sing N N 168 
ILE CD1 HD11 sing N N 169 
ILE CD1 HD12 sing N N 170 
ILE CD1 HD13 sing N N 171 
ILE OXT HXT  sing N N 172 
LEU N   CA   sing N N 173 
LEU N   H    sing N N 174 
LEU N   H2   sing N N 175 
LEU CA  C    sing N N 176 
LEU CA  CB   sing N N 177 
LEU CA  HA   sing N N 178 
LEU C   O    doub N N 179 
LEU C   OXT  sing N N 180 
LEU CB  CG   sing N N 181 
LEU CB  HB2  sing N N 182 
LEU CB  HB3  sing N N 183 
LEU CG  CD1  sing N N 184 
LEU CG  CD2  sing N N 185 
LEU CG  HG   sing N N 186 
LEU CD1 HD11 sing N N 187 
LEU CD1 HD12 sing N N 188 
LEU CD1 HD13 sing N N 189 
LEU CD2 HD21 sing N N 190 
LEU CD2 HD22 sing N N 191 
LEU CD2 HD23 sing N N 192 
LEU OXT HXT  sing N N 193 
LYS N   CA   sing N N 194 
LYS N   H    sing N N 195 
LYS N   H2   sing N N 196 
LYS CA  C    sing N N 197 
LYS CA  CB   sing N N 198 
LYS CA  HA   sing N N 199 
LYS C   O    doub N N 200 
LYS C   OXT  sing N N 201 
LYS CB  CG   sing N N 202 
LYS CB  HB2  sing N N 203 
LYS CB  HB3  sing N N 204 
LYS CG  CD   sing N N 205 
LYS CG  HG2  sing N N 206 
LYS CG  HG3  sing N N 207 
LYS CD  CE   sing N N 208 
LYS CD  HD2  sing N N 209 
LYS CD  HD3  sing N N 210 
LYS CE  NZ   sing N N 211 
LYS CE  HE2  sing N N 212 
LYS CE  HE3  sing N N 213 
LYS NZ  HZ1  sing N N 214 
LYS NZ  HZ2  sing N N 215 
LYS NZ  HZ3  sing N N 216 
LYS OXT HXT  sing N N 217 
MET N   CA   sing N N 218 
MET N   H    sing N N 219 
MET N   H2   sing N N 220 
MET CA  C    sing N N 221 
MET CA  CB   sing N N 222 
MET CA  HA   sing N N 223 
MET C   O    doub N N 224 
MET C   OXT  sing N N 225 
MET CB  CG   sing N N 226 
MET CB  HB2  sing N N 227 
MET CB  HB3  sing N N 228 
MET CG  SD   sing N N 229 
MET CG  HG2  sing N N 230 
MET CG  HG3  sing N N 231 
MET SD  CE   sing N N 232 
MET CE  HE1  sing N N 233 
MET CE  HE2  sing N N 234 
MET CE  HE3  sing N N 235 
MET OXT HXT  sing N N 236 
NQJ C1  O1   sing N N 237 
NQJ O5  S2   doub N N 238 
NQJ O2  C2   doub N N 239 
NQJ O4  S2   doub N N 240 
NQJ S2  C16  sing N N 241 
NQJ S2  N2   sing N N 242 
NQJ O1  C2   sing N N 243 
NQJ S1  C16  sing Y N 244 
NQJ S1  C12  sing Y N 245 
NQJ C2  C3   sing N N 246 
NQJ C16 C14  doub Y N 247 
NQJ O3  C11  doub N N 248 
NQJ C12 C11  sing N N 249 
NQJ C12 C13  doub Y N 250 
NQJ C11 N1   sing N N 251 
NQJ C14 C13  sing Y N 252 
NQJ C14 C15  sing N N 253 
NQJ N1  C3   sing N N 254 
NQJ N2  C17  sing N N 255 
NQJ C3  C4   sing N N 256 
NQJ F1  C23  sing N N 257 
NQJ C10 C9   doub Y N 258 
NQJ C10 C5   sing Y N 259 
NQJ C4  C5   sing N N 260 
NQJ C18 C17  doub Y N 261 
NQJ C18 C19  sing Y N 262 
NQJ C9  C8   sing Y N 263 
NQJ C17 C22  sing Y N 264 
NQJ C5  C6   doub Y N 265 
NQJ C23 C19  sing N N 266 
NQJ C23 F3   sing N N 267 
NQJ C23 F2   sing N N 268 
NQJ C8  C7   doub Y N 269 
NQJ C19 C20  doub Y N 270 
NQJ C6  C7   sing Y N 271 
NQJ C22 CL   sing N N 272 
NQJ C22 C21  doub Y N 273 
NQJ C20 C21  sing Y N 274 
NQJ C1  H1   sing N N 275 
NQJ C1  H2   sing N N 276 
NQJ C1  H3   sing N N 277 
NQJ C3  H4   sing N N 278 
NQJ C6  H5   sing N N 279 
NQJ C7  H6   sing N N 280 
NQJ C8  H7   sing N N 281 
NQJ C9  H8   sing N N 282 
NQJ C10 H9   sing N N 283 
NQJ C18 H10  sing N N 284 
NQJ C20 H11  sing N N 285 
NQJ C21 H12  sing N N 286 
NQJ N2  H13  sing N N 287 
NQJ C15 H14  sing N N 288 
NQJ C15 H15  sing N N 289 
NQJ C15 H16  sing N N 290 
NQJ C13 H17  sing N N 291 
NQJ N1  H18  sing N N 292 
NQJ C4  H19  sing N N 293 
NQJ C4  H20  sing N N 294 
PHE N   CA   sing N N 295 
PHE N   H    sing N N 296 
PHE N   H2   sing N N 297 
PHE CA  C    sing N N 298 
PHE CA  CB   sing N N 299 
PHE CA  HA   sing N N 300 
PHE C   O    doub N N 301 
PHE C   OXT  sing N N 302 
PHE CB  CG   sing N N 303 
PHE CB  HB2  sing N N 304 
PHE CB  HB3  sing N N 305 
PHE CG  CD1  doub Y N 306 
PHE CG  CD2  sing Y N 307 
PHE CD1 CE1  sing Y N 308 
PHE CD1 HD1  sing N N 309 
PHE CD2 CE2  doub Y N 310 
PHE CD2 HD2  sing N N 311 
PHE CE1 CZ   doub Y N 312 
PHE CE1 HE1  sing N N 313 
PHE CE2 CZ   sing Y N 314 
PHE CE2 HE2  sing N N 315 
PHE CZ  HZ   sing N N 316 
PHE OXT HXT  sing N N 317 
PRO N   CA   sing N N 318 
PRO N   CD   sing N N 319 
PRO N   H    sing N N 320 
PRO CA  C    sing N N 321 
PRO CA  CB   sing N N 322 
PRO CA  HA   sing N N 323 
PRO C   O    doub N N 324 
PRO C   OXT  sing N N 325 
PRO CB  CG   sing N N 326 
PRO CB  HB2  sing N N 327 
PRO CB  HB3  sing N N 328 
PRO CG  CD   sing N N 329 
PRO CG  HG2  sing N N 330 
PRO CG  HG3  sing N N 331 
PRO CD  HD2  sing N N 332 
PRO CD  HD3  sing N N 333 
PRO OXT HXT  sing N N 334 
SER N   CA   sing N N 335 
SER N   H    sing N N 336 
SER N   H2   sing N N 337 
SER CA  C    sing N N 338 
SER CA  CB   sing N N 339 
SER CA  HA   sing N N 340 
SER C   O    doub N N 341 
SER C   OXT  sing N N 342 
SER CB  OG   sing N N 343 
SER CB  HB2  sing N N 344 
SER CB  HB3  sing N N 345 
SER OG  HG   sing N N 346 
SER OXT HXT  sing N N 347 
THR N   CA   sing N N 348 
THR N   H    sing N N 349 
THR N   H2   sing N N 350 
THR CA  C    sing N N 351 
THR CA  CB   sing N N 352 
THR CA  HA   sing N N 353 
THR C   O    doub N N 354 
THR C   OXT  sing N N 355 
THR CB  OG1  sing N N 356 
THR CB  CG2  sing N N 357 
THR CB  HB   sing N N 358 
THR OG1 HG1  sing N N 359 
THR CG2 HG21 sing N N 360 
THR CG2 HG22 sing N N 361 
THR CG2 HG23 sing N N 362 
THR OXT HXT  sing N N 363 
TRP N   CA   sing N N 364 
TRP N   H    sing N N 365 
TRP N   H2   sing N N 366 
TRP CA  C    sing N N 367 
TRP CA  CB   sing N N 368 
TRP CA  HA   sing N N 369 
TRP C   O    doub N N 370 
TRP C   OXT  sing N N 371 
TRP CB  CG   sing N N 372 
TRP CB  HB2  sing N N 373 
TRP CB  HB3  sing N N 374 
TRP CG  CD1  doub Y N 375 
TRP CG  CD2  sing Y N 376 
TRP CD1 NE1  sing Y N 377 
TRP CD1 HD1  sing N N 378 
TRP CD2 CE2  doub Y N 379 
TRP CD2 CE3  sing Y N 380 
TRP NE1 CE2  sing Y N 381 
TRP NE1 HE1  sing N N 382 
TRP CE2 CZ2  sing Y N 383 
TRP CE3 CZ3  doub Y N 384 
TRP CE3 HE3  sing N N 385 
TRP CZ2 CH2  doub Y N 386 
TRP CZ2 HZ2  sing N N 387 
TRP CZ3 CH2  sing Y N 388 
TRP CZ3 HZ3  sing N N 389 
TRP CH2 HH2  sing N N 390 
TRP OXT HXT  sing N N 391 
TYR N   CA   sing N N 392 
TYR N   H    sing N N 393 
TYR N   H2   sing N N 394 
TYR CA  C    sing N N 395 
TYR CA  CB   sing N N 396 
TYR CA  HA   sing N N 397 
TYR C   O    doub N N 398 
TYR C   OXT  sing N N 399 
TYR CB  CG   sing N N 400 
TYR CB  HB2  sing N N 401 
TYR CB  HB3  sing N N 402 
TYR CG  CD1  doub Y N 403 
TYR CG  CD2  sing Y N 404 
TYR CD1 CE1  sing Y N 405 
TYR CD1 HD1  sing N N 406 
TYR CD2 CE2  doub Y N 407 
TYR CD2 HD2  sing N N 408 
TYR CE1 CZ   doub Y N 409 
TYR CE1 HE1  sing N N 410 
TYR CE2 CZ   sing Y N 411 
TYR CE2 HE2  sing N N 412 
TYR CZ  OH   sing N N 413 
TYR OH  HH   sing N N 414 
TYR OXT HXT  sing N N 415 
VAL N   CA   sing N N 416 
VAL N   H    sing N N 417 
VAL N   H2   sing N N 418 
VAL CA  C    sing N N 419 
VAL CA  CB   sing N N 420 
VAL CA  HA   sing N N 421 
VAL C   O    doub N N 422 
VAL C   OXT  sing N N 423 
VAL CB  CG1  sing N N 424 
VAL CB  CG2  sing N N 425 
VAL CB  HB   sing N N 426 
VAL CG1 HG11 sing N N 427 
VAL CG1 HG12 sing N N 428 
VAL CG1 HG13 sing N N 429 
VAL CG2 HG21 sing N N 430 
VAL CG2 HG22 sing N N 431 
VAL CG2 HG23 sing N N 432 
VAL OXT HXT  sing N N 433 
# 
_pdbx_entity_instance_feature.ordinal        1 
_pdbx_entity_instance_feature.comp_id        NQJ 
_pdbx_entity_instance_feature.asym_id        ? 
_pdbx_entity_instance_feature.seq_num        ? 
_pdbx_entity_instance_feature.auth_comp_id   NQJ 
_pdbx_entity_instance_feature.auth_asym_id   ? 
_pdbx_entity_instance_feature.auth_seq_num   ? 
_pdbx_entity_instance_feature.feature_type   'SUBJECT OF INVESTIGATION' 
_pdbx_entity_instance_feature.details        ? 
# 
loop_
_pdbx_entity_nonpoly.entity_id 
_pdbx_entity_nonpoly.name 
_pdbx_entity_nonpoly.comp_id 
2 'methyl N-(5-{[2-chloro-5-(trifluoromethyl)phenyl]sulfamoyl}-4-methylthiophene-2-carbonyl)-D-phenylalaninate' NQJ 
3 water                                                                                                         HOH 
# 
_pdbx_initial_refinement_model.id               1 
_pdbx_initial_refinement_model.entity_id_list   ? 
_pdbx_initial_refinement_model.type             'experimental model' 
_pdbx_initial_refinement_model.source_name      PDB 
_pdbx_initial_refinement_model.accession_code   3MK8 
_pdbx_initial_refinement_model.details          ? 
# 
_pdbx_struct_assembly_auth_evidence.id                     1 
_pdbx_struct_assembly_auth_evidence.assembly_id            1 
_pdbx_struct_assembly_auth_evidence.experimental_support   none 
_pdbx_struct_assembly_auth_evidence.details                ? 
# 
